data_5VWT
#
_entry.id   5VWT
#
_cell.length_a   218.292
_cell.length_b   218.292
_cell.length_c   319.216
_cell.angle_alpha   90.000
_cell.angle_beta   90.000
_cell.angle_gamma   120.000
#
_symmetry.space_group_name_H-M   'P 65 2 2'
#
loop_
_entity.id
_entity.type
_entity.pdbx_description
1 polymer 'UDP-galactopyranose mutase'
2 non-polymer 'FLAVIN-ADENINE DINUCLEOTIDE'
3 non-polymer 'SULFATE ION'
4 non-polymer 'NADPH DIHYDRO-NICOTINAMIDE-ADENINE-DINUCLEOTIDE PHOSPHATE'
5 water water
#
_entity_poly.entity_id   1
_entity_poly.type   'polypeptide(L)'
_entity_poly.pdbx_seq_one_letter_code
;AIAMTHPDISVDVLVIGAGPTGLGAAKRLNQIDGPSWMIVDSNETPGGLASTDVTPEGFLYDVGGHVIFSHYKYFDDCLD
EALPKEDDWYTHQRISYVRCQGQWVPYPFQNNISMLPKEEQVKCIDGMIDAALEARVANTKPKTFDEWIVRMMGTGIADL
FMRPYNFKVWAVPTTKMQCAWLGERVAAPNLKAVTTNVILGKTAGNWGPNATFRFPARGGTGGIWIAVANTLPKEKTRFG
EKGKVTKVNANNKTVTLQDGTTIGYKKLVSTMAVDFLAEAMNDQELVGLTKQLFYSSTHVIGVGVRGSRPERIGDKCWLY
FPEDNCPFYRATIFSNYSPYNQPEASAALPTMQLADGSRPQSTEAKEGPYWSIMLEVSESSMKPVNQETILADCIQGLVN
TEMLKPTDEIVSTYHRRFDHGYPTPTLEREGTLTQILPKLQDKDIWSRGRFGSWRYEVGNQDHSFMLGVEAVDNIVNGAV
ELTLNYPDFVNGRQNTERRLVDGAQVFAKSKAQ
;
_entity_poly.pdbx_strand_id   A,B,C,D
#
# COMPACT_ATOMS: atom_id res chain seq x y z
N HIS A 6 -62.77 -15.07 27.07
CA HIS A 6 -61.76 -16.01 26.60
C HIS A 6 -61.99 -16.38 25.12
N PRO A 7 -60.91 -16.53 24.32
CA PRO A 7 -61.07 -16.73 22.87
C PRO A 7 -61.37 -18.16 22.50
N ASP A 8 -61.42 -18.45 21.19
CA ASP A 8 -61.92 -19.75 20.73
C ASP A 8 -60.93 -20.88 21.03
N ILE A 9 -59.68 -20.72 20.61
CA ILE A 9 -58.60 -21.66 20.93
C ILE A 9 -57.48 -20.85 21.56
N SER A 10 -56.74 -21.45 22.49
CA SER A 10 -55.62 -20.78 23.17
C SER A 10 -54.40 -21.70 23.20
N VAL A 11 -53.25 -21.16 22.77
CA VAL A 11 -52.00 -21.91 22.75
C VAL A 11 -50.87 -21.01 23.22
N ASP A 12 -49.73 -21.65 23.54
CA ASP A 12 -48.56 -20.92 24.00
C ASP A 12 -47.85 -20.23 22.84
N VAL A 13 -47.42 -21.00 21.84
CA VAL A 13 -46.78 -20.48 20.63
C VAL A 13 -47.69 -20.79 19.46
N LEU A 14 -48.03 -19.76 18.68
CA LEU A 14 -48.81 -19.90 17.48
C LEU A 14 -47.90 -19.68 16.27
N VAL A 15 -47.90 -20.63 15.35
CA VAL A 15 -47.13 -20.56 14.12
C VAL A 15 -48.08 -20.24 12.98
N ILE A 16 -47.82 -19.13 12.30
CA ILE A 16 -48.57 -18.74 11.10
C ILE A 16 -47.74 -19.10 9.87
N GLY A 17 -48.29 -19.95 9.02
CA GLY A 17 -47.63 -20.29 7.76
C GLY A 17 -46.90 -21.61 7.82
N ALA A 18 -47.07 -22.44 6.81
CA ALA A 18 -46.44 -23.75 6.80
C ALA A 18 -45.57 -23.96 5.57
N GLY A 19 -44.91 -22.90 5.11
CA GLY A 19 -43.72 -23.06 4.33
C GLY A 19 -42.58 -23.56 5.21
N PRO A 20 -41.38 -23.66 4.63
CA PRO A 20 -40.25 -24.21 5.40
C PRO A 20 -39.98 -23.51 6.75
N THR A 21 -40.07 -22.19 6.82
CA THR A 21 -39.88 -21.51 8.09
C THR A 21 -40.86 -22.03 9.13
N GLY A 22 -42.15 -21.96 8.83
CA GLY A 22 -43.14 -22.38 9.82
C GLY A 22 -43.02 -23.84 10.19
N LEU A 23 -42.68 -24.69 9.21
CA LEU A 23 -42.56 -26.11 9.51
C LEU A 23 -41.37 -26.37 10.41
N GLY A 24 -40.29 -25.61 10.25
CA GLY A 24 -39.20 -25.62 11.21
C GLY A 24 -39.71 -25.32 12.59
N ALA A 25 -40.40 -24.18 12.73
CA ALA A 25 -40.98 -23.82 14.01
C ALA A 25 -41.85 -24.94 14.56
N ALA A 26 -42.67 -25.55 13.71
CA ALA A 26 -43.54 -26.63 14.18
C ALA A 26 -42.72 -27.87 14.56
N LYS A 27 -41.74 -28.24 13.72
CA LYS A 27 -40.96 -29.45 14.00
C LYS A 27 -40.23 -29.35 15.34
N ARG A 28 -39.69 -28.17 15.67
CA ARG A 28 -38.99 -28.00 16.93
C ARG A 28 -39.96 -27.92 18.11
N LEU A 29 -41.09 -27.24 17.94
CA LEU A 29 -42.12 -27.25 18.97
C LEU A 29 -42.59 -28.66 19.24
N ASN A 30 -42.74 -29.47 18.18
CA ASN A 30 -43.21 -30.84 18.30
C ASN A 30 -42.15 -31.75 18.90
N GLN A 31 -40.88 -31.45 18.64
CA GLN A 31 -39.79 -32.20 19.26
C GLN A 31 -39.73 -31.91 20.75
N ILE A 32 -39.53 -30.64 21.12
CA ILE A 32 -39.50 -30.22 22.51
C ILE A 32 -40.70 -30.78 23.26
N ASP A 33 -41.88 -30.70 22.66
CA ASP A 33 -43.10 -31.19 23.29
C ASP A 33 -43.23 -30.60 24.69
N GLY A 34 -43.10 -29.28 24.76
CA GLY A 34 -43.29 -28.60 26.01
C GLY A 34 -44.53 -27.74 25.96
N PRO A 35 -44.36 -26.49 25.52
CA PRO A 35 -45.50 -25.59 25.41
C PRO A 35 -46.46 -26.04 24.33
N SER A 36 -47.74 -25.79 24.57
CA SER A 36 -48.78 -26.05 23.58
C SER A 36 -48.53 -25.19 22.33
N TRP A 37 -49.01 -25.67 21.19
CA TRP A 37 -48.73 -24.95 19.96
C TRP A 37 -49.72 -25.35 18.89
N MET A 38 -49.79 -24.50 17.86
CA MET A 38 -50.63 -24.78 16.70
C MET A 38 -50.05 -24.06 15.50
N ILE A 39 -50.15 -24.67 14.33
CA ILE A 39 -49.68 -24.05 13.10
C ILE A 39 -50.87 -23.89 12.16
N VAL A 40 -50.97 -22.72 11.52
CA VAL A 40 -52.06 -22.39 10.60
C VAL A 40 -51.47 -21.95 9.27
N ASP A 41 -52.20 -22.21 8.20
CA ASP A 41 -51.79 -21.75 6.86
C ASP A 41 -53.03 -21.68 6.00
N SER A 42 -53.07 -20.65 5.15
CA SER A 42 -54.22 -20.41 4.29
C SER A 42 -54.32 -21.40 3.16
N ASN A 43 -53.27 -22.16 2.88
CA ASN A 43 -53.26 -23.15 1.81
C ASN A 43 -53.49 -24.55 2.37
N GLU A 44 -54.39 -25.30 1.75
CA GLU A 44 -54.62 -26.68 2.17
C GLU A 44 -53.37 -27.54 2.05
N THR A 45 -52.42 -27.15 1.21
CA THR A 45 -51.20 -27.91 0.98
C THR A 45 -50.01 -27.20 1.61
N PRO A 46 -49.35 -27.78 2.61
CA PRO A 46 -48.22 -27.09 3.24
C PRO A 46 -47.04 -26.97 2.29
N GLY A 47 -46.24 -25.94 2.50
CA GLY A 47 -44.99 -25.84 1.76
C GLY A 47 -44.67 -24.47 1.20
N GLY A 48 -45.65 -23.58 1.21
CA GLY A 48 -45.47 -22.23 0.73
C GLY A 48 -44.84 -22.17 -0.65
N LEU A 49 -44.01 -21.16 -0.84
CA LEU A 49 -43.32 -21.05 -2.12
C LEU A 49 -42.34 -22.16 -2.36
N ALA A 50 -42.24 -23.18 -1.51
CA ALA A 50 -41.37 -24.31 -1.80
C ALA A 50 -42.15 -25.50 -2.34
N SER A 51 -43.35 -25.23 -2.85
CA SER A 51 -44.28 -26.25 -3.32
C SER A 51 -44.03 -26.59 -4.79
N THR A 52 -44.77 -27.59 -5.27
CA THR A 52 -44.65 -28.03 -6.65
C THR A 52 -46.03 -28.02 -7.29
N ASP A 53 -46.15 -27.33 -8.42
CA ASP A 53 -47.39 -27.34 -9.18
C ASP A 53 -47.33 -28.40 -10.27
N VAL A 54 -48.48 -28.75 -10.82
CA VAL A 54 -48.51 -29.70 -11.93
C VAL A 54 -49.47 -29.18 -13.00
N THR A 55 -49.03 -29.21 -14.26
CA THR A 55 -49.87 -28.79 -15.37
C THR A 55 -50.97 -29.82 -15.64
N PRO A 56 -52.04 -29.45 -16.36
CA PRO A 56 -53.04 -30.45 -16.76
C PRO A 56 -52.47 -31.62 -17.54
N GLU A 57 -51.28 -31.47 -18.11
CA GLU A 57 -50.66 -32.50 -18.93
C GLU A 57 -49.70 -33.40 -18.15
N GLY A 58 -49.50 -33.15 -16.85
CA GLY A 58 -48.70 -34.02 -16.01
C GLY A 58 -47.27 -33.62 -15.80
N PHE A 59 -46.90 -32.39 -16.13
CA PHE A 59 -45.55 -31.89 -15.90
C PHE A 59 -45.48 -31.15 -14.56
N LEU A 60 -44.51 -31.51 -13.73
CA LEU A 60 -44.29 -30.86 -12.44
C LEU A 60 -43.36 -29.67 -12.60
N TYR A 61 -43.59 -28.66 -11.75
CA TYR A 61 -42.72 -27.49 -11.71
C TYR A 61 -42.60 -27.03 -10.27
N ASP A 62 -41.35 -26.99 -9.76
CA ASP A 62 -41.11 -26.32 -8.48
C ASP A 62 -41.40 -24.85 -8.65
N VAL A 63 -41.91 -24.23 -7.60
CA VAL A 63 -42.03 -22.78 -7.59
C VAL A 63 -40.71 -22.14 -7.21
N GLY A 64 -40.15 -22.60 -6.10
CA GLY A 64 -39.06 -21.93 -5.43
C GLY A 64 -37.86 -22.83 -5.22
N GLY A 65 -37.30 -23.31 -6.34
CA GLY A 65 -35.99 -23.91 -6.45
C GLY A 65 -35.82 -25.17 -5.64
N HIS A 66 -34.56 -25.58 -5.49
CA HIS A 66 -34.19 -26.76 -4.72
C HIS A 66 -32.91 -26.46 -3.95
N VAL A 67 -32.73 -27.21 -2.86
CA VAL A 67 -31.56 -27.09 -1.99
C VAL A 67 -30.41 -27.87 -2.59
N ILE A 68 -29.29 -27.19 -2.82
CA ILE A 68 -28.12 -27.83 -3.42
C ILE A 68 -27.06 -28.10 -2.38
N PHE A 69 -27.15 -27.46 -1.19
CA PHE A 69 -26.25 -27.68 -0.07
C PHE A 69 -26.99 -27.36 1.23
N SER A 70 -26.84 -28.25 2.22
CA SER A 70 -27.48 -28.11 3.54
C SER A 70 -26.45 -27.68 4.58
N HIS A 71 -26.79 -26.67 5.38
CA HIS A 71 -25.85 -26.18 6.39
C HIS A 71 -26.07 -26.75 7.78
N TYR A 72 -27.09 -27.56 7.98
CA TYR A 72 -27.48 -27.97 9.33
C TYR A 72 -27.79 -29.45 9.37
N LYS A 73 -27.17 -30.18 10.30
CA LYS A 73 -27.58 -31.56 10.51
C LYS A 73 -29.04 -31.65 10.97
N TYR A 74 -29.58 -30.57 11.54
CA TYR A 74 -30.98 -30.60 11.94
C TYR A 74 -31.89 -30.63 10.73
N PHE A 75 -31.57 -29.84 9.71
CA PHE A 75 -32.31 -29.89 8.46
C PHE A 75 -32.29 -31.30 7.89
N ASP A 76 -31.10 -31.87 7.77
CA ASP A 76 -30.96 -33.21 7.24
C ASP A 76 -31.79 -34.23 8.04
N ASP A 77 -31.77 -34.13 9.36
CA ASP A 77 -32.54 -35.07 10.20
C ASP A 77 -34.02 -35.00 9.89
N CYS A 78 -34.54 -33.82 9.55
CA CYS A 78 -35.96 -33.71 9.27
C CYS A 78 -36.31 -34.26 7.89
N LEU A 79 -35.44 -34.01 6.91
CA LEU A 79 -35.59 -34.64 5.61
C LEU A 79 -35.52 -36.17 5.73
N ASP A 80 -34.48 -36.70 6.40
CA ASP A 80 -34.36 -38.16 6.53
C ASP A 80 -35.59 -38.78 7.18
N GLU A 81 -36.23 -38.07 8.11
CA GLU A 81 -37.44 -38.60 8.71
C GLU A 81 -38.60 -38.59 7.72
N ALA A 82 -38.74 -37.49 6.97
CA ALA A 82 -39.87 -37.32 6.08
C ALA A 82 -39.79 -38.28 4.88
N LEU A 83 -38.60 -38.45 4.31
CA LEU A 83 -38.37 -39.34 3.18
C LEU A 83 -37.22 -40.27 3.54
N PRO A 84 -37.52 -41.41 4.17
CA PRO A 84 -36.47 -42.25 4.75
C PRO A 84 -35.88 -43.34 3.88
N LYS A 85 -36.50 -43.68 2.74
CA LYS A 85 -36.01 -44.75 1.87
C LYS A 85 -35.02 -44.20 0.83
N GLU A 86 -34.07 -45.05 0.44
CA GLU A 86 -33.12 -44.61 -0.58
C GLU A 86 -33.83 -44.35 -1.91
N ASP A 87 -34.93 -45.03 -2.17
CA ASP A 87 -35.65 -44.83 -3.41
C ASP A 87 -36.55 -43.60 -3.38
N ASP A 88 -36.43 -42.76 -2.34
CA ASP A 88 -37.13 -41.48 -2.22
C ASP A 88 -36.33 -40.32 -2.76
N TRP A 89 -35.05 -40.50 -3.07
CA TRP A 89 -34.17 -39.41 -3.46
C TRP A 89 -33.34 -39.79 -4.67
N TYR A 90 -32.92 -38.78 -5.41
CA TYR A 90 -31.90 -38.90 -6.44
C TYR A 90 -30.72 -38.01 -6.09
N THR A 91 -29.54 -38.43 -6.52
CA THR A 91 -28.30 -37.74 -6.23
C THR A 91 -27.72 -37.18 -7.51
N HIS A 92 -27.41 -35.88 -7.50
CA HIS A 92 -26.92 -35.20 -8.67
C HIS A 92 -25.69 -34.40 -8.31
N GLN A 93 -24.82 -34.19 -9.29
CA GLN A 93 -23.66 -33.34 -9.03
C GLN A 93 -24.09 -31.89 -9.01
N ARG A 94 -23.56 -31.17 -8.03
CA ARG A 94 -23.79 -29.76 -7.83
C ARG A 94 -22.93 -29.00 -8.81
N ILE A 95 -23.51 -28.60 -9.92
CA ILE A 95 -22.80 -27.81 -10.90
C ILE A 95 -23.78 -26.76 -11.41
N SER A 96 -23.28 -25.79 -12.16
CA SER A 96 -24.14 -24.82 -12.86
C SER A 96 -23.34 -24.22 -14.01
N TYR A 97 -24.03 -23.62 -14.98
CA TYR A 97 -23.34 -23.00 -16.10
C TYR A 97 -23.91 -21.60 -16.38
N VAL A 98 -23.06 -20.76 -16.98
CA VAL A 98 -23.44 -19.43 -17.46
C VAL A 98 -23.46 -19.45 -18.97
N ARG A 99 -24.58 -19.02 -19.55
CA ARG A 99 -24.71 -18.89 -20.99
C ARG A 99 -24.12 -17.56 -21.40
N CYS A 100 -22.97 -17.60 -22.07
CA CYS A 100 -22.25 -16.40 -22.46
C CYS A 100 -21.66 -16.64 -23.84
N GLN A 101 -22.14 -15.87 -24.83
CA GLN A 101 -21.62 -15.88 -26.20
C GLN A 101 -21.50 -17.29 -26.77
N GLY A 102 -22.65 -17.95 -26.90
CA GLY A 102 -22.71 -19.27 -27.52
C GLY A 102 -22.07 -20.39 -26.74
N GLN A 103 -21.50 -20.12 -25.57
CA GLN A 103 -20.78 -21.09 -24.78
C GLN A 103 -21.53 -21.35 -23.48
N TRP A 104 -21.40 -22.58 -22.96
CA TRP A 104 -21.86 -22.92 -21.62
C TRP A 104 -20.64 -22.90 -20.74
N VAL A 105 -20.46 -21.80 -20.01
CA VAL A 105 -19.27 -21.58 -19.21
C VAL A 105 -19.51 -22.15 -17.82
N PRO A 106 -18.75 -23.15 -17.40
CA PRO A 106 -18.98 -23.78 -16.08
C PRO A 106 -18.81 -22.78 -14.95
N TYR A 107 -19.42 -23.09 -13.83
CA TYR A 107 -19.31 -22.29 -12.61
C TYR A 107 -18.07 -22.70 -11.84
N PRO A 108 -17.35 -21.73 -11.27
CA PRO A 108 -17.59 -20.27 -11.31
C PRO A 108 -17.08 -19.60 -12.59
N PHE A 109 -17.83 -18.61 -13.07
CA PHE A 109 -17.57 -18.01 -14.39
C PHE A 109 -16.10 -17.65 -14.60
N GLN A 110 -15.47 -16.99 -13.61
CA GLN A 110 -14.14 -16.43 -13.87
C GLN A 110 -13.08 -17.52 -14.08
N ASN A 111 -13.24 -18.66 -13.45
CA ASN A 111 -12.25 -19.71 -13.64
C ASN A 111 -12.35 -20.42 -14.97
N ASN A 112 -13.24 -19.96 -15.87
CA ASN A 112 -13.45 -20.70 -17.11
C ASN A 112 -13.52 -19.77 -18.32
N ILE A 113 -13.00 -18.54 -18.21
CA ILE A 113 -13.09 -17.60 -19.32
C ILE A 113 -12.19 -18.02 -20.47
N SER A 114 -11.42 -19.09 -20.28
CA SER A 114 -10.68 -19.65 -21.41
C SER A 114 -11.59 -20.06 -22.57
N MET A 115 -12.91 -20.18 -22.33
CA MET A 115 -13.85 -20.51 -23.40
C MET A 115 -14.26 -19.30 -24.25
N LEU A 116 -13.94 -18.10 -23.82
CA LEU A 116 -14.30 -16.91 -24.56
C LEU A 116 -13.24 -16.61 -25.61
N PRO A 117 -13.53 -15.77 -26.59
CA PRO A 117 -12.48 -15.36 -27.53
C PRO A 117 -11.26 -14.80 -26.81
N LYS A 118 -10.08 -15.06 -27.39
CA LYS A 118 -8.83 -14.61 -26.80
C LYS A 118 -8.81 -13.12 -26.49
N GLU A 119 -9.20 -12.28 -27.46
CA GLU A 119 -9.19 -10.84 -27.23
C GLU A 119 -10.09 -10.48 -26.04
N GLU A 120 -11.13 -11.25 -25.81
CA GLU A 120 -12.00 -10.93 -24.69
C GLU A 120 -11.41 -11.39 -23.37
N GLN A 121 -10.69 -12.50 -23.40
CA GLN A 121 -9.91 -12.91 -22.23
C GLN A 121 -8.97 -11.81 -21.81
N VAL A 122 -8.33 -11.15 -22.78
CA VAL A 122 -7.39 -10.08 -22.45
C VAL A 122 -8.09 -8.97 -21.67
N LYS A 123 -9.27 -8.54 -22.14
CA LYS A 123 -9.98 -7.48 -21.44
C LYS A 123 -10.34 -7.93 -20.03
N CYS A 124 -10.70 -9.21 -19.88
CA CYS A 124 -11.02 -9.71 -18.55
C CYS A 124 -9.81 -9.69 -17.64
N ILE A 125 -8.70 -10.30 -18.08
CA ILE A 125 -7.53 -10.41 -17.21
C ILE A 125 -6.97 -9.02 -16.88
N ASP A 126 -6.96 -8.12 -17.87
CA ASP A 126 -6.51 -6.75 -17.63
C ASP A 126 -7.33 -6.07 -16.54
N GLY A 127 -8.65 -6.24 -16.59
CA GLY A 127 -9.46 -5.69 -15.52
C GLY A 127 -9.17 -6.33 -14.18
N MET A 128 -8.88 -7.62 -14.16
CA MET A 128 -8.65 -8.28 -12.88
C MET A 128 -7.28 -7.91 -12.31
N ILE A 129 -6.32 -7.59 -13.18
CA ILE A 129 -5.05 -7.06 -12.72
C ILE A 129 -5.26 -5.74 -12.02
N ASP A 130 -6.07 -4.86 -12.61
CA ASP A 130 -6.40 -3.59 -11.98
C ASP A 130 -7.05 -3.80 -10.61
N ALA A 131 -7.94 -4.78 -10.51
CA ALA A 131 -8.58 -5.06 -9.24
C ALA A 131 -7.58 -5.61 -8.24
N ALA A 132 -6.68 -6.47 -8.69
CA ALA A 132 -5.72 -7.09 -7.78
C ALA A 132 -4.79 -6.06 -7.19
N LEU A 133 -4.38 -5.08 -8.02
CA LEU A 133 -3.47 -4.05 -7.51
C LEU A 133 -4.21 -3.10 -6.58
N GLU A 134 -5.45 -2.76 -6.90
CA GLU A 134 -6.23 -1.92 -6.00
C GLU A 134 -6.46 -2.63 -4.67
N ALA A 135 -6.81 -3.92 -4.72
CA ALA A 135 -7.07 -4.69 -3.51
C ALA A 135 -5.84 -4.77 -2.59
N ARG A 136 -4.64 -4.64 -3.14
CA ARG A 136 -3.40 -4.72 -2.37
C ARG A 136 -3.26 -3.52 -1.41
N VAL A 137 -3.92 -2.41 -1.71
CA VAL A 137 -3.85 -1.23 -0.88
C VAL A 137 -5.20 -0.83 -0.34
N ALA A 138 -6.22 -1.66 -0.53
CA ALA A 138 -7.54 -1.33 -0.01
C ALA A 138 -7.53 -1.31 1.52
N ASN A 139 -8.28 -0.35 2.09
CA ASN A 139 -8.45 -0.35 3.53
C ASN A 139 -9.88 -0.03 3.93
N THR A 140 -10.82 -0.12 3.00
CA THR A 140 -12.24 0.09 3.27
C THR A 140 -13.03 -1.12 2.79
N LYS A 141 -14.17 -1.35 3.42
CA LYS A 141 -15.10 -2.34 2.89
C LYS A 141 -15.85 -1.72 1.70
N PRO A 142 -16.26 -2.52 0.73
CA PRO A 142 -17.13 -1.99 -0.31
C PRO A 142 -18.51 -1.66 0.26
N LYS A 143 -19.12 -0.62 -0.29
CA LYS A 143 -20.41 -0.19 0.24
C LYS A 143 -21.60 -0.65 -0.60
N THR A 144 -21.45 -0.80 -1.92
CA THR A 144 -22.53 -1.30 -2.76
C THR A 144 -22.17 -2.64 -3.42
N PHE A 145 -23.22 -3.38 -3.77
CA PHE A 145 -23.06 -4.63 -4.51
C PHE A 145 -22.16 -4.43 -5.72
N ASP A 146 -22.38 -3.35 -6.48
CA ASP A 146 -21.56 -3.10 -7.65
C ASP A 146 -20.10 -2.95 -7.27
N GLU A 147 -19.82 -2.19 -6.23
CA GLU A 147 -18.44 -2.06 -5.75
C GLU A 147 -17.86 -3.41 -5.42
N TRP A 148 -18.63 -4.24 -4.73
CA TRP A 148 -18.16 -5.57 -4.39
C TRP A 148 -17.79 -6.36 -5.64
N ILE A 149 -18.68 -6.33 -6.64
CA ILE A 149 -18.44 -7.09 -7.88
C ILE A 149 -17.15 -6.61 -8.55
N VAL A 150 -17.02 -5.31 -8.75
CA VAL A 150 -15.84 -4.84 -9.47
C VAL A 150 -14.58 -5.13 -8.68
N ARG A 151 -14.61 -5.00 -7.35
CA ARG A 151 -13.40 -5.26 -6.58
C ARG A 151 -13.03 -6.73 -6.61
N MET A 152 -14.02 -7.61 -6.82
CA MET A 152 -13.80 -9.05 -6.86
C MET A 152 -13.35 -9.51 -8.23
N MET A 153 -13.93 -8.96 -9.30
CA MET A 153 -13.77 -9.49 -10.64
C MET A 153 -13.06 -8.55 -11.58
N GLY A 154 -13.00 -7.26 -11.26
CA GLY A 154 -12.56 -6.28 -12.22
C GLY A 154 -13.63 -6.01 -13.25
N THR A 155 -13.42 -4.94 -14.02
CA THR A 155 -14.48 -4.42 -14.88
C THR A 155 -14.88 -5.43 -15.97
N GLY A 156 -13.89 -5.95 -16.70
CA GLY A 156 -14.15 -6.90 -17.77
C GLY A 156 -15.10 -8.02 -17.38
N ILE A 157 -14.76 -8.75 -16.33
CA ILE A 157 -15.60 -9.86 -15.91
C ILE A 157 -16.90 -9.35 -15.29
N ALA A 158 -16.87 -8.18 -14.65
CA ALA A 158 -18.11 -7.64 -14.11
C ALA A 158 -19.14 -7.44 -15.20
N ASP A 159 -18.73 -6.83 -16.32
CA ASP A 159 -19.65 -6.46 -17.39
C ASP A 159 -20.17 -7.67 -18.17
N LEU A 160 -19.38 -8.75 -18.24
CA LEU A 160 -19.81 -9.93 -18.99
C LEU A 160 -20.86 -10.75 -18.26
N PHE A 161 -20.81 -10.79 -16.93
CA PHE A 161 -21.71 -11.71 -16.25
C PHE A 161 -22.40 -11.05 -15.07
N MET A 162 -21.63 -10.73 -14.04
CA MET A 162 -22.23 -10.45 -12.74
C MET A 162 -23.03 -9.14 -12.72
N ARG A 163 -22.61 -8.12 -13.49
CA ARG A 163 -23.44 -6.90 -13.59
C ARG A 163 -24.76 -7.15 -14.32
N PRO A 164 -24.77 -7.50 -15.62
CA PRO A 164 -26.07 -7.70 -16.29
C PRO A 164 -26.89 -8.82 -15.69
N TYR A 165 -26.25 -9.87 -15.17
CA TYR A 165 -27.05 -10.96 -14.63
C TYR A 165 -27.83 -10.51 -13.41
N ASN A 166 -27.20 -9.71 -12.54
CA ASN A 166 -27.91 -9.35 -11.32
C ASN A 166 -28.99 -8.33 -11.55
N PHE A 167 -28.85 -7.47 -12.57
CA PHE A 167 -29.98 -6.64 -12.95
C PHE A 167 -31.15 -7.49 -13.43
N LYS A 168 -30.88 -8.56 -14.19
CA LYS A 168 -32.00 -9.40 -14.58
C LYS A 168 -32.60 -10.13 -13.39
N VAL A 169 -31.81 -10.46 -12.37
CA VAL A 169 -32.33 -11.16 -11.18
C VAL A 169 -33.14 -10.21 -10.29
N TRP A 170 -32.49 -9.14 -9.83
CA TRP A 170 -33.02 -8.33 -8.75
C TRP A 170 -33.95 -7.24 -9.22
N ALA A 171 -33.91 -6.95 -10.52
CA ALA A 171 -34.75 -5.92 -11.13
C ALA A 171 -34.49 -4.55 -10.49
N VAL A 172 -33.30 -4.36 -9.94
CA VAL A 172 -32.73 -3.04 -9.61
C VAL A 172 -31.25 -3.10 -9.94
N PRO A 173 -30.61 -1.93 -10.16
CA PRO A 173 -29.18 -1.94 -10.49
C PRO A 173 -28.32 -2.38 -9.32
N THR A 174 -27.12 -2.88 -9.65
CA THR A 174 -26.18 -3.28 -8.60
C THR A 174 -25.73 -2.11 -7.74
N THR A 175 -25.80 -0.88 -8.26
CA THR A 175 -25.37 0.29 -7.49
C THR A 175 -26.33 0.64 -6.36
N LYS A 176 -27.53 0.04 -6.36
CA LYS A 176 -28.57 0.36 -5.40
C LYS A 176 -28.79 -0.76 -4.39
N MET A 177 -27.89 -1.74 -4.33
CA MET A 177 -27.99 -2.85 -3.40
C MET A 177 -26.78 -2.86 -2.47
N GLN A 178 -26.98 -3.37 -1.25
CA GLN A 178 -25.87 -3.54 -0.32
C GLN A 178 -25.07 -4.80 -0.68
N CYS A 179 -24.05 -5.13 0.12
CA CYS A 179 -23.25 -6.32 -0.16
C CYS A 179 -22.82 -7.10 1.07
N ALA A 180 -23.20 -6.68 2.29
CA ALA A 180 -22.97 -7.49 3.48
C ALA A 180 -23.56 -8.89 3.33
N TRP A 181 -24.62 -9.00 2.52
CA TRP A 181 -25.34 -10.26 2.37
C TRP A 181 -24.53 -11.30 1.62
N LEU A 182 -23.47 -10.89 0.93
CA LEU A 182 -22.64 -11.86 0.23
C LEU A 182 -21.66 -12.58 1.14
N GLY A 183 -21.45 -12.09 2.34
CA GLY A 183 -20.54 -12.71 3.28
C GLY A 183 -19.36 -11.82 3.59
N GLU A 184 -18.51 -12.31 4.49
CA GLU A 184 -17.34 -11.57 4.98
C GLU A 184 -16.06 -11.88 4.21
N ARG A 185 -16.11 -12.73 3.19
CA ARG A 185 -14.96 -12.96 2.32
C ARG A 185 -14.52 -11.62 1.71
N VAL A 186 -13.23 -11.29 1.88
CA VAL A 186 -12.72 -9.99 1.42
C VAL A 186 -12.85 -9.91 -0.10
N ALA A 187 -13.26 -8.73 -0.58
CA ALA A 187 -13.61 -8.53 -1.98
C ALA A 187 -12.37 -8.26 -2.83
N ALA A 188 -11.61 -9.31 -3.10
CA ALA A 188 -10.38 -9.29 -3.89
C ALA A 188 -10.40 -10.44 -4.87
N PRO A 189 -9.68 -10.35 -5.98
CA PRO A 189 -9.66 -11.45 -6.95
C PRO A 189 -8.53 -12.44 -6.69
N ASN A 190 -8.79 -13.68 -7.11
CA ASN A 190 -7.72 -14.67 -7.15
C ASN A 190 -7.12 -14.64 -8.56
N LEU A 191 -6.23 -13.67 -8.75
CA LEU A 191 -5.61 -13.46 -10.04
C LEU A 191 -4.83 -14.70 -10.49
N LYS A 192 -4.09 -15.33 -9.56
CA LYS A 192 -3.29 -16.49 -9.98
C LYS A 192 -4.17 -17.62 -10.52
N ALA A 193 -5.28 -17.92 -9.83
CA ALA A 193 -6.16 -18.97 -10.32
C ALA A 193 -6.74 -18.64 -11.68
N VAL A 194 -7.33 -17.44 -11.83
CA VAL A 194 -7.94 -17.10 -13.11
C VAL A 194 -6.91 -17.14 -14.23
N THR A 195 -5.74 -16.55 -14.02
CA THR A 195 -4.73 -16.53 -15.06
C THR A 195 -4.23 -17.93 -15.39
N THR A 196 -4.06 -18.77 -14.36
CA THR A 196 -3.53 -20.11 -14.59
C THR A 196 -4.46 -20.92 -15.49
N ASN A 197 -5.77 -20.85 -15.23
CA ASN A 197 -6.73 -21.55 -16.08
C ASN A 197 -6.77 -20.99 -17.49
N VAL A 198 -6.57 -19.67 -17.66
CA VAL A 198 -6.47 -19.14 -19.01
C VAL A 198 -5.24 -19.70 -19.69
N ILE A 199 -4.11 -19.70 -18.98
CA ILE A 199 -2.86 -20.20 -19.55
C ILE A 199 -2.99 -21.68 -19.91
N LEU A 200 -3.59 -22.49 -19.04
CA LEU A 200 -3.62 -23.93 -19.27
C LEU A 200 -4.72 -24.36 -20.25
N GLY A 201 -5.71 -23.52 -20.51
CA GLY A 201 -6.87 -23.94 -21.29
C GLY A 201 -7.81 -24.88 -20.56
N LYS A 202 -7.84 -24.80 -19.23
CA LYS A 202 -8.60 -25.70 -18.37
C LYS A 202 -9.87 -25.05 -17.78
N ALA A 211 -19.20 -33.85 -4.76
CA ALA A 211 -19.91 -32.62 -4.36
C ALA A 211 -21.31 -32.60 -4.96
N THR A 212 -22.27 -33.13 -4.22
CA THR A 212 -23.58 -33.49 -4.73
C THR A 212 -24.70 -32.79 -3.97
N PHE A 213 -25.91 -33.06 -4.42
CA PHE A 213 -27.13 -32.68 -3.73
C PHE A 213 -28.16 -33.77 -4.01
N ARG A 214 -29.21 -33.78 -3.18
CA ARG A 214 -30.28 -34.76 -3.36
C ARG A 214 -31.59 -34.06 -3.67
N PHE A 215 -32.39 -34.70 -4.50
CA PHE A 215 -33.65 -34.20 -5.01
C PHE A 215 -34.70 -35.27 -4.81
N PRO A 216 -35.93 -34.89 -4.48
CA PRO A 216 -36.96 -35.92 -4.24
C PRO A 216 -37.25 -36.69 -5.52
N ALA A 217 -37.36 -38.02 -5.38
CA ALA A 217 -37.67 -38.88 -6.52
C ALA A 217 -39.07 -38.63 -7.05
N ARG A 218 -40.02 -38.38 -6.15
CA ARG A 218 -41.41 -38.10 -6.51
C ARG A 218 -41.87 -36.85 -5.77
N GLY A 219 -42.83 -36.16 -6.36
CA GLY A 219 -43.46 -35.01 -5.76
C GLY A 219 -42.81 -33.69 -6.04
N GLY A 220 -41.67 -33.65 -6.73
CA GLY A 220 -40.91 -32.40 -6.76
C GLY A 220 -40.43 -31.93 -5.39
N THR A 221 -39.85 -30.74 -5.33
CA THR A 221 -39.36 -30.25 -4.06
C THR A 221 -40.50 -30.12 -3.03
N GLY A 222 -41.66 -29.63 -3.46
CA GLY A 222 -42.78 -29.47 -2.54
C GLY A 222 -43.27 -30.75 -1.90
N GLY A 223 -42.84 -31.90 -2.43
CA GLY A 223 -43.15 -33.15 -1.78
C GLY A 223 -42.39 -33.35 -0.48
N ILE A 224 -41.18 -32.78 -0.38
CA ILE A 224 -40.46 -32.79 0.90
C ILE A 224 -41.36 -32.22 1.98
N TRP A 225 -41.89 -31.03 1.75
CA TRP A 225 -42.59 -30.33 2.82
C TRP A 225 -43.94 -30.96 3.13
N ILE A 226 -44.60 -31.58 2.14
CA ILE A 226 -45.78 -32.38 2.46
C ILE A 226 -45.40 -33.53 3.38
N ALA A 227 -44.25 -34.17 3.11
CA ALA A 227 -43.83 -35.31 3.92
C ALA A 227 -43.44 -34.86 5.31
N VAL A 228 -42.65 -33.78 5.39
CA VAL A 228 -42.26 -33.19 6.66
C VAL A 228 -43.50 -32.83 7.47
N ALA A 229 -44.49 -32.18 6.82
CA ALA A 229 -45.70 -31.79 7.53
C ALA A 229 -46.50 -33.00 8.01
N ASN A 230 -46.37 -34.15 7.36
CA ASN A 230 -47.08 -35.35 7.80
C ASN A 230 -46.62 -35.84 9.17
N THR A 231 -45.41 -35.48 9.60
CA THR A 231 -44.89 -35.92 10.89
C THR A 231 -45.49 -35.16 12.05
N LEU A 232 -46.09 -33.99 11.80
CA LEU A 232 -46.70 -33.25 12.89
C LEU A 232 -48.02 -33.91 13.27
N PRO A 233 -48.46 -33.76 14.52
CA PRO A 233 -49.80 -34.21 14.89
C PRO A 233 -50.88 -33.43 14.14
N LYS A 234 -51.76 -34.16 13.44
CA LYS A 234 -52.73 -33.52 12.55
C LYS A 234 -53.63 -32.54 13.31
N GLU A 235 -54.01 -32.89 14.55
CA GLU A 235 -54.92 -32.05 15.32
C GLU A 235 -54.30 -30.69 15.72
N LYS A 236 -52.97 -30.58 15.67
CA LYS A 236 -52.27 -29.33 15.94
C LYS A 236 -52.00 -28.51 14.68
N THR A 237 -52.58 -28.90 13.54
CA THR A 237 -52.46 -28.16 12.28
C THR A 237 -53.82 -27.62 11.86
N ARG A 238 -53.79 -26.62 10.97
CA ARG A 238 -55.02 -26.00 10.47
C ARG A 238 -54.69 -25.36 9.11
N PHE A 239 -54.86 -26.15 8.04
CA PHE A 239 -54.47 -25.76 6.69
C PHE A 239 -55.68 -25.55 5.80
N GLY A 240 -55.63 -24.50 4.98
CA GLY A 240 -56.68 -24.20 4.03
C GLY A 240 -57.44 -22.93 4.38
N GLU A 241 -58.61 -22.78 3.76
CA GLU A 241 -59.46 -21.63 4.06
C GLU A 241 -59.79 -21.56 5.53
N LYS A 242 -59.84 -22.72 6.21
CA LYS A 242 -60.16 -22.69 7.62
C LYS A 242 -59.07 -22.02 8.45
N GLY A 243 -57.86 -21.90 7.91
CA GLY A 243 -56.73 -21.36 8.65
C GLY A 243 -56.09 -20.12 8.07
N LYS A 244 -56.80 -19.38 7.22
CA LYS A 244 -56.30 -18.10 6.72
C LYS A 244 -56.43 -17.05 7.80
N VAL A 245 -55.36 -16.35 8.07
CA VAL A 245 -55.37 -15.30 9.06
C VAL A 245 -55.80 -14.00 8.37
N THR A 246 -56.68 -13.24 9.04
CA THR A 246 -57.23 -11.99 8.54
C THR A 246 -56.96 -10.81 9.44
N LYS A 247 -56.97 -11.01 10.77
CA LYS A 247 -56.68 -9.96 11.73
C LYS A 247 -55.72 -10.50 12.78
N VAL A 248 -54.76 -9.67 13.18
CA VAL A 248 -53.82 -9.99 14.25
C VAL A 248 -53.89 -8.84 15.26
N ASN A 249 -54.44 -9.10 16.44
CA ASN A 249 -54.52 -8.08 17.48
C ASN A 249 -53.38 -8.33 18.45
N ALA A 250 -52.23 -7.69 18.17
CA ALA A 250 -51.03 -7.93 18.98
C ALA A 250 -51.21 -7.48 20.42
N ASN A 251 -52.17 -6.58 20.69
CA ASN A 251 -52.31 -6.06 22.04
C ASN A 251 -53.07 -6.99 22.97
N ASN A 252 -54.02 -7.75 22.45
CA ASN A 252 -54.69 -8.79 23.24
C ASN A 252 -54.14 -10.18 22.92
N LYS A 253 -53.02 -10.24 22.20
CA LYS A 253 -52.35 -11.49 21.82
C LYS A 253 -53.35 -12.51 21.28
N THR A 254 -54.12 -12.07 20.30
CA THR A 254 -55.16 -12.90 19.75
C THR A 254 -55.25 -12.69 18.24
N VAL A 255 -55.46 -13.78 17.52
CA VAL A 255 -55.54 -13.78 16.07
C VAL A 255 -56.93 -14.22 15.63
N THR A 256 -57.46 -13.60 14.58
CA THR A 256 -58.76 -13.96 14.02
C THR A 256 -58.59 -14.49 12.60
N LEU A 257 -59.34 -15.54 12.26
CA LEU A 257 -59.24 -16.26 11.00
C LEU A 257 -60.35 -15.88 10.02
N GLN A 258 -60.29 -16.47 8.82
CA GLN A 258 -61.30 -16.21 7.80
C GLN A 258 -62.68 -16.57 8.32
N ASP A 259 -62.83 -17.78 8.87
CA ASP A 259 -64.13 -18.22 9.36
C ASP A 259 -64.50 -17.60 10.70
N GLY A 260 -63.75 -16.62 11.21
CA GLY A 260 -64.08 -15.95 12.45
C GLY A 260 -63.54 -16.61 13.71
N THR A 261 -62.81 -17.71 13.59
CA THR A 261 -62.20 -18.35 14.75
C THR A 261 -61.10 -17.48 15.35
N THR A 262 -61.14 -17.30 16.67
CA THR A 262 -60.12 -16.52 17.38
C THR A 262 -59.13 -17.45 18.07
N ILE A 263 -57.83 -17.17 17.88
CA ILE A 263 -56.76 -17.90 18.54
C ILE A 263 -56.00 -16.93 19.43
N GLY A 264 -55.96 -17.22 20.74
CA GLY A 264 -55.12 -16.47 21.66
C GLY A 264 -53.79 -17.17 21.83
N TYR A 265 -52.73 -16.36 21.95
CA TYR A 265 -51.37 -16.90 22.01
C TYR A 265 -50.60 -16.24 23.14
N LYS A 266 -49.54 -16.91 23.59
CA LYS A 266 -48.58 -16.26 24.48
C LYS A 266 -47.36 -15.75 23.74
N LYS A 267 -46.90 -16.46 22.69
CA LYS A 267 -45.86 -15.97 21.81
C LYS A 267 -46.23 -16.39 20.39
N LEU A 268 -45.88 -15.55 19.40
CA LEU A 268 -46.30 -15.74 18.01
C LEU A 268 -45.12 -15.78 17.05
N VAL A 269 -45.06 -16.82 16.21
CA VAL A 269 -44.07 -16.90 15.14
C VAL A 269 -44.82 -16.68 13.83
N SER A 270 -44.61 -15.52 13.21
CA SER A 270 -45.27 -15.14 11.98
C SER A 270 -44.33 -15.36 10.81
N THR A 271 -44.74 -16.24 9.89
CA THR A 271 -44.01 -16.59 8.69
C THR A 271 -44.52 -15.88 7.44
N MET A 272 -45.66 -15.18 7.53
CA MET A 272 -46.20 -14.44 6.39
C MET A 272 -45.36 -13.21 6.10
N ALA A 273 -45.49 -12.70 4.88
CA ALA A 273 -44.73 -11.54 4.48
C ALA A 273 -44.94 -10.42 5.49
N VAL A 274 -43.84 -9.76 5.91
CA VAL A 274 -43.93 -8.89 7.06
C VAL A 274 -44.81 -7.68 6.76
N ASP A 275 -44.92 -7.28 5.48
CA ASP A 275 -45.83 -6.20 5.13
C ASP A 275 -47.30 -6.64 5.27
N PHE A 276 -47.60 -7.90 4.94
CA PHE A 276 -48.94 -8.41 5.18
C PHE A 276 -49.25 -8.51 6.67
N LEU A 277 -48.25 -8.84 7.48
CA LEU A 277 -48.45 -8.85 8.92
C LEU A 277 -48.83 -7.47 9.41
N ALA A 278 -48.13 -6.44 8.93
CA ALA A 278 -48.43 -5.07 9.35
C ALA A 278 -49.84 -4.66 8.94
N GLU A 279 -50.27 -5.07 7.73
CA GLU A 279 -51.62 -4.75 7.27
C GLU A 279 -52.65 -5.43 8.13
N ALA A 280 -52.41 -6.69 8.47
CA ALA A 280 -53.33 -7.45 9.30
C ALA A 280 -53.34 -6.99 10.75
N MET A 281 -52.35 -6.21 11.18
CA MET A 281 -52.34 -5.64 12.53
C MET A 281 -53.01 -4.28 12.62
N ASN A 282 -53.44 -3.71 11.49
CA ASN A 282 -53.94 -2.33 11.44
C ASN A 282 -53.04 -1.40 12.26
N ASP A 283 -51.74 -1.53 12.01
CA ASP A 283 -50.69 -0.79 12.70
C ASP A 283 -50.05 0.10 11.66
N GLN A 284 -50.46 1.37 11.64
CA GLN A 284 -50.02 2.24 10.55
C GLN A 284 -48.53 2.56 10.63
N GLU A 285 -47.95 2.56 11.85
CA GLU A 285 -46.51 2.77 11.97
C GLU A 285 -45.75 1.68 11.25
N LEU A 286 -46.14 0.42 11.48
CA LEU A 286 -45.51 -0.72 10.83
C LEU A 286 -45.81 -0.77 9.33
N VAL A 287 -47.05 -0.48 8.94
CA VAL A 287 -47.35 -0.44 7.50
C VAL A 287 -46.44 0.55 6.79
N GLY A 288 -46.29 1.75 7.36
CA GLY A 288 -45.40 2.73 6.77
C GLY A 288 -43.97 2.23 6.65
N LEU A 289 -43.51 1.49 7.66
CA LEU A 289 -42.16 0.97 7.65
C LEU A 289 -41.99 -0.12 6.60
N THR A 290 -42.93 -1.08 6.56
CA THR A 290 -42.80 -2.18 5.63
C THR A 290 -42.85 -1.70 4.18
N LYS A 291 -43.66 -0.68 3.89
CA LYS A 291 -43.70 -0.16 2.52
C LYS A 291 -42.35 0.44 2.08
N GLN A 292 -41.42 0.66 3.01
CA GLN A 292 -40.07 1.06 2.61
C GLN A 292 -39.22 -0.12 2.13
N LEU A 293 -39.60 -1.35 2.46
CA LEU A 293 -38.91 -2.52 1.96
C LEU A 293 -39.21 -2.71 0.47
N PHE A 294 -38.21 -3.18 -0.27
CA PHE A 294 -38.34 -3.42 -1.71
C PHE A 294 -38.34 -4.93 -2.02
N TYR A 295 -39.09 -5.31 -3.05
CA TYR A 295 -39.10 -6.69 -3.46
C TYR A 295 -39.41 -6.78 -4.94
N SER A 296 -39.08 -7.91 -5.52
CA SER A 296 -39.37 -8.15 -6.91
C SER A 296 -40.36 -9.30 -6.98
N SER A 297 -41.17 -9.28 -8.02
CA SER A 297 -42.06 -10.37 -8.31
C SER A 297 -41.38 -11.33 -9.29
N THR A 298 -41.86 -12.58 -9.29
CA THR A 298 -41.23 -13.63 -10.06
C THR A 298 -42.25 -14.35 -10.93
N HIS A 299 -41.95 -14.45 -12.23
CA HIS A 299 -42.69 -15.29 -13.16
C HIS A 299 -42.00 -16.64 -13.30
N VAL A 300 -42.69 -17.70 -12.91
CA VAL A 300 -42.20 -19.06 -13.09
C VAL A 300 -42.83 -19.62 -14.35
N ILE A 301 -42.01 -20.04 -15.31
CA ILE A 301 -42.53 -20.56 -16.54
C ILE A 301 -41.96 -21.95 -16.80
N GLY A 302 -42.85 -22.89 -17.09
CA GLY A 302 -42.45 -24.25 -17.42
C GLY A 302 -42.83 -24.59 -18.85
N VAL A 303 -41.96 -25.33 -19.52
CA VAL A 303 -42.21 -25.75 -20.90
C VAL A 303 -41.94 -27.24 -20.99
N GLY A 304 -42.94 -28.02 -21.37
CA GLY A 304 -42.79 -29.45 -21.56
C GLY A 304 -42.60 -29.74 -23.04
N VAL A 305 -41.56 -30.53 -23.34
CA VAL A 305 -41.16 -30.80 -24.72
C VAL A 305 -41.22 -32.29 -25.03
N ARG A 306 -41.54 -32.61 -26.28
CA ARG A 306 -41.49 -33.98 -26.78
C ARG A 306 -40.09 -34.29 -27.28
N GLY A 307 -39.59 -35.49 -26.99
CA GLY A 307 -38.27 -35.90 -27.40
C GLY A 307 -37.39 -36.29 -26.22
N SER A 308 -36.15 -36.64 -26.53
CA SER A 308 -35.11 -36.68 -25.52
C SER A 308 -34.36 -35.34 -25.46
N ARG A 309 -33.77 -35.07 -24.30
CA ARG A 309 -33.15 -33.77 -24.02
C ARG A 309 -31.95 -33.48 -24.92
N PRO A 310 -31.54 -32.21 -25.01
CA PRO A 310 -30.37 -31.87 -25.85
C PRO A 310 -29.08 -32.50 -25.33
N GLU A 311 -28.18 -32.82 -26.26
CA GLU A 311 -26.93 -33.48 -25.88
C GLU A 311 -26.04 -32.58 -25.03
N ARG A 312 -25.94 -31.28 -25.36
CA ARG A 312 -24.96 -30.42 -24.68
C ARG A 312 -25.46 -29.84 -23.36
N ILE A 313 -26.75 -29.97 -23.04
CA ILE A 313 -27.30 -29.54 -21.76
C ILE A 313 -27.82 -30.77 -21.03
N GLY A 314 -26.89 -31.56 -20.47
CA GLY A 314 -27.21 -32.85 -19.90
C GLY A 314 -27.24 -32.98 -18.39
N ASP A 315 -26.45 -32.27 -17.60
CA ASP A 315 -26.60 -32.51 -16.16
C ASP A 315 -27.54 -31.52 -15.46
N LYS A 316 -27.77 -31.88 -14.19
CA LYS A 316 -28.90 -31.51 -13.35
C LYS A 316 -28.70 -30.18 -12.64
N CYS A 317 -28.65 -29.11 -13.42
CA CYS A 317 -28.28 -27.86 -12.81
C CYS A 317 -29.16 -26.71 -13.26
N TRP A 318 -28.78 -25.54 -12.75
CA TRP A 318 -29.29 -24.25 -13.12
C TRP A 318 -28.39 -23.72 -14.22
N LEU A 319 -28.94 -22.83 -15.03
CA LEU A 319 -28.20 -22.17 -16.08
C LEU A 319 -28.45 -20.69 -15.91
N TYR A 320 -27.43 -19.86 -16.04
CA TYR A 320 -27.57 -18.44 -15.81
C TYR A 320 -27.43 -17.71 -17.14
N PHE A 321 -28.26 -16.68 -17.34
CA PHE A 321 -28.36 -16.00 -18.63
C PHE A 321 -28.18 -14.50 -18.45
N PRO A 322 -26.93 -14.02 -18.48
CA PRO A 322 -26.72 -12.56 -18.40
C PRO A 322 -27.08 -11.83 -19.68
N GLU A 323 -27.28 -12.52 -20.81
CA GLU A 323 -27.37 -11.80 -22.07
C GLU A 323 -28.79 -11.31 -22.37
N ASP A 324 -28.88 -10.42 -23.35
CA ASP A 324 -30.13 -9.72 -23.65
C ASP A 324 -31.11 -10.56 -24.47
N ASN A 325 -30.73 -11.73 -24.96
CA ASN A 325 -31.51 -12.45 -25.95
C ASN A 325 -32.53 -13.39 -25.33
N CYS A 326 -32.85 -13.21 -24.05
CA CYS A 326 -33.92 -13.98 -23.42
C CYS A 326 -34.34 -13.21 -22.19
N PRO A 327 -35.63 -13.22 -21.82
CA PRO A 327 -36.05 -12.45 -20.64
C PRO A 327 -35.65 -13.09 -19.31
N PHE A 328 -35.42 -14.39 -19.25
CA PHE A 328 -35.21 -15.10 -17.99
C PHE A 328 -33.76 -15.00 -17.50
N TYR A 329 -33.60 -15.07 -16.18
CA TYR A 329 -32.25 -15.00 -15.62
C TYR A 329 -31.67 -16.38 -15.35
N ARG A 330 -32.50 -17.34 -14.98
CA ARG A 330 -32.00 -18.71 -14.87
C ARG A 330 -33.04 -19.69 -15.38
N ALA A 331 -32.54 -20.78 -15.94
CA ALA A 331 -33.34 -21.88 -16.43
C ALA A 331 -32.75 -23.18 -15.94
N THR A 332 -33.60 -24.18 -15.79
CA THR A 332 -33.10 -25.51 -15.44
C THR A 332 -33.81 -26.57 -16.27
N ILE A 333 -33.05 -27.57 -16.66
CA ILE A 333 -33.65 -28.69 -17.35
C ILE A 333 -34.24 -29.60 -16.29
N PHE A 334 -35.42 -29.21 -15.81
CA PHE A 334 -36.08 -29.86 -14.69
C PHE A 334 -36.33 -31.34 -14.91
N SER A 335 -36.43 -31.78 -16.16
CA SER A 335 -36.70 -33.19 -16.38
C SER A 335 -35.50 -34.08 -16.05
N ASN A 336 -34.30 -33.53 -15.92
CA ASN A 336 -33.13 -34.30 -15.50
C ASN A 336 -33.11 -34.62 -14.02
N TYR A 337 -33.83 -33.86 -13.20
CA TYR A 337 -33.76 -34.06 -11.76
C TYR A 337 -34.42 -35.35 -11.32
N SER A 338 -35.46 -35.80 -12.04
CA SER A 338 -36.21 -37.00 -11.69
C SER A 338 -37.04 -37.47 -12.86
N PRO A 339 -37.10 -38.77 -13.13
CA PRO A 339 -38.03 -39.25 -14.16
C PRO A 339 -39.47 -38.96 -13.81
N TYR A 340 -39.80 -38.75 -12.55
CA TYR A 340 -41.18 -38.56 -12.14
C TYR A 340 -41.63 -37.09 -12.16
N ASN A 341 -40.85 -36.20 -12.78
CA ASN A 341 -41.24 -34.80 -12.93
C ASN A 341 -42.02 -34.54 -14.21
N GLN A 342 -42.28 -35.57 -15.02
CA GLN A 342 -42.92 -35.44 -16.33
C GLN A 342 -43.43 -36.81 -16.75
N PRO A 343 -44.35 -36.87 -17.72
CA PRO A 343 -45.04 -38.14 -18.04
C PRO A 343 -44.11 -39.23 -18.59
N GLU A 344 -44.54 -40.48 -18.37
CA GLU A 344 -43.94 -41.63 -19.05
C GLU A 344 -44.01 -41.46 -20.58
N ALA A 345 -43.10 -42.14 -21.27
CA ALA A 345 -43.10 -42.03 -22.73
C ALA A 345 -44.37 -42.58 -23.34
N SER A 346 -45.04 -43.53 -22.66
CA SER A 346 -46.26 -44.10 -23.23
C SER A 346 -47.45 -43.14 -23.17
N ALA A 347 -47.38 -42.05 -22.42
CA ALA A 347 -48.50 -41.13 -22.36
C ALA A 347 -48.60 -40.34 -23.65
N ALA A 348 -49.82 -40.24 -24.18
CA ALA A 348 -50.09 -39.55 -25.43
C ALA A 348 -50.59 -38.15 -25.15
N LEU A 349 -49.97 -37.16 -25.79
CA LEU A 349 -50.30 -35.77 -25.62
C LEU A 349 -50.18 -35.12 -26.98
N PRO A 350 -51.12 -34.26 -27.34
CA PRO A 350 -50.99 -33.51 -28.58
C PRO A 350 -49.99 -32.37 -28.43
N THR A 351 -49.31 -32.08 -29.52
CA THR A 351 -48.46 -30.91 -29.63
C THR A 351 -49.31 -29.65 -29.60
N MET A 352 -49.01 -28.75 -28.67
CA MET A 352 -49.72 -27.50 -28.57
C MET A 352 -49.18 -26.48 -29.56
N GLN A 353 -47.87 -26.48 -29.75
CA GLN A 353 -47.23 -25.49 -30.61
C GLN A 353 -45.81 -25.96 -30.87
N LEU A 354 -45.19 -25.38 -31.89
CA LEU A 354 -43.76 -25.57 -32.02
C LEU A 354 -43.05 -24.42 -31.34
N ALA A 355 -41.75 -24.62 -31.08
CA ALA A 355 -40.99 -23.63 -30.32
C ALA A 355 -40.85 -22.33 -31.09
N ASP A 356 -40.90 -22.37 -32.42
CA ASP A 356 -40.75 -21.12 -33.16
C ASP A 356 -42.03 -20.29 -33.17
N GLY A 357 -43.11 -20.81 -32.60
CA GLY A 357 -44.39 -20.14 -32.53
C GLY A 357 -45.51 -20.70 -33.41
N SER A 358 -45.19 -21.51 -34.43
CA SER A 358 -46.21 -21.92 -35.37
C SER A 358 -47.09 -23.05 -34.81
N ARG A 359 -48.27 -23.21 -35.41
CA ARG A 359 -49.14 -24.32 -35.06
C ARG A 359 -48.59 -25.61 -35.68
N PRO A 360 -48.81 -26.77 -35.04
CA PRO A 360 -48.22 -28.02 -35.52
C PRO A 360 -48.91 -28.58 -36.75
N GLN A 361 -48.26 -29.60 -37.34
CA GLN A 361 -48.81 -30.32 -38.49
C GLN A 361 -50.06 -31.11 -38.10
N SER A 362 -49.93 -32.04 -37.14
CA SER A 362 -51.07 -32.82 -36.66
C SER A 362 -51.42 -32.38 -35.24
N THR A 363 -52.72 -32.26 -34.97
CA THR A 363 -53.24 -32.18 -33.60
C THR A 363 -53.46 -33.56 -32.96
N GLU A 364 -53.00 -34.63 -33.62
CA GLU A 364 -53.12 -35.97 -33.06
C GLU A 364 -52.30 -36.08 -31.77
N ALA A 365 -52.80 -36.87 -30.83
CA ALA A 365 -52.05 -37.15 -29.61
C ALA A 365 -51.05 -38.26 -29.91
N LYS A 366 -49.76 -37.91 -29.82
CA LYS A 366 -48.62 -38.80 -30.04
C LYS A 366 -47.96 -39.20 -28.72
N GLU A 367 -47.10 -40.23 -28.80
CA GLU A 367 -46.40 -40.69 -27.61
C GLU A 367 -45.23 -39.76 -27.29
N GLY A 368 -44.50 -40.10 -26.21
CA GLY A 368 -43.32 -39.36 -25.82
C GLY A 368 -42.09 -39.98 -26.43
N PRO A 369 -40.97 -40.01 -25.69
CA PRO A 369 -40.74 -39.48 -24.32
C PRO A 369 -40.78 -37.95 -24.17
N TYR A 370 -40.67 -37.43 -22.94
CA TYR A 370 -40.76 -35.99 -22.71
C TYR A 370 -39.58 -35.49 -21.88
N TRP A 371 -39.36 -34.18 -21.98
CA TRP A 371 -38.47 -33.45 -21.10
C TRP A 371 -39.10 -32.11 -20.80
N SER A 372 -38.43 -31.35 -19.95
CA SER A 372 -39.06 -30.24 -19.26
C SER A 372 -38.02 -29.17 -18.97
N ILE A 373 -38.38 -27.91 -19.23
CA ILE A 373 -37.54 -26.76 -18.94
C ILE A 373 -38.32 -25.85 -17.99
N MET A 374 -37.63 -25.29 -17.01
CA MET A 374 -38.21 -24.31 -16.09
C MET A 374 -37.39 -23.02 -16.14
N LEU A 375 -38.09 -21.88 -16.21
CA LEU A 375 -37.51 -20.55 -16.38
C LEU A 375 -37.96 -19.64 -15.24
N GLU A 376 -37.21 -18.56 -15.01
CA GLU A 376 -37.61 -17.53 -14.05
C GLU A 376 -37.38 -16.13 -14.63
N VAL A 377 -38.41 -15.30 -14.56
CA VAL A 377 -38.34 -13.91 -14.99
C VAL A 377 -38.70 -13.03 -13.81
N SER A 378 -37.92 -11.99 -13.59
CA SER A 378 -38.16 -11.11 -12.46
C SER A 378 -38.90 -9.86 -12.93
N GLU A 379 -39.66 -9.29 -12.01
CA GLU A 379 -40.44 -8.09 -12.33
C GLU A 379 -40.41 -7.18 -11.10
N SER A 380 -40.26 -5.89 -11.35
CA SER A 380 -40.36 -4.89 -10.30
C SER A 380 -40.80 -3.56 -10.89
N SER A 381 -41.03 -2.59 -10.00
CA SER A 381 -41.45 -1.27 -10.45
C SER A 381 -40.41 -0.63 -11.37
N MET A 382 -39.15 -0.99 -11.19
CA MET A 382 -38.06 -0.48 -12.02
C MET A 382 -37.82 -1.30 -13.26
N LYS A 383 -38.49 -2.43 -13.41
CA LYS A 383 -38.30 -3.31 -14.58
C LYS A 383 -39.63 -3.99 -14.81
N PRO A 384 -40.55 -3.30 -15.48
CA PRO A 384 -41.87 -3.87 -15.67
C PRO A 384 -41.82 -4.97 -16.71
N VAL A 385 -42.90 -5.74 -16.75
CA VAL A 385 -42.94 -6.94 -17.56
C VAL A 385 -44.30 -7.02 -18.21
N ASN A 386 -44.33 -7.22 -19.52
CA ASN A 386 -45.59 -7.40 -20.25
C ASN A 386 -46.10 -8.80 -19.97
N GLN A 387 -47.17 -8.87 -19.16
CA GLN A 387 -47.71 -10.15 -18.74
C GLN A 387 -48.32 -10.94 -19.90
N GLU A 388 -48.82 -10.27 -20.95
CA GLU A 388 -49.54 -10.97 -22.01
C GLU A 388 -48.61 -11.66 -22.99
N THR A 389 -47.34 -11.25 -23.07
CA THR A 389 -46.41 -11.80 -24.04
C THR A 389 -45.25 -12.57 -23.38
N ILE A 390 -45.17 -12.58 -22.04
CA ILE A 390 -43.96 -13.04 -21.37
C ILE A 390 -43.72 -14.52 -21.68
N LEU A 391 -44.77 -15.34 -21.75
CA LEU A 391 -44.58 -16.76 -22.07
C LEU A 391 -44.02 -16.95 -23.47
N ALA A 392 -44.59 -16.26 -24.46
CA ALA A 392 -44.02 -16.39 -25.79
C ALA A 392 -42.61 -15.85 -25.84
N ASP A 393 -42.36 -14.71 -25.18
CA ASP A 393 -41.02 -14.14 -25.17
C ASP A 393 -40.02 -15.09 -24.55
N CYS A 394 -40.44 -15.84 -23.53
CA CYS A 394 -39.57 -16.85 -22.94
C CYS A 394 -39.29 -17.98 -23.90
N ILE A 395 -40.34 -18.49 -24.57
CA ILE A 395 -40.15 -19.58 -25.53
C ILE A 395 -39.21 -19.15 -26.65
N GLN A 396 -39.33 -17.90 -27.11
CA GLN A 396 -38.38 -17.42 -28.11
C GLN A 396 -36.97 -17.38 -27.54
N GLY A 397 -36.83 -16.97 -26.27
CA GLY A 397 -35.53 -16.96 -25.63
C GLY A 397 -34.88 -18.35 -25.54
N LEU A 398 -35.68 -19.38 -25.29
CA LEU A 398 -35.16 -20.73 -25.33
C LEU A 398 -34.67 -21.11 -26.74
N VAL A 399 -35.32 -20.59 -27.79
CA VAL A 399 -34.80 -20.83 -29.13
C VAL A 399 -33.52 -20.04 -29.35
N ASN A 400 -33.49 -18.79 -28.84
CA ASN A 400 -32.31 -17.93 -29.01
C ASN A 400 -31.09 -18.49 -28.31
N THR A 401 -31.26 -19.09 -27.13
CA THR A 401 -30.15 -19.69 -26.42
C THR A 401 -29.86 -21.12 -26.87
N GLU A 402 -30.48 -21.57 -27.98
CA GLU A 402 -30.25 -22.90 -28.54
C GLU A 402 -30.57 -24.00 -27.52
N MET A 403 -31.51 -23.74 -26.61
CA MET A 403 -32.00 -24.81 -25.76
C MET A 403 -33.14 -25.59 -26.40
N LEU A 404 -33.91 -24.94 -27.26
CA LEU A 404 -34.91 -25.58 -28.08
C LEU A 404 -34.55 -25.29 -29.53
N LYS A 405 -34.70 -26.31 -30.37
CA LYS A 405 -34.71 -26.14 -31.81
C LYS A 405 -36.03 -25.47 -32.23
N PRO A 406 -36.02 -24.71 -33.31
CA PRO A 406 -37.27 -24.14 -33.82
C PRO A 406 -38.37 -25.17 -34.09
N THR A 407 -38.01 -26.44 -34.33
CA THR A 407 -38.97 -27.48 -34.66
C THR A 407 -39.43 -28.29 -33.46
N ASP A 408 -38.93 -27.99 -32.27
CA ASP A 408 -39.30 -28.78 -31.10
C ASP A 408 -40.78 -28.61 -30.78
N GLU A 409 -41.38 -29.70 -30.28
CA GLU A 409 -42.82 -29.74 -30.02
C GLU A 409 -43.08 -29.49 -28.54
N ILE A 410 -43.79 -28.41 -28.26
CA ILE A 410 -44.16 -28.05 -26.90
C ILE A 410 -45.52 -28.69 -26.62
N VAL A 411 -45.60 -29.49 -25.55
CA VAL A 411 -46.83 -30.22 -25.22
C VAL A 411 -47.44 -29.73 -23.93
N SER A 412 -46.81 -28.79 -23.26
CA SER A 412 -47.34 -28.29 -21.99
C SER A 412 -46.68 -26.95 -21.73
N THR A 413 -47.45 -26.00 -21.23
CA THR A 413 -46.87 -24.74 -20.78
C THR A 413 -47.41 -24.45 -19.39
N TYR A 414 -46.58 -23.78 -18.60
CA TYR A 414 -46.93 -23.39 -17.24
C TYR A 414 -46.46 -21.95 -17.05
N HIS A 415 -47.29 -21.13 -16.42
CA HIS A 415 -46.89 -19.76 -16.12
C HIS A 415 -47.66 -19.29 -14.90
N ARG A 416 -46.96 -19.06 -13.80
CA ARG A 416 -47.57 -18.48 -12.61
C ARG A 416 -46.70 -17.31 -12.16
N ARG A 417 -47.34 -16.26 -11.65
CA ARG A 417 -46.64 -15.05 -11.19
C ARG A 417 -46.78 -14.93 -9.67
N PHE A 418 -45.65 -14.74 -8.99
CA PHE A 418 -45.65 -14.66 -7.54
C PHE A 418 -45.32 -13.22 -7.14
N ASP A 419 -46.28 -12.55 -6.50
CA ASP A 419 -46.10 -11.14 -6.17
C ASP A 419 -44.86 -10.94 -5.32
N HIS A 420 -44.75 -11.67 -4.23
CA HIS A 420 -43.57 -11.62 -3.38
C HIS A 420 -42.64 -12.75 -3.83
N GLY A 421 -41.68 -12.42 -4.69
CA GLY A 421 -40.73 -13.39 -5.23
C GLY A 421 -39.40 -13.38 -4.48
N TYR A 422 -38.68 -12.25 -4.52
CA TYR A 422 -37.38 -12.07 -3.86
C TYR A 422 -37.42 -10.86 -2.95
N PRO A 423 -36.95 -10.98 -1.71
CA PRO A 423 -36.72 -9.78 -0.89
C PRO A 423 -35.39 -9.13 -1.25
N THR A 424 -35.44 -7.88 -1.66
CA THR A 424 -34.28 -7.23 -2.28
C THR A 424 -33.29 -6.75 -1.22
N PRO A 425 -32.04 -7.20 -1.26
CA PRO A 425 -31.03 -6.60 -0.37
C PRO A 425 -30.60 -5.22 -0.84
N THR A 426 -31.53 -4.25 -0.79
CA THR A 426 -31.23 -2.88 -1.16
C THR A 426 -30.35 -2.21 -0.10
N LEU A 427 -29.77 -1.07 -0.47
CA LEU A 427 -29.01 -0.28 0.50
C LEU A 427 -29.81 0.03 1.76
N GLU A 428 -31.11 0.29 1.62
CA GLU A 428 -31.94 0.76 2.73
C GLU A 428 -32.48 -0.37 3.61
N ARG A 429 -32.24 -1.64 3.24
CA ARG A 429 -32.98 -2.74 3.85
C ARG A 429 -32.70 -2.85 5.36
N GLU A 430 -31.42 -2.88 5.76
CA GLU A 430 -31.12 -3.09 7.18
C GLU A 430 -31.55 -1.91 8.03
N GLY A 431 -31.43 -0.70 7.50
CA GLY A 431 -31.98 0.45 8.21
C GLY A 431 -33.47 0.31 8.49
N THR A 432 -34.23 -0.14 7.48
CA THR A 432 -35.65 -0.33 7.71
C THR A 432 -35.89 -1.52 8.62
N LEU A 433 -35.13 -2.58 8.45
CA LEU A 433 -35.46 -3.82 9.13
C LEU A 433 -35.21 -3.74 10.63
N THR A 434 -34.15 -3.03 11.07
CA THR A 434 -33.89 -2.89 12.52
C THR A 434 -34.82 -1.89 13.19
N GLN A 435 -35.70 -1.24 12.44
CA GLN A 435 -36.86 -0.58 13.02
C GLN A 435 -38.06 -1.53 13.12
N ILE A 436 -38.18 -2.50 12.22
CA ILE A 436 -39.36 -3.36 12.18
C ILE A 436 -39.25 -4.52 13.16
N LEU A 437 -38.17 -5.28 13.09
CA LEU A 437 -38.07 -6.53 13.86
C LEU A 437 -38.01 -6.26 15.37
N PRO A 438 -37.28 -5.24 15.85
CA PRO A 438 -37.39 -4.91 17.28
C PRO A 438 -38.81 -4.52 17.72
N LYS A 439 -39.52 -3.72 16.92
CA LYS A 439 -40.89 -3.32 17.26
C LYS A 439 -41.80 -4.52 17.42
N LEU A 440 -41.72 -5.50 16.49
CA LEU A 440 -42.52 -6.72 16.62
C LEU A 440 -42.02 -7.61 17.76
N GLN A 441 -40.72 -7.55 18.06
CA GLN A 441 -40.19 -8.34 19.16
C GLN A 441 -40.78 -7.89 20.48
N ASP A 442 -40.91 -6.57 20.66
CA ASP A 442 -41.46 -6.04 21.90
C ASP A 442 -42.92 -6.40 22.07
N LYS A 443 -43.62 -6.68 20.98
CA LYS A 443 -44.98 -7.18 21.03
C LYS A 443 -45.04 -8.71 21.07
N ASP A 444 -43.91 -9.37 21.33
CA ASP A 444 -43.80 -10.84 21.45
C ASP A 444 -44.10 -11.54 20.12
N ILE A 445 -43.65 -10.96 19.02
CA ILE A 445 -43.87 -11.53 17.68
C ILE A 445 -42.52 -11.80 17.02
N TRP A 446 -42.25 -13.08 16.73
CA TRP A 446 -41.05 -13.50 15.99
C TRP A 446 -41.43 -13.59 14.52
N SER A 447 -41.17 -12.50 13.79
CA SER A 447 -41.43 -12.47 12.35
C SER A 447 -40.18 -12.97 11.64
N ARG A 448 -40.24 -14.19 11.12
CA ARG A 448 -39.10 -14.86 10.51
C ARG A 448 -39.47 -15.45 9.16
N GLY A 449 -38.50 -15.48 8.25
CA GLY A 449 -38.68 -16.18 7.00
C GLY A 449 -38.19 -15.40 5.81
N ARG A 450 -38.37 -15.95 4.60
CA ARG A 450 -37.94 -15.24 3.40
C ARG A 450 -38.57 -13.86 3.33
N PHE A 451 -39.84 -13.75 3.71
CA PHE A 451 -40.48 -12.45 3.78
C PHE A 451 -40.92 -12.06 5.18
N GLY A 452 -40.90 -13.00 6.13
CA GLY A 452 -41.12 -12.66 7.53
C GLY A 452 -40.02 -11.78 8.10
N SER A 453 -38.79 -11.98 7.66
CA SER A 453 -37.67 -11.16 8.07
C SER A 453 -36.84 -10.63 6.89
N TRP A 454 -37.24 -10.92 5.65
CA TRP A 454 -36.84 -10.13 4.50
C TRP A 454 -35.36 -10.22 4.16
N ARG A 455 -34.65 -11.24 4.62
CA ARG A 455 -33.22 -11.34 4.32
C ARG A 455 -32.99 -12.51 3.36
N TYR A 456 -32.80 -12.17 2.08
CA TYR A 456 -32.58 -13.16 1.03
C TYR A 456 -31.45 -14.12 1.34
N GLU A 457 -30.35 -13.62 1.90
CA GLU A 457 -29.17 -14.43 2.16
C GLU A 457 -29.41 -15.55 3.17
N VAL A 458 -30.51 -15.50 3.91
CA VAL A 458 -30.93 -16.69 4.65
C VAL A 458 -32.33 -17.04 4.20
N GLY A 459 -32.60 -16.87 2.91
CA GLY A 459 -33.95 -17.04 2.42
C GLY A 459 -34.20 -18.29 1.60
N ASN A 460 -33.19 -19.13 1.42
CA ASN A 460 -33.44 -20.40 0.77
C ASN A 460 -33.92 -21.40 1.82
N GLN A 461 -34.11 -22.66 1.39
CA GLN A 461 -34.97 -23.57 2.16
C GLN A 461 -34.33 -24.03 3.47
N ASP A 462 -33.01 -24.29 3.47
CA ASP A 462 -32.41 -24.75 4.72
C ASP A 462 -32.37 -23.62 5.75
N HIS A 463 -31.95 -22.44 5.32
CA HIS A 463 -31.94 -21.26 6.20
C HIS A 463 -33.33 -20.94 6.70
N SER A 464 -34.32 -20.94 5.81
CA SER A 464 -35.66 -20.57 6.24
C SER A 464 -36.19 -21.56 7.26
N PHE A 465 -36.01 -22.84 6.99
CA PHE A 465 -36.42 -23.87 7.92
C PHE A 465 -35.79 -23.65 9.29
N MET A 466 -34.52 -23.27 9.33
CA MET A 466 -33.85 -23.09 10.61
C MET A 466 -34.20 -21.78 11.30
N LEU A 467 -34.52 -20.72 10.53
CA LEU A 467 -35.04 -19.50 11.15
C LEU A 467 -36.19 -19.84 12.08
N GLY A 468 -37.07 -20.74 11.64
CA GLY A 468 -38.20 -21.12 12.47
C GLY A 468 -37.83 -22.03 13.62
N VAL A 469 -36.87 -22.93 13.40
CA VAL A 469 -36.37 -23.77 14.49
C VAL A 469 -35.72 -22.91 15.57
N GLU A 470 -34.80 -22.03 15.16
CA GLU A 470 -34.10 -21.17 16.11
C GLU A 470 -35.05 -20.20 16.80
N ALA A 471 -36.07 -19.71 16.10
CA ALA A 471 -37.04 -18.83 16.74
C ALA A 471 -37.74 -19.53 17.89
N VAL A 472 -38.11 -20.79 17.67
CA VAL A 472 -38.73 -21.57 18.73
C VAL A 472 -37.71 -21.90 19.81
N ASP A 473 -36.50 -22.28 19.40
CA ASP A 473 -35.43 -22.56 20.36
C ASP A 473 -35.13 -21.34 21.22
N ASN A 474 -35.34 -20.14 20.66
CA ASN A 474 -35.19 -18.93 21.45
C ASN A 474 -36.35 -18.76 22.42
N ILE A 475 -37.57 -19.05 21.98
CA ILE A 475 -38.76 -18.86 22.83
C ILE A 475 -38.76 -19.80 24.01
N VAL A 476 -38.35 -21.05 23.81
CA VAL A 476 -38.38 -22.03 24.89
C VAL A 476 -37.05 -22.10 25.64
N ASN A 477 -35.93 -22.32 24.91
CA ASN A 477 -34.67 -22.68 25.53
C ASN A 477 -33.64 -21.56 25.56
N GLY A 478 -34.03 -20.32 25.29
CA GLY A 478 -33.10 -19.19 25.29
C GLY A 478 -31.91 -19.27 24.34
N ALA A 479 -32.03 -19.99 23.22
CA ALA A 479 -30.91 -20.08 22.30
C ALA A 479 -30.79 -18.81 21.47
N VAL A 480 -29.56 -18.58 20.98
CA VAL A 480 -29.30 -17.45 20.09
C VAL A 480 -29.86 -17.74 18.72
N GLU A 481 -30.49 -16.73 18.11
CA GLU A 481 -30.95 -16.87 16.73
C GLU A 481 -29.76 -16.58 15.82
N LEU A 482 -28.97 -17.62 15.58
CA LEU A 482 -27.72 -17.44 14.84
C LEU A 482 -28.00 -17.22 13.35
N THR A 483 -28.93 -17.99 12.79
CA THR A 483 -29.21 -17.83 11.36
C THR A 483 -29.81 -16.46 11.05
N LEU A 484 -30.73 -15.99 11.91
CA LEU A 484 -31.35 -14.69 11.67
C LEU A 484 -30.33 -13.54 11.67
N ASN A 485 -29.38 -13.58 12.60
CA ASN A 485 -28.52 -12.42 12.83
C ASN A 485 -27.10 -12.59 12.34
N TYR A 486 -26.62 -13.80 12.12
CA TYR A 486 -25.21 -13.99 11.81
C TYR A 486 -25.07 -15.02 10.70
N PRO A 487 -25.54 -14.68 9.49
CA PRO A 487 -25.51 -15.67 8.40
C PRO A 487 -24.12 -16.19 8.10
N ASP A 488 -23.11 -15.32 8.01
CA ASP A 488 -21.77 -15.82 7.66
C ASP A 488 -21.26 -16.77 8.73
N PHE A 489 -21.72 -16.61 9.97
CA PHE A 489 -21.32 -17.54 11.04
C PHE A 489 -21.89 -18.94 10.81
N VAL A 490 -23.21 -19.07 10.63
CA VAL A 490 -23.79 -20.39 10.40
C VAL A 490 -23.33 -20.94 9.05
N ASN A 491 -23.19 -20.08 8.05
CA ASN A 491 -22.79 -20.57 6.72
C ASN A 491 -21.34 -21.06 6.70
N GLY A 492 -20.52 -20.62 7.63
CA GLY A 492 -19.12 -20.97 7.63
C GLY A 492 -18.74 -22.14 8.49
N ARG A 493 -19.71 -22.88 9.02
CA ARG A 493 -19.42 -23.98 9.93
C ARG A 493 -20.38 -25.14 9.66
N GLN A 494 -20.05 -26.29 10.25
CA GLN A 494 -20.96 -27.42 10.22
C GLN A 494 -21.79 -27.36 11.50
N ASN A 495 -23.10 -27.20 11.34
CA ASN A 495 -23.99 -26.99 12.49
C ASN A 495 -24.49 -28.37 12.89
N THR A 496 -23.74 -29.02 13.78
CA THR A 496 -24.04 -30.40 14.15
C THR A 496 -24.68 -30.55 15.52
N GLU A 497 -24.81 -29.45 16.28
CA GLU A 497 -25.17 -29.56 17.69
C GLU A 497 -26.65 -29.82 17.89
N ARG A 498 -27.51 -29.12 17.16
CA ARG A 498 -28.95 -29.33 17.23
C ARG A 498 -29.33 -30.52 16.35
N ARG A 499 -30.02 -31.50 16.93
CA ARG A 499 -30.42 -32.70 16.22
C ARG A 499 -31.88 -32.98 16.53
N LEU A 500 -32.51 -33.82 15.69
CA LEU A 500 -33.92 -34.13 15.88
C LEU A 500 -34.19 -34.98 17.10
N VAL A 501 -33.18 -35.70 17.61
CA VAL A 501 -33.24 -36.34 18.92
C VAL A 501 -32.08 -35.76 19.72
N ASP A 502 -32.39 -34.85 20.63
CA ASP A 502 -31.40 -34.22 21.50
C ASP A 502 -31.30 -35.00 22.81
N GLY A 503 -30.47 -34.51 23.73
CA GLY A 503 -30.44 -35.09 25.05
C GLY A 503 -31.78 -34.97 25.77
N ALA A 504 -32.46 -33.84 25.59
CA ALA A 504 -33.71 -33.61 26.30
C ALA A 504 -34.72 -34.72 26.06
N GLN A 505 -34.81 -35.22 24.82
CA GLN A 505 -35.75 -36.30 24.52
C GLN A 505 -35.22 -37.66 24.92
N VAL A 506 -33.89 -37.86 24.87
CA VAL A 506 -33.35 -39.14 25.29
C VAL A 506 -33.60 -39.38 26.78
N PHE A 507 -33.46 -38.34 27.59
CA PHE A 507 -33.55 -38.48 29.04
C PHE A 507 -34.97 -38.60 29.56
N ALA A 508 -35.97 -38.86 28.72
CA ALA A 508 -37.32 -39.08 29.21
C ALA A 508 -37.94 -40.37 28.65
N HIS B 6 23.14 47.47 -46.18
CA HIS B 6 23.52 47.05 -44.83
C HIS B 6 23.04 48.07 -43.80
N PRO B 7 22.60 47.59 -42.60
CA PRO B 7 21.97 48.50 -41.62
C PRO B 7 22.98 49.32 -40.83
N ASP B 8 22.49 50.04 -39.81
CA ASP B 8 23.32 50.99 -39.07
C ASP B 8 24.42 50.28 -38.28
N ILE B 9 24.07 49.24 -37.53
CA ILE B 9 25.03 48.42 -36.81
C ILE B 9 24.85 46.96 -37.20
N SER B 10 25.96 46.20 -37.19
CA SER B 10 25.90 44.76 -37.43
C SER B 10 26.80 44.05 -36.43
N VAL B 11 26.24 43.06 -35.73
CA VAL B 11 26.98 42.22 -34.79
C VAL B 11 26.48 40.77 -34.88
N ASP B 12 27.29 39.87 -34.31
CA ASP B 12 26.95 38.46 -34.34
C ASP B 12 25.82 38.14 -33.36
N VAL B 13 25.98 38.52 -32.10
CA VAL B 13 24.96 38.33 -31.06
C VAL B 13 24.48 39.69 -30.56
N LEU B 14 23.16 39.90 -30.56
CA LEU B 14 22.54 41.08 -29.98
C LEU B 14 21.79 40.68 -28.73
N VAL B 15 22.10 41.35 -27.62
CA VAL B 15 21.42 41.13 -26.33
C VAL B 15 20.48 42.30 -26.09
N ILE B 16 19.19 42.02 -25.91
CA ILE B 16 18.23 43.06 -25.55
C ILE B 16 17.96 42.98 -24.06
N GLY B 17 18.28 44.06 -23.34
CA GLY B 17 17.99 44.14 -21.92
C GLY B 17 19.20 43.90 -21.04
N ALA B 18 19.36 44.71 -20.02
CA ALA B 18 20.51 44.61 -19.13
C ALA B 18 20.07 44.42 -17.68
N GLY B 19 19.02 43.61 -17.47
CA GLY B 19 18.82 42.97 -16.21
C GLY B 19 19.82 41.84 -16.00
N PRO B 20 19.68 41.11 -14.89
CA PRO B 20 20.62 40.03 -14.59
C PRO B 20 20.76 39.03 -15.75
N THR B 21 19.66 38.65 -16.39
CA THR B 21 19.75 37.73 -17.51
C THR B 21 20.66 38.30 -18.59
N GLY B 22 20.34 39.50 -19.08
CA GLY B 22 21.11 40.07 -20.18
C GLY B 22 22.56 40.32 -19.81
N LEU B 23 22.80 40.70 -18.55
CA LEU B 23 24.17 40.92 -18.11
C LEU B 23 24.93 39.61 -18.02
N GLY B 24 24.23 38.52 -17.65
CA GLY B 24 24.79 37.20 -17.80
C GLY B 24 25.25 36.97 -19.22
N ALA B 25 24.34 37.13 -20.18
CA ALA B 25 24.71 36.98 -21.59
C ALA B 25 25.91 37.85 -21.93
N ALA B 26 25.92 39.09 -21.43
CA ALA B 26 27.01 40.00 -21.73
C ALA B 26 28.33 39.53 -21.12
N LYS B 27 28.30 39.11 -19.85
CA LYS B 27 29.54 38.70 -19.21
C LYS B 27 30.19 37.54 -19.94
N ARG B 28 29.39 36.56 -20.39
CA ARG B 28 29.95 35.40 -21.06
C ARG B 28 30.42 35.74 -22.48
N LEU B 29 29.66 36.54 -23.21
CA LEU B 29 30.12 36.98 -24.53
C LEU B 29 31.44 37.73 -24.41
N ASN B 30 31.59 38.53 -23.34
CA ASN B 30 32.80 39.32 -23.12
C ASN B 30 33.98 38.46 -22.68
N GLN B 31 33.71 37.36 -21.98
CA GLN B 31 34.75 36.42 -21.57
C GLN B 31 35.29 35.63 -22.77
N ILE B 32 34.40 34.92 -23.47
CA ILE B 32 34.78 34.20 -24.68
C ILE B 32 35.56 35.10 -25.62
N ASP B 33 35.08 36.34 -25.78
CA ASP B 33 35.70 37.33 -26.66
C ASP B 33 35.91 36.76 -28.07
N GLY B 34 34.84 36.16 -28.61
CA GLY B 34 34.85 35.60 -29.94
C GLY B 34 33.99 36.38 -30.91
N PRO B 35 32.72 36.03 -30.99
CA PRO B 35 31.82 36.75 -31.89
C PRO B 35 31.57 38.16 -31.39
N SER B 36 31.42 39.08 -32.33
CA SER B 36 31.07 40.45 -32.00
C SER B 36 29.71 40.49 -31.32
N TRP B 37 29.49 41.50 -30.47
CA TRP B 37 28.25 41.55 -29.72
C TRP B 37 28.02 42.98 -29.23
N MET B 38 26.77 43.25 -28.85
CA MET B 38 26.34 44.53 -28.29
C MET B 38 25.13 44.27 -27.40
N ILE B 39 25.01 45.01 -26.30
CA ILE B 39 23.87 44.89 -25.40
C ILE B 39 23.16 46.23 -25.28
N VAL B 40 21.83 46.21 -25.39
CA VAL B 40 21.01 47.41 -25.33
C VAL B 40 19.96 47.26 -24.25
N ASP B 41 19.55 48.38 -23.70
CA ASP B 41 18.53 48.44 -22.68
C ASP B 41 17.89 49.80 -22.77
N SER B 42 16.57 49.87 -22.56
CA SER B 42 15.86 51.15 -22.60
C SER B 42 16.12 51.98 -21.35
N ASN B 43 16.69 51.39 -20.31
CA ASN B 43 16.98 52.08 -19.06
C ASN B 43 18.45 52.48 -19.02
N GLU B 44 18.71 53.77 -18.72
CA GLU B 44 20.10 54.20 -18.57
C GLU B 44 20.83 53.48 -17.44
N THR B 45 20.10 52.94 -16.45
CA THR B 45 20.73 52.31 -15.32
C THR B 45 20.58 50.79 -15.40
N PRO B 46 21.67 50.05 -15.57
CA PRO B 46 21.56 48.59 -15.65
C PRO B 46 21.09 47.98 -14.36
N GLY B 47 20.44 46.82 -14.49
CA GLY B 47 20.07 46.02 -13.35
C GLY B 47 18.64 45.52 -13.46
N GLY B 48 17.89 46.09 -14.41
CA GLY B 48 16.49 45.72 -14.60
C GLY B 48 15.73 45.78 -13.30
N LEU B 49 14.81 44.84 -13.13
CA LEU B 49 14.06 44.73 -11.90
C LEU B 49 14.91 44.30 -10.69
N ALA B 50 16.23 44.15 -10.82
CA ALA B 50 17.05 43.91 -9.64
C ALA B 50 17.73 45.18 -9.16
N SER B 51 17.22 46.34 -9.59
CA SER B 51 17.81 47.61 -9.26
C SER B 51 17.29 48.16 -7.93
N THR B 52 17.89 49.25 -7.49
CA THR B 52 17.54 49.82 -6.19
C THR B 52 17.15 51.28 -6.39
N ASP B 53 15.98 51.65 -5.88
CA ASP B 53 15.51 53.02 -5.88
C ASP B 53 15.83 53.71 -4.55
N VAL B 54 15.74 55.03 -4.56
CA VAL B 54 15.97 55.83 -3.36
C VAL B 54 14.89 56.89 -3.28
N THR B 55 14.31 57.05 -2.11
CA THR B 55 13.32 58.10 -1.94
C THR B 55 14.01 59.45 -1.88
N PRO B 56 13.28 60.55 -2.08
CA PRO B 56 13.89 61.86 -1.89
C PRO B 56 14.47 62.07 -0.50
N GLU B 57 14.05 61.28 0.50
CA GLU B 57 14.50 61.42 1.88
C GLU B 57 15.70 60.55 2.22
N GLY B 58 16.25 59.80 1.27
CA GLY B 58 17.46 59.06 1.49
C GLY B 58 17.32 57.60 1.86
N PHE B 59 16.14 57.01 1.66
CA PHE B 59 15.91 55.60 1.96
C PHE B 59 15.99 54.76 0.69
N LEU B 60 16.78 53.68 0.72
CA LEU B 60 16.87 52.76 -0.40
C LEU B 60 15.82 51.68 -0.28
N TYR B 61 15.35 51.21 -1.43
CA TYR B 61 14.42 50.09 -1.53
C TYR B 61 14.79 49.28 -2.77
N ASP B 62 15.10 47.98 -2.60
CA ASP B 62 15.26 47.10 -3.75
C ASP B 62 13.94 46.96 -4.49
N VAL B 63 13.99 46.90 -5.82
CA VAL B 63 12.79 46.56 -6.55
C VAL B 63 12.51 45.09 -6.45
N GLY B 64 13.55 44.28 -6.70
CA GLY B 64 13.38 42.84 -6.87
C GLY B 64 14.25 41.95 -6.02
N GLY B 65 14.04 42.01 -4.70
CA GLY B 65 14.61 41.10 -3.72
C GLY B 65 16.11 40.95 -3.75
N HIS B 66 16.60 39.97 -3.00
CA HIS B 66 18.02 39.67 -2.93
C HIS B 66 18.21 38.15 -2.98
N VAL B 67 19.42 37.78 -3.36
CA VAL B 67 19.83 36.39 -3.47
C VAL B 67 20.26 35.91 -2.10
N ILE B 68 19.68 34.80 -1.64
CA ILE B 68 20.04 34.23 -0.36
C ILE B 68 20.90 32.99 -0.49
N PHE B 69 21.02 32.43 -1.70
CA PHE B 69 21.86 31.28 -1.98
C PHE B 69 22.25 31.30 -3.45
N SER B 70 23.52 31.02 -3.74
CA SER B 70 24.02 31.00 -5.12
C SER B 70 24.24 29.56 -5.56
N HIS B 71 23.72 29.19 -6.73
CA HIS B 71 23.85 27.81 -7.19
C HIS B 71 25.03 27.59 -8.13
N TYR B 72 25.75 28.63 -8.53
CA TYR B 72 26.75 28.51 -9.58
C TYR B 72 28.02 29.25 -9.17
N LYS B 73 29.16 28.56 -9.25
CA LYS B 73 30.42 29.25 -9.02
C LYS B 73 30.65 30.38 -10.03
N TYR B 74 30.01 30.30 -11.21
CA TYR B 74 30.18 31.36 -12.21
C TYR B 74 29.54 32.68 -11.76
N PHE B 75 28.33 32.59 -11.19
CA PHE B 75 27.68 33.76 -10.62
C PHE B 75 28.57 34.38 -9.54
N ASP B 76 29.05 33.55 -8.60
CA ASP B 76 29.95 34.04 -7.56
C ASP B 76 31.17 34.73 -8.15
N ASP B 77 31.79 34.13 -9.17
CA ASP B 77 32.97 34.77 -9.77
C ASP B 77 32.65 36.15 -10.32
N CYS B 78 31.45 36.35 -10.86
CA CYS B 78 31.13 37.65 -11.45
C CYS B 78 30.85 38.70 -10.38
N LEU B 79 30.16 38.29 -9.31
CA LEU B 79 29.99 39.14 -8.14
C LEU B 79 31.35 39.49 -7.51
N ASP B 80 32.20 38.48 -7.28
CA ASP B 80 33.53 38.71 -6.71
C ASP B 80 34.34 39.71 -7.51
N GLU B 81 34.17 39.71 -8.84
CA GLU B 81 34.88 40.71 -9.66
C GLU B 81 34.27 42.09 -9.48
N ALA B 82 32.93 42.16 -9.46
CA ALA B 82 32.26 43.45 -9.41
C ALA B 82 32.54 44.15 -8.07
N LEU B 83 32.53 43.39 -6.99
CA LEU B 83 32.77 43.90 -5.64
C LEU B 83 33.85 43.03 -4.98
N PRO B 84 35.12 43.39 -5.14
CA PRO B 84 36.20 42.49 -4.71
C PRO B 84 36.67 42.68 -3.28
N LYS B 85 36.32 43.80 -2.63
CA LYS B 85 36.79 44.13 -1.30
C LYS B 85 35.90 43.50 -0.23
N GLU B 86 36.50 43.21 0.93
CA GLU B 86 35.75 42.55 1.99
C GLU B 86 34.66 43.46 2.57
N ASP B 87 34.93 44.75 2.71
CA ASP B 87 33.93 45.64 3.27
C ASP B 87 32.94 46.16 2.23
N ASP B 88 32.87 45.52 1.06
CA ASP B 88 31.82 45.77 0.08
C ASP B 88 30.58 44.94 0.38
N TRP B 89 30.66 44.00 1.30
CA TRP B 89 29.59 43.07 1.58
C TRP B 89 29.38 42.99 3.09
N TYR B 90 28.14 42.67 3.47
CA TYR B 90 27.81 42.26 4.82
C TYR B 90 27.30 40.84 4.72
N THR B 91 27.58 40.05 5.74
CA THR B 91 27.22 38.65 5.76
C THR B 91 26.16 38.44 6.85
N HIS B 92 25.01 37.90 6.47
CA HIS B 92 23.91 37.70 7.39
C HIS B 92 23.42 36.26 7.34
N GLN B 93 22.77 35.82 8.41
CA GLN B 93 22.19 34.50 8.40
C GLN B 93 20.94 34.45 7.54
N ARG B 94 20.85 33.36 6.76
CA ARG B 94 19.71 33.04 5.92
C ARG B 94 18.62 32.47 6.80
N ILE B 95 17.41 33.04 6.72
CA ILE B 95 16.31 32.69 7.61
C ILE B 95 15.07 33.46 7.20
N SER B 96 13.89 32.97 7.57
CA SER B 96 12.65 33.69 7.33
C SER B 96 11.63 33.29 8.40
N TYR B 97 10.55 34.07 8.50
CA TYR B 97 9.51 33.75 9.47
C TYR B 97 8.13 33.89 8.84
N VAL B 98 7.17 33.14 9.39
CA VAL B 98 5.76 33.26 9.04
C VAL B 98 5.01 33.90 10.20
N ARG B 99 4.28 34.96 9.92
CA ARG B 99 3.41 35.61 10.89
C ARG B 99 2.09 34.84 10.94
N CYS B 100 1.87 34.13 12.05
CA CYS B 100 0.69 33.30 12.20
C CYS B 100 0.19 33.37 13.63
N GLN B 101 -1.03 33.89 13.81
CA GLN B 101 -1.69 34.00 15.11
C GLN B 101 -0.79 34.62 16.16
N GLY B 102 -0.33 35.85 15.88
CA GLY B 102 0.49 36.57 16.82
C GLY B 102 1.90 36.07 17.02
N GLN B 103 2.33 35.04 16.30
CA GLN B 103 3.66 34.49 16.48
C GLN B 103 4.50 34.66 15.22
N TRP B 104 5.82 34.81 15.41
CA TRP B 104 6.76 34.78 14.29
C TRP B 104 7.33 33.37 14.24
N VAL B 105 6.77 32.56 13.34
CA VAL B 105 7.07 31.14 13.25
C VAL B 105 8.28 30.96 12.34
N PRO B 106 9.41 30.42 12.84
CA PRO B 106 10.60 30.25 12.01
C PRO B 106 10.36 29.29 10.86
N TYR B 107 11.18 29.45 9.82
CA TYR B 107 11.18 28.60 8.65
C TYR B 107 12.07 27.39 8.90
N PRO B 108 11.62 26.21 8.43
CA PRO B 108 10.36 25.99 7.70
C PRO B 108 9.13 25.85 8.62
N PHE B 109 7.99 26.40 8.17
CA PHE B 109 6.81 26.51 9.02
C PHE B 109 6.49 25.20 9.74
N GLN B 110 6.48 24.10 8.99
CA GLN B 110 5.97 22.86 9.56
C GLN B 110 6.88 22.35 10.69
N ASN B 111 8.17 22.64 10.63
CA ASN B 111 9.05 22.18 11.70
C ASN B 111 9.00 23.06 12.92
N ASN B 112 8.15 24.08 12.95
CA ASN B 112 8.17 24.98 14.09
C ASN B 112 6.77 25.29 14.60
N ILE B 113 5.80 24.42 14.31
CA ILE B 113 4.43 24.69 14.74
C ILE B 113 4.33 24.52 16.26
N SER B 114 5.41 24.11 16.93
CA SER B 114 5.37 24.04 18.38
C SER B 114 5.05 25.40 19.01
N MET B 115 5.17 26.48 18.24
CA MET B 115 4.86 27.81 18.71
C MET B 115 3.39 28.14 18.64
N LEU B 116 2.61 27.35 17.98
CA LEU B 116 1.18 27.60 17.91
C LEU B 116 0.53 26.96 19.12
N PRO B 117 -0.72 27.33 19.41
CA PRO B 117 -1.43 26.71 20.55
C PRO B 117 -1.50 25.19 20.42
N LYS B 118 -1.49 24.52 21.59
CA LYS B 118 -1.54 23.07 21.61
C LYS B 118 -2.69 22.53 20.75
N GLU B 119 -3.89 23.11 20.89
CA GLU B 119 -5.03 22.63 20.10
C GLU B 119 -4.78 22.74 18.60
N GLU B 120 -4.02 23.75 18.16
CA GLU B 120 -3.78 23.91 16.74
C GLU B 120 -2.69 22.95 16.26
N GLN B 121 -1.73 22.64 17.12
CA GLN B 121 -0.77 21.58 16.84
C GLN B 121 -1.47 20.25 16.56
N VAL B 122 -2.51 19.93 17.33
CA VAL B 122 -3.19 18.65 17.15
C VAL B 122 -3.78 18.54 15.75
N LYS B 123 -4.48 19.58 15.28
CA LYS B 123 -5.04 19.50 13.93
C LYS B 123 -3.93 19.47 12.90
N CYS B 124 -2.80 20.12 13.15
CA CYS B 124 -1.71 20.04 12.20
C CYS B 124 -1.18 18.63 12.06
N ILE B 125 -0.87 18.00 13.21
CA ILE B 125 -0.31 16.64 13.23
C ILE B 125 -1.34 15.62 12.75
N ASP B 126 -2.61 15.82 13.11
CA ASP B 126 -3.66 14.94 12.61
C ASP B 126 -3.73 15.01 11.10
N GLY B 127 -3.66 16.22 10.55
CA GLY B 127 -3.65 16.35 9.11
C GLY B 127 -2.43 15.72 8.47
N MET B 128 -1.27 15.83 9.13
CA MET B 128 -0.06 15.30 8.51
C MET B 128 0.00 13.79 8.60
N ILE B 129 -0.61 13.20 9.62
CA ILE B 129 -0.69 11.74 9.65
C ILE B 129 -1.49 11.24 8.45
N ASP B 130 -2.62 11.89 8.17
CA ASP B 130 -3.40 11.52 7.00
C ASP B 130 -2.54 11.59 5.74
N ALA B 131 -1.74 12.63 5.61
CA ALA B 131 -0.90 12.76 4.44
C ALA B 131 0.15 11.66 4.38
N ALA B 132 0.71 11.29 5.55
CA ALA B 132 1.76 10.29 5.58
C ALA B 132 1.22 8.92 5.19
N LEU B 133 0.01 8.60 5.63
CA LEU B 133 -0.57 7.31 5.30
C LEU B 133 -0.94 7.25 3.82
N GLU B 134 -1.45 8.34 3.26
CA GLU B 134 -1.72 8.36 1.82
C GLU B 134 -0.44 8.22 1.01
N ALA B 135 0.62 8.94 1.40
CA ALA B 135 1.88 8.87 0.65
C ALA B 135 2.43 7.46 0.64
N ARG B 136 2.11 6.66 1.67
CA ARG B 136 2.68 5.33 1.76
C ARG B 136 2.20 4.43 0.65
N VAL B 137 1.02 4.72 0.07
CA VAL B 137 0.43 3.92 -1.00
C VAL B 137 0.21 4.73 -2.28
N ALA B 138 0.73 5.95 -2.34
CA ALA B 138 0.58 6.75 -3.54
C ALA B 138 1.35 6.13 -4.68
N ASN B 139 0.79 6.23 -5.90
CA ASN B 139 1.56 5.84 -7.07
C ASN B 139 1.44 6.85 -8.20
N THR B 140 0.91 8.04 -7.92
CA THR B 140 0.86 9.12 -8.89
C THR B 140 1.59 10.32 -8.34
N LYS B 141 2.15 11.12 -9.22
CA LYS B 141 2.73 12.39 -8.82
C LYS B 141 1.60 13.41 -8.68
N PRO B 142 1.77 14.43 -7.84
CA PRO B 142 0.72 15.45 -7.73
C PRO B 142 0.59 16.22 -9.04
N LYS B 143 -0.65 16.60 -9.33
CA LYS B 143 -0.93 17.26 -10.59
C LYS B 143 -1.07 18.78 -10.45
N THR B 144 -1.62 19.26 -9.34
CA THR B 144 -1.73 20.69 -9.09
C THR B 144 -0.90 21.08 -7.87
N PHE B 145 -0.56 22.36 -7.82
CA PHE B 145 0.14 22.93 -6.67
C PHE B 145 -0.58 22.56 -5.38
N ASP B 146 -1.90 22.68 -5.38
CA ASP B 146 -2.67 22.35 -4.19
C ASP B 146 -2.48 20.89 -3.81
N GLU B 147 -2.52 19.99 -4.79
CA GLU B 147 -2.23 18.58 -4.51
C GLU B 147 -0.88 18.45 -3.85
N TRP B 148 0.13 19.13 -4.39
CA TRP B 148 1.47 19.04 -3.82
C TRP B 148 1.47 19.52 -2.38
N ILE B 149 0.83 20.66 -2.12
CA ILE B 149 0.83 21.21 -0.77
C ILE B 149 0.26 20.20 0.20
N VAL B 150 -0.97 19.74 -0.06
CA VAL B 150 -1.64 18.85 0.89
C VAL B 150 -0.90 17.53 1.04
N ARG B 151 -0.27 17.02 -0.02
CA ARG B 151 0.46 15.76 0.15
C ARG B 151 1.72 15.92 1.00
N MET B 152 2.29 17.11 1.00
CA MET B 152 3.50 17.43 1.72
C MET B 152 3.22 17.82 3.17
N MET B 153 2.14 18.57 3.41
CA MET B 153 1.87 19.21 4.69
C MET B 153 0.62 18.71 5.40
N GLY B 154 -0.33 18.10 4.67
CA GLY B 154 -1.64 17.80 5.22
C GLY B 154 -2.54 19.04 5.28
N THR B 155 -3.84 18.80 5.52
CA THR B 155 -4.81 19.88 5.42
C THR B 155 -4.55 20.99 6.43
N GLY B 156 -4.43 20.64 7.69
CA GLY B 156 -4.19 21.62 8.74
C GLY B 156 -3.10 22.62 8.43
N ILE B 157 -1.89 22.13 8.16
CA ILE B 157 -0.76 23.01 7.91
C ILE B 157 -0.91 23.72 6.57
N ALA B 158 -1.58 23.07 5.61
CA ALA B 158 -1.85 23.74 4.34
C ALA B 158 -2.71 24.98 4.55
N ASP B 159 -3.76 24.87 5.37
CA ASP B 159 -4.69 25.97 5.56
C ASP B 159 -4.10 27.14 6.35
N LEU B 160 -3.17 26.87 7.27
CA LEU B 160 -2.59 27.94 8.06
C LEU B 160 -1.59 28.75 7.25
N PHE B 161 -0.88 28.12 6.32
CA PHE B 161 0.17 28.91 5.69
C PHE B 161 0.17 28.79 4.18
N MET B 162 0.51 27.63 3.62
CA MET B 162 0.86 27.64 2.20
C MET B 162 -0.34 27.90 1.29
N ARG B 163 -1.53 27.45 1.67
CA ARG B 163 -2.70 27.78 0.83
C ARG B 163 -2.97 29.28 0.84
N PRO B 164 -3.30 29.91 1.98
CA PRO B 164 -3.58 31.36 1.93
C PRO B 164 -2.40 32.20 1.50
N TYR B 165 -1.18 31.80 1.82
CA TYR B 165 -0.03 32.63 1.46
C TYR B 165 0.15 32.70 -0.04
N ASN B 166 0.03 31.55 -0.72
CA ASN B 166 0.25 31.56 -2.16
C ASN B 166 -0.90 32.23 -2.92
N PHE B 167 -2.12 32.22 -2.37
CA PHE B 167 -3.15 33.02 -3.02
C PHE B 167 -2.81 34.52 -2.93
N LYS B 168 -2.24 34.97 -1.80
CA LYS B 168 -1.82 36.37 -1.71
C LYS B 168 -0.64 36.67 -2.63
N VAL B 169 0.25 35.69 -2.87
CA VAL B 169 1.38 35.93 -3.77
C VAL B 169 0.92 35.95 -5.23
N TRP B 170 0.29 34.86 -5.67
CA TRP B 170 0.04 34.59 -7.09
C TRP B 170 -1.31 35.10 -7.59
N ALA B 171 -2.26 35.35 -6.70
CA ALA B 171 -3.58 35.81 -7.09
C ALA B 171 -4.31 34.83 -8.01
N VAL B 172 -3.97 33.54 -7.91
CA VAL B 172 -4.79 32.48 -8.47
C VAL B 172 -4.92 31.41 -7.41
N PRO B 173 -5.97 30.58 -7.46
CA PRO B 173 -6.08 29.51 -6.46
C PRO B 173 -4.95 28.53 -6.65
N THR B 174 -4.56 27.86 -5.57
CA THR B 174 -3.50 26.86 -5.68
C THR B 174 -3.91 25.71 -6.59
N THR B 175 -5.21 25.49 -6.76
CA THR B 175 -5.73 24.42 -7.59
C THR B 175 -5.55 24.68 -9.07
N LYS B 176 -5.19 25.90 -9.46
CA LYS B 176 -5.04 26.24 -10.86
C LYS B 176 -3.57 26.43 -11.23
N MET B 177 -2.65 25.98 -10.38
CA MET B 177 -1.22 26.08 -10.65
C MET B 177 -0.58 24.71 -10.71
N GLN B 178 0.44 24.59 -11.56
CA GLN B 178 1.19 23.36 -11.63
C GLN B 178 2.14 23.29 -10.43
N CYS B 179 2.92 22.23 -10.36
CA CYS B 179 3.84 22.03 -9.23
C CYS B 179 5.18 21.42 -9.62
N ALA B 180 5.43 21.13 -10.91
CA ALA B 180 6.75 20.70 -11.34
C ALA B 180 7.82 21.71 -10.97
N TRP B 181 7.44 22.98 -10.90
CA TRP B 181 8.37 24.08 -10.66
C TRP B 181 8.93 24.05 -9.23
N LEU B 182 8.31 23.28 -8.33
CA LEU B 182 8.77 23.10 -6.96
C LEU B 182 9.87 22.06 -6.83
N GLY B 183 10.16 21.28 -7.86
CA GLY B 183 11.24 20.31 -7.80
C GLY B 183 10.74 18.88 -7.91
N GLU B 184 11.71 17.97 -7.88
CA GLU B 184 11.45 16.54 -8.01
C GLU B 184 11.34 15.83 -6.66
N ARG B 185 11.50 16.56 -5.56
CA ARG B 185 11.26 16.01 -4.22
C ARG B 185 9.83 15.48 -4.10
N VAL B 186 9.71 14.20 -3.75
CA VAL B 186 8.42 13.53 -3.71
C VAL B 186 7.50 14.17 -2.67
N ALA B 187 6.20 14.20 -2.99
CA ALA B 187 5.22 14.90 -2.15
C ALA B 187 4.75 13.98 -1.02
N ALA B 188 5.61 13.88 0.00
CA ALA B 188 5.38 13.12 1.22
C ALA B 188 5.79 14.01 2.39
N PRO B 189 5.25 13.77 3.57
CA PRO B 189 5.70 14.56 4.74
C PRO B 189 6.79 13.87 5.54
N ASN B 190 7.62 14.66 6.23
CA ASN B 190 8.52 14.07 7.22
C ASN B 190 7.80 14.13 8.56
N LEU B 191 6.92 13.15 8.76
CA LEU B 191 6.09 13.12 9.97
C LEU B 191 6.95 13.03 11.21
N LYS B 192 7.97 12.17 11.18
CA LYS B 192 8.83 12.02 12.35
C LYS B 192 9.49 13.35 12.72
N ALA B 193 9.95 14.11 11.74
CA ALA B 193 10.58 15.39 12.03
C ALA B 193 9.58 16.37 12.64
N VAL B 194 8.43 16.54 11.99
CA VAL B 194 7.44 17.50 12.50
C VAL B 194 7.03 17.13 13.92
N THR B 195 6.77 15.85 14.14
CA THR B 195 6.34 15.36 15.45
C THR B 195 7.43 15.52 16.51
N THR B 196 8.69 15.23 16.14
CA THR B 196 9.76 15.30 17.12
C THR B 196 9.96 16.72 17.62
N ASN B 197 9.92 17.69 16.72
CA ASN B 197 10.04 19.07 17.14
C ASN B 197 8.84 19.51 17.97
N VAL B 198 7.64 19.01 17.69
CA VAL B 198 6.50 19.34 18.54
C VAL B 198 6.72 18.80 19.94
N ILE B 199 7.14 17.54 20.05
CA ILE B 199 7.33 16.86 21.33
C ILE B 199 8.40 17.56 22.15
N LEU B 200 9.50 17.92 21.50
CA LEU B 200 10.62 18.51 22.24
C LEU B 200 10.44 20.00 22.48
N GLY B 201 9.64 20.68 21.68
CA GLY B 201 9.64 22.13 21.68
C GLY B 201 10.88 22.64 20.99
N ALA B 211 25.18 29.01 7.86
CA ALA B 211 24.32 29.09 6.67
C ALA B 211 23.86 30.52 6.41
N THR B 212 24.64 31.22 5.61
CA THR B 212 24.57 32.67 5.47
C THR B 212 24.28 33.05 4.04
N PHE B 213 24.18 34.35 3.81
CA PHE B 213 24.17 34.94 2.47
C PHE B 213 24.85 36.28 2.60
N ARG B 214 25.29 36.84 1.48
CA ARG B 214 25.95 38.13 1.49
C ARG B 214 25.10 39.17 0.78
N PHE B 215 25.19 40.40 1.27
CA PHE B 215 24.41 41.53 0.80
C PHE B 215 25.32 42.72 0.58
N PRO B 216 25.06 43.54 -0.45
CA PRO B 216 25.94 44.70 -0.71
C PRO B 216 25.89 45.74 0.39
N ALA B 217 27.08 46.23 0.79
CA ALA B 217 27.15 47.24 1.84
C ALA B 217 26.55 48.55 1.37
N ARG B 218 26.76 48.89 0.11
CA ARG B 218 26.29 50.14 -0.45
C ARG B 218 25.60 49.86 -1.77
N GLY B 219 24.66 50.71 -2.12
CA GLY B 219 23.93 50.64 -3.36
C GLY B 219 22.71 49.76 -3.33
N GLY B 220 22.52 48.99 -2.26
CA GLY B 220 21.48 47.97 -2.34
C GLY B 220 21.82 46.92 -3.40
N THR B 221 20.85 46.03 -3.64
CA THR B 221 21.10 44.94 -4.58
C THR B 221 21.47 45.44 -5.97
N GLY B 222 20.77 46.47 -6.46
CA GLY B 222 21.07 47.05 -7.77
C GLY B 222 22.48 47.59 -7.91
N GLY B 223 23.24 47.72 -6.81
CA GLY B 223 24.64 48.08 -6.90
C GLY B 223 25.50 46.96 -7.45
N ILE B 224 25.14 45.71 -7.17
CA ILE B 224 25.81 44.58 -7.82
C ILE B 224 25.80 44.75 -9.33
N TRP B 225 24.60 44.98 -9.89
CA TRP B 225 24.44 44.95 -11.33
C TRP B 225 25.04 46.17 -12.00
N ILE B 226 25.06 47.31 -11.33
CA ILE B 226 25.84 48.44 -11.82
C ILE B 226 27.31 48.09 -11.87
N ALA B 227 27.80 47.38 -10.85
CA ALA B 227 29.23 47.04 -10.80
C ALA B 227 29.57 45.97 -11.85
N VAL B 228 28.78 44.89 -11.92
CA VAL B 228 28.99 43.89 -12.96
C VAL B 228 28.98 44.55 -14.33
N ALA B 229 28.02 45.44 -14.57
CA ALA B 229 27.95 46.11 -15.88
C ALA B 229 29.15 46.98 -16.12
N ASN B 230 29.77 47.53 -15.06
CA ASN B 230 30.93 48.39 -15.26
C ASN B 230 32.11 47.64 -15.85
N THR B 231 32.13 46.32 -15.73
CA THR B 231 33.23 45.52 -16.25
C THR B 231 33.15 45.34 -17.76
N LEU B 232 32.01 45.62 -18.38
CA LEU B 232 31.86 45.50 -19.81
C LEU B 232 32.54 46.67 -20.54
N PRO B 233 32.97 46.47 -21.78
CA PRO B 233 33.42 47.59 -22.61
C PRO B 233 32.26 48.54 -22.89
N LYS B 234 32.48 49.82 -22.59
CA LYS B 234 31.38 50.79 -22.68
C LYS B 234 30.80 50.87 -24.08
N GLU B 235 31.65 50.83 -25.11
CA GLU B 235 31.16 51.06 -26.47
C GLU B 235 30.27 49.94 -26.99
N LYS B 236 30.34 48.74 -26.39
CA LYS B 236 29.48 47.64 -26.78
C LYS B 236 28.14 47.68 -26.06
N THR B 237 27.87 48.76 -25.33
CA THR B 237 26.61 48.98 -24.63
C THR B 237 25.90 50.20 -25.21
N ARG B 238 24.59 50.23 -24.96
CA ARG B 238 23.74 51.32 -25.45
C ARG B 238 22.51 51.34 -24.54
N PHE B 239 22.60 52.11 -23.46
CA PHE B 239 21.58 52.15 -22.43
C PHE B 239 20.86 53.49 -22.45
N GLY B 240 19.54 53.45 -22.22
CA GLY B 240 18.71 54.63 -22.13
C GLY B 240 17.72 54.75 -23.28
N GLU B 241 17.19 55.97 -23.45
CA GLU B 241 16.28 56.23 -24.56
C GLU B 241 16.91 55.86 -25.89
N LYS B 242 18.24 55.99 -25.98
CA LYS B 242 18.94 55.65 -27.23
C LYS B 242 18.93 54.17 -27.51
N GLY B 243 18.65 53.32 -26.52
CA GLY B 243 18.72 51.89 -26.67
C GLY B 243 17.42 51.14 -26.43
N LYS B 244 16.30 51.86 -26.50
CA LYS B 244 14.99 51.23 -26.43
C LYS B 244 14.68 50.59 -27.77
N VAL B 245 14.27 49.31 -27.74
CA VAL B 245 13.90 48.58 -28.95
C VAL B 245 12.43 48.79 -29.22
N THR B 246 12.09 49.05 -30.49
CA THR B 246 10.72 49.35 -30.89
C THR B 246 10.18 48.39 -31.93
N LYS B 247 11.02 47.88 -32.82
CA LYS B 247 10.64 46.92 -33.85
C LYS B 247 11.65 45.76 -33.84
N VAL B 248 11.15 44.55 -34.06
CA VAL B 248 11.99 43.36 -34.24
C VAL B 248 11.54 42.66 -35.51
N ASN B 249 12.38 42.72 -36.55
CA ASN B 249 12.09 42.06 -37.83
C ASN B 249 12.88 40.75 -37.83
N ALA B 250 12.24 39.68 -37.35
CA ALA B 250 12.92 38.40 -37.20
C ALA B 250 13.35 37.79 -38.53
N ASN B 251 12.70 38.16 -39.64
CA ASN B 251 13.02 37.55 -40.92
C ASN B 251 14.20 38.22 -41.63
N ASN B 252 14.45 39.52 -41.39
CA ASN B 252 15.66 40.14 -41.91
C ASN B 252 16.73 40.25 -40.83
N LYS B 253 16.52 39.61 -39.68
CA LYS B 253 17.46 39.59 -38.55
C LYS B 253 17.95 41.00 -38.22
N THR B 254 16.99 41.88 -37.96
CA THR B 254 17.30 43.26 -37.64
C THR B 254 16.27 43.78 -36.64
N VAL B 255 16.73 44.58 -35.67
CA VAL B 255 15.89 45.24 -34.68
C VAL B 255 16.01 46.74 -34.88
N THR B 256 14.94 47.48 -34.67
CA THR B 256 14.96 48.93 -34.81
C THR B 256 14.75 49.59 -33.45
N LEU B 257 15.47 50.69 -33.22
CA LEU B 257 15.49 51.35 -31.94
C LEU B 257 14.52 52.55 -31.93
N GLN B 258 14.43 53.19 -30.76
CA GLN B 258 13.57 54.35 -30.60
C GLN B 258 13.90 55.42 -31.62
N ASP B 259 15.18 55.76 -31.74
CA ASP B 259 15.69 56.79 -32.64
C ASP B 259 15.80 56.36 -34.09
N GLY B 260 15.29 55.18 -34.47
CA GLY B 260 15.36 54.77 -35.85
C GLY B 260 16.64 54.04 -36.21
N THR B 261 17.55 53.84 -35.26
CA THR B 261 18.77 53.07 -35.51
C THR B 261 18.42 51.59 -35.72
N THR B 262 19.02 50.99 -36.75
CA THR B 262 18.81 49.58 -37.02
C THR B 262 20.04 48.79 -36.58
N ILE B 263 19.81 47.74 -35.78
CA ILE B 263 20.87 46.82 -35.37
C ILE B 263 20.53 45.46 -36.00
N GLY B 264 21.39 44.99 -36.89
CA GLY B 264 21.24 43.67 -37.50
C GLY B 264 22.10 42.65 -36.77
N TYR B 265 21.57 41.43 -36.65
CA TYR B 265 22.20 40.38 -35.86
C TYR B 265 22.21 39.05 -36.61
N LYS B 266 23.10 38.16 -36.16
CA LYS B 266 23.07 36.76 -36.57
C LYS B 266 22.38 35.86 -35.53
N LYS B 267 22.51 36.16 -34.23
CA LYS B 267 21.76 35.51 -33.18
C LYS B 267 21.29 36.57 -32.19
N LEU B 268 20.08 36.39 -31.63
CA LEU B 268 19.47 37.39 -30.76
C LEU B 268 19.11 36.77 -29.41
N VAL B 269 19.58 37.39 -28.34
CA VAL B 269 19.22 36.99 -26.98
C VAL B 269 18.27 38.05 -26.43
N SER B 270 16.98 37.71 -26.36
CA SER B 270 15.94 38.65 -25.98
C SER B 270 15.60 38.43 -24.51
N THR B 271 15.88 39.44 -23.70
CA THR B 271 15.64 39.44 -22.26
C THR B 271 14.35 40.15 -21.89
N MET B 272 13.74 40.87 -22.82
CA MET B 272 12.45 41.52 -22.55
C MET B 272 11.34 40.49 -22.45
N ALA B 273 10.26 40.88 -21.78
CA ALA B 273 9.13 39.99 -21.60
C ALA B 273 8.62 39.48 -22.94
N VAL B 274 8.35 38.17 -23.02
CA VAL B 274 8.11 37.58 -24.33
C VAL B 274 6.85 38.14 -24.98
N ASP B 275 5.87 38.58 -24.18
CA ASP B 275 4.69 39.19 -24.78
C ASP B 275 5.03 40.53 -25.43
N PHE B 276 5.93 41.31 -24.82
CA PHE B 276 6.41 42.54 -25.45
C PHE B 276 7.24 42.24 -26.69
N LEU B 277 8.04 41.17 -26.67
CA LEU B 277 8.78 40.77 -27.86
C LEU B 277 7.85 40.42 -29.01
N ALA B 278 6.79 39.67 -28.70
CA ALA B 278 5.83 39.28 -29.73
C ALA B 278 5.21 40.51 -30.38
N GLU B 279 4.95 41.57 -29.59
CA GLU B 279 4.39 42.82 -30.11
C GLU B 279 5.37 43.52 -31.03
N ALA B 280 6.65 43.57 -30.64
CA ALA B 280 7.65 44.20 -31.49
C ALA B 280 7.94 43.40 -32.75
N MET B 281 7.58 42.13 -32.79
CA MET B 281 7.77 41.34 -34.00
C MET B 281 6.60 41.47 -34.96
N ASN B 282 5.55 42.20 -34.57
CA ASN B 282 4.29 42.31 -35.31
C ASN B 282 3.91 40.95 -35.88
N ASP B 283 4.04 39.96 -35.00
CA ASP B 283 3.86 38.54 -35.30
C ASP B 283 2.61 38.14 -34.53
N GLN B 284 1.48 38.11 -35.24
CA GLN B 284 0.19 37.93 -34.56
C GLN B 284 0.01 36.52 -34.03
N GLU B 285 0.68 35.53 -34.64
CA GLU B 285 0.64 34.18 -34.09
C GLU B 285 1.21 34.17 -32.68
N LEU B 286 2.38 34.80 -32.49
CA LEU B 286 3.02 34.87 -31.18
C LEU B 286 2.26 35.76 -30.21
N VAL B 287 1.74 36.90 -30.68
CA VAL B 287 0.96 37.77 -29.80
C VAL B 287 -0.21 37.00 -29.20
N GLY B 288 -0.91 36.22 -30.03
CA GLY B 288 -2.00 35.39 -29.52
C GLY B 288 -1.54 34.36 -28.50
N LEU B 289 -0.39 33.73 -28.75
CA LEU B 289 0.12 32.72 -27.83
C LEU B 289 0.59 33.34 -26.52
N THR B 290 1.37 34.43 -26.60
CA THR B 290 1.87 35.03 -25.37
C THR B 290 0.74 35.54 -24.49
N LYS B 291 -0.35 36.04 -25.10
CA LYS B 291 -1.52 36.50 -24.35
C LYS B 291 -2.19 35.38 -23.53
N GLN B 292 -1.86 34.11 -23.77
CA GLN B 292 -2.35 33.02 -22.93
C GLN B 292 -1.59 32.87 -21.62
N LEU B 293 -0.40 33.46 -21.52
CA LEU B 293 0.37 33.41 -20.28
C LEU B 293 -0.29 34.31 -19.24
N PHE B 294 -0.23 33.89 -17.98
CA PHE B 294 -0.78 34.68 -16.89
C PHE B 294 0.38 35.21 -16.05
N TYR B 295 0.22 36.43 -15.53
CA TYR B 295 1.24 37.03 -14.68
C TYR B 295 0.58 38.01 -13.72
N SER B 296 1.28 38.34 -12.65
CA SER B 296 0.78 39.30 -11.70
C SER B 296 1.70 40.51 -11.64
N SER B 297 1.11 41.64 -11.29
CA SER B 297 1.86 42.86 -11.06
C SER B 297 2.24 42.94 -9.59
N THR B 298 3.24 43.76 -9.30
CA THR B 298 3.75 43.90 -7.95
C THR B 298 3.77 45.37 -7.53
N HIS B 299 3.21 45.64 -6.36
CA HIS B 299 3.39 46.91 -5.70
C HIS B 299 4.54 46.78 -4.69
N VAL B 300 5.58 47.57 -4.86
CA VAL B 300 6.66 47.65 -3.89
C VAL B 300 6.40 48.87 -3.02
N ILE B 301 6.35 48.66 -1.72
CA ILE B 301 6.09 49.76 -0.79
C ILE B 301 7.17 49.81 0.25
N GLY B 302 7.75 50.99 0.45
CA GLY B 302 8.75 51.21 1.49
C GLY B 302 8.28 52.22 2.50
N VAL B 303 8.61 51.99 3.76
CA VAL B 303 8.25 52.88 4.85
C VAL B 303 9.52 53.12 5.64
N GLY B 304 9.92 54.39 5.73
CA GLY B 304 11.06 54.79 6.53
C GLY B 304 10.56 55.30 7.86
N VAL B 305 11.12 54.74 8.95
CA VAL B 305 10.62 55.00 10.29
C VAL B 305 11.73 55.61 11.13
N ARG B 306 11.33 56.48 12.07
CA ARG B 306 12.25 57.05 13.04
C ARG B 306 12.37 56.09 14.22
N GLY B 307 13.58 55.95 14.75
CA GLY B 307 13.83 55.08 15.88
C GLY B 307 14.84 54.00 15.55
N SER B 308 15.12 53.18 16.56
CA SER B 308 15.78 51.90 16.39
C SER B 308 14.75 50.80 16.15
N ARG B 309 15.19 49.71 15.54
CA ARG B 309 14.30 48.62 15.14
C ARG B 309 13.66 47.95 16.36
N PRO B 310 12.48 47.35 16.21
CA PRO B 310 11.84 46.67 17.35
C PRO B 310 12.59 45.41 17.78
N GLU B 311 12.66 45.21 19.10
CA GLU B 311 13.32 44.06 19.70
C GLU B 311 12.58 42.75 19.44
N GLY B 314 14.05 42.44 14.33
CA GLY B 314 15.07 41.47 14.72
C GLY B 314 16.27 41.29 13.78
N ASP B 315 16.38 40.15 13.09
CA ASP B 315 17.48 39.93 12.15
C ASP B 315 17.03 40.06 10.69
N LYS B 316 18.00 39.89 9.78
CA LYS B 316 17.97 40.30 8.36
C LYS B 316 17.28 39.30 7.44
N CYS B 317 15.95 39.27 7.47
CA CYS B 317 15.24 38.23 6.72
C CYS B 317 13.98 38.78 6.03
N TRP B 318 13.30 37.86 5.34
CA TRP B 318 11.97 38.05 4.79
C TRP B 318 10.95 37.55 5.81
N LEU B 319 9.75 38.10 5.75
CA LEU B 319 8.66 37.70 6.61
C LEU B 319 7.47 37.37 5.72
N TYR B 320 6.73 36.32 6.05
CA TYR B 320 5.61 35.91 5.23
C TYR B 320 4.31 36.11 5.98
N PHE B 321 3.28 36.59 5.29
CA PHE B 321 2.02 36.96 5.94
C PHE B 321 0.86 36.29 5.24
N PRO B 322 0.51 35.07 5.66
CA PRO B 322 -0.67 34.38 5.10
C PRO B 322 -2.03 34.94 5.52
N GLU B 323 -2.10 35.80 6.54
CA GLU B 323 -3.39 36.13 7.13
C GLU B 323 -4.09 37.34 6.46
N ASP B 324 -5.37 37.53 6.83
CA ASP B 324 -6.31 38.55 6.34
C ASP B 324 -6.02 39.96 6.79
N ASN B 325 -5.11 40.16 7.74
CA ASN B 325 -5.00 41.45 8.42
C ASN B 325 -3.98 42.38 7.80
N CYS B 326 -3.49 42.08 6.59
CA CYS B 326 -2.56 42.96 5.92
C CYS B 326 -2.57 42.62 4.44
N PRO B 327 -2.46 43.60 3.55
CA PRO B 327 -2.53 43.28 2.12
C PRO B 327 -1.28 42.62 1.56
N PHE B 328 -0.12 42.84 2.17
CA PHE B 328 1.14 42.35 1.60
C PHE B 328 1.39 40.88 1.96
N TYR B 329 2.12 40.18 1.06
CA TYR B 329 2.45 38.77 1.29
C TYR B 329 3.82 38.61 1.95
N ARG B 330 4.78 39.49 1.64
CA ARG B 330 6.05 39.43 2.33
C ARG B 330 6.53 40.83 2.67
N ALA B 331 7.22 40.93 3.80
CA ALA B 331 7.84 42.16 4.24
C ALA B 331 9.23 41.87 4.73
N THR B 332 10.11 42.87 4.60
CA THR B 332 11.45 42.74 5.18
C THR B 332 11.87 44.03 5.88
N ILE B 333 12.60 43.87 6.97
CA ILE B 333 13.21 45.01 7.62
C ILE B 333 14.49 45.37 6.87
N PHE B 334 14.34 46.08 5.75
CA PHE B 334 15.46 46.34 4.84
C PHE B 334 16.64 47.01 5.54
N SER B 335 16.38 47.76 6.62
CA SER B 335 17.44 48.51 7.26
C SER B 335 18.41 47.61 8.03
N ASN B 336 18.02 46.38 8.35
CA ASN B 336 18.95 45.46 9.00
C ASN B 336 20.02 44.98 8.03
N TYR B 337 19.75 45.05 6.73
CA TYR B 337 20.71 44.50 5.77
C TYR B 337 21.98 45.32 5.70
N SER B 338 21.88 46.64 5.85
CA SER B 338 23.04 47.52 5.69
C SER B 338 22.75 48.86 6.33
N PRO B 339 23.71 49.44 7.05
CA PRO B 339 23.50 50.82 7.54
C PRO B 339 23.35 51.85 6.43
N TYR B 340 23.80 51.55 5.22
CA TYR B 340 23.79 52.50 4.12
C TYR B 340 22.53 52.38 3.27
N ASN B 341 21.52 51.70 3.77
CA ASN B 341 20.20 51.65 3.13
C ASN B 341 19.30 52.76 3.58
N GLN B 342 19.77 53.64 4.46
CA GLN B 342 18.95 54.69 5.06
C GLN B 342 19.88 55.73 5.68
N PRO B 343 19.36 56.92 5.99
CA PRO B 343 20.24 58.02 6.42
C PRO B 343 20.97 57.77 7.74
N GLU B 344 22.09 58.47 7.90
CA GLU B 344 22.76 58.56 9.19
C GLU B 344 21.79 59.08 10.25
N ALA B 345 22.07 58.75 11.51
CA ALA B 345 21.21 59.22 12.58
C ALA B 345 21.21 60.74 12.69
N SER B 346 22.32 61.39 12.31
CA SER B 346 22.43 62.84 12.40
C SER B 346 21.59 63.57 11.36
N ALA B 347 21.04 62.85 10.38
CA ALA B 347 20.24 63.47 9.34
C ALA B 347 18.88 63.88 9.91
N ALA B 348 18.44 65.09 9.55
CA ALA B 348 17.21 65.68 10.06
C ALA B 348 16.06 65.47 9.07
N LEU B 349 14.95 64.94 9.57
CA LEU B 349 13.80 64.69 8.75
C LEU B 349 12.55 64.97 9.56
N PRO B 350 11.56 65.65 8.98
CA PRO B 350 10.28 65.80 9.65
C PRO B 350 9.46 64.53 9.58
N THR B 351 8.67 64.32 10.61
CA THR B 351 7.72 63.21 10.58
C THR B 351 6.63 63.49 9.56
N MET B 352 6.41 62.56 8.62
CA MET B 352 5.35 62.73 7.64
C MET B 352 3.99 62.32 8.18
N GLN B 353 3.97 61.28 8.99
CA GLN B 353 2.72 60.78 9.53
C GLN B 353 3.06 59.80 10.62
N LEU B 354 2.06 59.48 11.42
CA LEU B 354 2.18 58.38 12.35
C LEU B 354 1.64 57.10 11.71
N ALA B 355 2.02 55.97 12.31
CA ALA B 355 1.59 54.70 11.75
C ALA B 355 0.09 54.56 11.83
N ASP B 356 -0.56 55.26 12.77
CA ASP B 356 -2.00 55.15 12.91
C ASP B 356 -2.74 55.97 11.86
N GLY B 357 -2.04 56.72 11.03
CA GLY B 357 -2.65 57.52 10.01
C GLY B 357 -2.68 59.01 10.31
N SER B 358 -2.48 59.43 11.56
CA SER B 358 -2.65 60.84 11.86
C SER B 358 -1.41 61.63 11.45
N ARG B 359 -1.61 62.93 11.15
CA ARG B 359 -0.49 63.81 10.88
C ARG B 359 0.12 64.29 12.21
N PRO B 360 1.43 64.49 12.26
CA PRO B 360 2.08 64.85 13.52
C PRO B 360 1.82 66.31 13.87
N GLN B 361 2.19 66.65 15.11
CA GLN B 361 2.04 68.01 15.61
C GLN B 361 2.92 69.00 14.83
N SER B 362 4.25 68.80 14.86
CA SER B 362 5.20 69.75 14.29
C SER B 362 5.74 69.29 12.96
N THR B 363 6.00 70.26 12.09
CA THR B 363 6.84 70.09 10.93
C THR B 363 8.31 70.15 11.28
N GLU B 364 8.63 69.96 12.57
CA GLU B 364 10.02 69.95 13.00
C GLU B 364 10.78 68.81 12.35
N ALA B 365 11.99 69.12 11.88
CA ALA B 365 12.93 68.14 11.38
C ALA B 365 13.71 67.66 12.60
N LYS B 366 13.51 66.42 12.98
CA LYS B 366 14.20 65.80 14.09
C LYS B 366 15.25 64.83 13.57
N GLU B 367 16.16 64.44 14.45
CA GLU B 367 17.20 63.51 14.03
C GLU B 367 16.66 62.07 14.04
N GLY B 368 17.56 61.13 13.71
CA GLY B 368 17.24 59.72 13.73
C GLY B 368 17.54 59.10 15.09
N PRO B 369 18.07 57.86 15.09
CA PRO B 369 18.39 57.00 13.95
C PRO B 369 17.12 56.50 13.22
N TYR B 370 17.30 55.78 12.11
CA TYR B 370 16.17 55.37 11.29
C TYR B 370 16.24 53.88 10.99
N TRP B 371 15.07 53.34 10.63
CA TRP B 371 14.96 52.00 10.06
C TRP B 371 13.94 52.03 8.92
N SER B 372 13.76 50.88 8.27
CA SER B 372 13.16 50.84 6.95
C SER B 372 12.42 49.51 6.79
N ILE B 373 11.21 49.56 6.27
CA ILE B 373 10.43 48.36 5.99
C ILE B 373 10.12 48.34 4.50
N MET B 374 10.22 47.16 3.89
CA MET B 374 9.83 46.98 2.49
C MET B 374 8.75 45.89 2.39
N LEU B 375 7.70 46.18 1.64
CA LEU B 375 6.52 45.36 1.49
C LEU B 375 6.31 45.02 0.03
N GLU B 376 5.55 43.95 -0.20
CA GLU B 376 5.11 43.56 -1.54
C GLU B 376 3.64 43.17 -1.53
N VAL B 377 2.87 43.76 -2.44
CA VAL B 377 1.46 43.43 -2.66
C VAL B 377 1.30 43.00 -4.10
N SER B 378 0.54 41.94 -4.34
CA SER B 378 0.34 41.50 -5.73
C SER B 378 -1.02 41.94 -6.26
N GLU B 379 -1.07 42.10 -7.58
CA GLU B 379 -2.27 42.52 -8.30
C GLU B 379 -2.36 41.71 -9.57
N SER B 380 -3.56 41.24 -9.89
CA SER B 380 -3.79 40.51 -11.13
C SER B 380 -5.24 40.68 -11.57
N SER B 381 -5.57 40.11 -12.73
CA SER B 381 -6.94 40.24 -13.25
C SER B 381 -7.96 39.63 -12.30
N MET B 382 -7.56 38.64 -11.51
CA MET B 382 -8.40 38.06 -10.48
C MET B 382 -8.24 38.76 -9.12
N LYS B 383 -7.40 39.79 -9.02
CA LYS B 383 -7.10 40.42 -7.73
C LYS B 383 -6.75 41.88 -7.94
N PRO B 384 -7.74 42.75 -8.00
CA PRO B 384 -7.45 44.18 -8.21
C PRO B 384 -6.88 44.80 -6.94
N VAL B 385 -6.27 45.97 -7.10
CA VAL B 385 -5.60 46.68 -6.01
C VAL B 385 -5.93 48.15 -6.20
N ASN B 386 -6.50 48.78 -5.16
CA ASN B 386 -6.82 50.20 -5.23
C ASN B 386 -5.51 50.97 -5.11
N GLN B 387 -5.01 51.48 -6.24
CA GLN B 387 -3.71 52.15 -6.27
C GLN B 387 -3.68 53.37 -5.35
N GLU B 388 -4.83 53.99 -5.11
CA GLU B 388 -4.90 55.20 -4.31
C GLU B 388 -4.89 54.93 -2.81
N THR B 389 -5.20 53.71 -2.36
CA THR B 389 -5.27 53.43 -0.94
C THR B 389 -4.30 52.35 -0.46
N ILE B 390 -3.62 51.66 -1.37
CA ILE B 390 -2.85 50.48 -0.98
C ILE B 390 -1.74 50.85 0.00
N LEU B 391 -1.13 52.03 -0.16
CA LEU B 391 -0.08 52.48 0.75
C LEU B 391 -0.60 52.65 2.16
N ALA B 392 -1.75 53.31 2.31
CA ALA B 392 -2.33 53.45 3.62
C ALA B 392 -2.74 52.10 4.19
N ASP B 393 -3.31 51.22 3.35
CA ASP B 393 -3.68 49.87 3.79
C ASP B 393 -2.48 49.06 4.22
N CYS B 394 -1.33 49.26 3.58
CA CYS B 394 -0.13 48.55 4.02
C CYS B 394 0.34 49.07 5.38
N ILE B 395 0.37 50.39 5.56
CA ILE B 395 0.81 50.96 6.83
C ILE B 395 -0.10 50.49 7.95
N GLN B 396 -1.42 50.41 7.70
CA GLN B 396 -2.30 49.81 8.71
C GLN B 396 -1.94 48.35 8.93
N GLY B 397 -1.64 47.61 7.86
CA GLY B 397 -1.23 46.23 8.02
C GLY B 397 0.01 46.09 8.88
N LEU B 398 0.95 47.03 8.77
CA LEU B 398 2.12 46.98 9.64
C LEU B 398 1.74 47.18 11.11
N VAL B 399 0.70 47.99 11.38
CA VAL B 399 0.23 48.14 12.75
C VAL B 399 -0.51 46.89 13.21
N ASN B 400 -1.31 46.28 12.33
CA ASN B 400 -2.05 45.08 12.71
C ASN B 400 -1.14 43.91 13.03
N THR B 401 -0.07 43.74 12.25
CA THR B 401 0.87 42.64 12.48
C THR B 401 1.96 42.98 13.48
N GLU B 402 1.80 44.08 14.23
CA GLU B 402 2.74 44.48 15.29
C GLU B 402 4.16 44.70 14.78
N MET B 403 4.31 45.17 13.55
CA MET B 403 5.63 45.65 13.13
C MET B 403 5.79 47.13 13.43
N LEU B 404 4.69 47.89 13.39
CA LEU B 404 4.68 49.28 13.78
C LEU B 404 3.76 49.48 14.98
N LYS B 405 4.22 50.29 15.95
CA LYS B 405 3.35 50.83 16.96
C LYS B 405 2.50 51.94 16.34
N PRO B 406 1.28 52.14 16.82
CA PRO B 406 0.42 53.18 16.21
C PRO B 406 1.06 54.54 16.21
N THR B 407 2.01 54.79 17.12
CA THR B 407 2.66 56.08 17.28
C THR B 407 4.03 56.18 16.62
N ASP B 408 4.50 55.15 15.93
CA ASP B 408 5.81 55.27 15.27
C ASP B 408 5.75 56.38 14.22
N GLU B 409 6.87 57.08 14.05
CA GLU B 409 6.91 58.25 13.16
C GLU B 409 7.47 57.86 11.80
N ILE B 410 6.67 58.02 10.77
CA ILE B 410 7.07 57.68 9.43
C ILE B 410 7.66 58.91 8.76
N VAL B 411 8.88 58.80 8.24
CA VAL B 411 9.57 59.92 7.62
C VAL B 411 9.79 59.73 6.14
N SER B 412 9.39 58.59 5.58
CA SER B 412 9.57 58.40 4.16
C SER B 412 8.63 57.31 3.70
N THR B 413 8.06 57.47 2.51
CA THR B 413 7.26 56.43 1.90
C THR B 413 7.67 56.23 0.45
N TYR B 414 7.48 55.01 -0.02
CA TYR B 414 7.86 54.60 -1.35
C TYR B 414 6.75 53.72 -1.88
N HIS B 415 6.36 53.94 -3.13
CA HIS B 415 5.36 53.07 -3.76
C HIS B 415 5.55 53.16 -5.27
N ARG B 416 6.00 52.07 -5.86
CA ARG B 416 6.11 51.91 -7.30
C ARG B 416 5.39 50.61 -7.66
N ARG B 417 4.73 50.60 -8.80
CA ARG B 417 3.96 49.45 -9.28
C ARG B 417 4.62 48.91 -10.54
N PHE B 418 4.88 47.60 -10.57
CA PHE B 418 5.53 46.97 -11.70
C PHE B 418 4.56 46.05 -12.41
N ASP B 419 4.25 46.37 -13.67
CA ASP B 419 3.23 45.62 -14.40
C ASP B 419 3.60 44.14 -14.51
N HIS B 420 4.83 43.83 -14.96
CA HIS B 420 5.32 42.45 -15.03
C HIS B 420 6.13 42.19 -13.76
N GLY B 421 5.49 41.59 -12.76
CA GLY B 421 6.14 41.28 -11.50
C GLY B 421 6.54 39.82 -11.34
N TYR B 422 5.56 38.94 -11.33
CA TYR B 422 5.80 37.52 -11.21
C TYR B 422 5.23 36.79 -12.40
N PRO B 423 6.00 35.91 -13.05
CA PRO B 423 5.44 35.01 -14.08
C PRO B 423 4.76 33.82 -13.44
N THR B 424 3.47 33.66 -13.69
CA THR B 424 2.67 32.73 -12.92
C THR B 424 2.81 31.30 -13.42
N PRO B 425 3.25 30.34 -12.57
CA PRO B 425 3.31 28.93 -12.98
C PRO B 425 1.93 28.27 -13.05
N THR B 426 1.12 28.70 -14.00
CA THR B 426 -0.20 28.10 -14.13
C THR B 426 -0.11 26.70 -14.73
N LEU B 427 -1.19 25.93 -14.55
CA LEU B 427 -1.31 24.62 -15.20
C LEU B 427 -1.06 24.70 -16.69
N GLU B 428 -1.55 25.77 -17.33
CA GLU B 428 -1.49 25.93 -18.78
C GLU B 428 -0.12 26.44 -19.26
N ARG B 429 0.77 26.81 -18.35
CA ARG B 429 1.97 27.56 -18.70
C ARG B 429 2.88 26.79 -19.65
N GLU B 430 3.17 25.53 -19.32
CA GLU B 430 4.11 24.77 -20.13
C GLU B 430 3.54 24.44 -21.50
N GLY B 431 2.23 24.11 -21.56
CA GLY B 431 1.59 23.92 -22.85
C GLY B 431 1.71 25.12 -23.77
N THR B 432 1.48 26.32 -23.21
CA THR B 432 1.64 27.55 -23.99
C THR B 432 3.09 27.81 -24.33
N LEU B 433 3.98 27.53 -23.37
CA LEU B 433 5.38 27.90 -23.52
C LEU B 433 6.09 27.02 -24.54
N THR B 434 5.74 25.71 -24.63
CA THR B 434 6.39 24.88 -25.65
C THR B 434 5.88 25.18 -27.04
N GLN B 435 4.94 26.10 -27.22
CA GLN B 435 4.68 26.65 -28.55
C GLN B 435 5.41 27.95 -28.83
N ILE B 436 5.71 28.75 -27.81
CA ILE B 436 6.31 30.06 -28.05
C ILE B 436 7.82 29.93 -28.26
N LEU B 437 8.53 29.30 -27.31
CA LEU B 437 10.00 29.34 -27.34
C LEU B 437 10.61 28.55 -28.50
N PRO B 438 10.14 27.35 -28.83
CA PRO B 438 10.66 26.70 -30.05
C PRO B 438 10.38 27.50 -31.30
N LYS B 439 9.21 28.14 -31.41
CA LYS B 439 8.93 28.97 -32.58
C LYS B 439 9.94 30.11 -32.68
N LEU B 440 10.26 30.75 -31.55
CA LEU B 440 11.30 31.77 -31.53
C LEU B 440 12.71 31.17 -31.73
N GLN B 441 12.92 29.93 -31.30
CA GLN B 441 14.21 29.28 -31.50
C GLN B 441 14.52 29.11 -32.99
N ASP B 442 13.51 28.77 -33.78
CA ASP B 442 13.69 28.63 -35.21
C ASP B 442 13.94 29.98 -35.89
N LYS B 443 13.51 31.07 -35.28
CA LYS B 443 13.82 32.39 -35.83
C LYS B 443 15.15 32.91 -35.30
N ASP B 444 15.93 32.02 -34.67
CA ASP B 444 17.26 32.32 -34.12
C ASP B 444 17.18 33.35 -32.99
N ILE B 445 16.16 33.22 -32.16
CA ILE B 445 15.94 34.11 -31.02
C ILE B 445 15.96 33.26 -29.75
N TRP B 446 16.86 33.60 -28.84
CA TRP B 446 16.88 32.99 -27.51
C TRP B 446 16.17 33.96 -26.58
N SER B 447 14.88 33.73 -26.38
CA SER B 447 14.10 34.52 -25.44
C SER B 447 14.23 33.86 -24.08
N ARG B 448 15.03 34.46 -23.19
CA ARG B 448 15.37 33.89 -21.89
C ARG B 448 15.21 34.96 -20.82
N GLY B 449 14.84 34.53 -19.62
CA GLY B 449 14.81 35.40 -18.46
C GLY B 449 13.53 35.22 -17.68
N ARG B 450 13.42 36.02 -16.60
CA ARG B 450 12.24 35.94 -15.72
C ARG B 450 10.94 36.12 -16.51
N PHE B 451 10.91 37.03 -17.48
CA PHE B 451 9.78 37.14 -18.37
C PHE B 451 10.13 36.87 -19.81
N GLY B 452 11.42 36.81 -20.13
CA GLY B 452 11.82 36.36 -21.46
C GLY B 452 11.40 34.92 -21.73
N SER B 453 11.46 34.06 -20.70
CA SER B 453 11.02 32.66 -20.81
C SER B 453 10.04 32.22 -19.73
N TRP B 454 9.66 33.11 -18.80
CA TRP B 454 8.41 33.02 -18.03
C TRP B 454 8.38 31.93 -16.97
N ARG B 455 9.54 31.44 -16.53
CA ARG B 455 9.59 30.37 -15.54
C ARG B 455 10.08 30.93 -14.21
N TYR B 456 9.15 31.08 -13.27
CA TYR B 456 9.45 31.66 -11.97
C TYR B 456 10.59 30.92 -11.28
N GLU B 457 10.58 29.60 -11.34
CA GLU B 457 11.53 28.81 -10.58
C GLU B 457 12.96 29.03 -11.03
N VAL B 458 13.17 29.61 -12.20
CA VAL B 458 14.53 30.07 -12.51
C VAL B 458 14.49 31.56 -12.74
N GLY B 459 13.67 32.28 -11.97
CA GLY B 459 13.46 33.69 -12.17
C GLY B 459 14.10 34.55 -11.11
N ASN B 460 14.82 33.93 -10.17
CA ASN B 460 15.59 34.74 -9.26
C ASN B 460 16.95 35.04 -9.89
N GLN B 461 17.79 35.80 -9.19
CA GLN B 461 18.88 36.50 -9.87
C GLN B 461 19.98 35.55 -10.33
N ASP B 462 20.33 34.55 -9.51
CA ASP B 462 21.40 33.65 -9.94
C ASP B 462 20.95 32.79 -11.13
N HIS B 463 19.74 32.23 -11.09
CA HIS B 463 19.22 31.49 -12.24
C HIS B 463 19.12 32.37 -13.47
N SER B 464 18.57 33.58 -13.32
CA SER B 464 18.43 34.47 -14.47
C SER B 464 19.78 34.85 -15.04
N PHE B 465 20.73 35.20 -14.18
CA PHE B 465 22.08 35.51 -14.67
C PHE B 465 22.64 34.36 -15.47
N MET B 466 22.39 33.13 -15.03
CA MET B 466 22.92 31.98 -15.72
C MET B 466 22.12 31.64 -16.98
N LEU B 467 20.81 31.96 -17.01
CA LEU B 467 20.06 31.79 -18.26
C LEU B 467 20.73 32.50 -19.41
N GLY B 468 21.27 33.68 -19.15
CA GLY B 468 21.96 34.41 -20.19
C GLY B 468 23.33 33.86 -20.50
N VAL B 469 24.04 33.40 -19.46
CA VAL B 469 25.34 32.79 -19.68
C VAL B 469 25.21 31.52 -20.52
N GLU B 470 24.29 30.63 -20.12
CA GLU B 470 24.11 29.37 -20.83
C GLU B 470 23.60 29.61 -22.25
N ALA B 471 22.74 30.60 -22.43
CA ALA B 471 22.27 30.90 -23.78
C ALA B 471 23.42 31.27 -24.69
N VAL B 472 24.39 32.04 -24.17
CA VAL B 472 25.58 32.36 -24.96
C VAL B 472 26.45 31.13 -25.15
N ASP B 473 26.60 30.33 -24.08
CA ASP B 473 27.35 29.09 -24.17
C ASP B 473 26.74 28.14 -25.20
N ASN B 474 25.41 28.16 -25.34
CA ASN B 474 24.79 27.34 -26.37
C ASN B 474 25.07 27.90 -27.76
N ILE B 475 24.99 29.22 -27.91
CA ILE B 475 25.18 29.84 -29.21
C ILE B 475 26.59 29.64 -29.71
N VAL B 476 27.57 29.75 -28.82
CA VAL B 476 28.97 29.68 -29.24
C VAL B 476 29.49 28.24 -29.15
N ASN B 477 29.41 27.66 -27.95
CA ASN B 477 30.15 26.45 -27.62
C ASN B 477 29.27 25.19 -27.58
N GLY B 478 28.05 25.25 -28.10
CA GLY B 478 27.16 24.10 -28.09
C GLY B 478 26.84 23.55 -26.71
N ALA B 479 26.83 24.39 -25.68
CA ALA B 479 26.55 23.89 -24.35
C ALA B 479 25.06 23.61 -24.18
N VAL B 480 24.75 22.71 -23.26
CA VAL B 480 23.36 22.43 -22.94
C VAL B 480 22.81 23.57 -22.08
N GLU B 481 21.59 24.02 -22.39
CA GLU B 481 20.96 25.04 -21.55
C GLU B 481 20.32 24.32 -20.37
N LEU B 482 21.14 24.08 -19.35
CA LEU B 482 20.67 23.25 -18.24
C LEU B 482 19.68 23.99 -17.34
N THR B 483 19.97 25.27 -17.01
CA THR B 483 19.08 25.99 -16.10
C THR B 483 17.70 26.19 -16.70
N LEU B 484 17.65 26.56 -18.00
CA LEU B 484 16.38 26.80 -18.67
C LEU B 484 15.48 25.57 -18.68
N ASN B 485 16.07 24.38 -18.92
CA ASN B 485 15.33 23.14 -19.15
C ASN B 485 15.34 22.16 -17.98
N TYR B 486 16.28 22.26 -17.03
CA TYR B 486 16.40 21.26 -15.96
C TYR B 486 16.70 21.95 -14.65
N PRO B 487 15.79 22.78 -14.15
CA PRO B 487 16.07 23.49 -12.90
C PRO B 487 16.41 22.56 -11.75
N ASP B 488 15.69 21.44 -11.63
CA ASP B 488 15.98 20.51 -10.54
C ASP B 488 17.36 19.90 -10.70
N PHE B 489 17.84 19.78 -11.94
CA PHE B 489 19.18 19.25 -12.11
C PHE B 489 20.22 20.19 -11.54
N VAL B 490 20.19 21.47 -11.96
CA VAL B 490 21.17 22.43 -11.49
C VAL B 490 20.99 22.68 -9.99
N ASN B 491 19.74 22.70 -9.50
CA ASN B 491 19.51 23.02 -8.09
C ASN B 491 20.04 21.96 -7.14
N GLY B 492 20.18 20.73 -7.61
CA GLY B 492 20.61 19.61 -6.81
C GLY B 492 22.09 19.28 -6.87
N ARG B 493 22.90 20.19 -7.42
CA ARG B 493 24.34 19.96 -7.53
C ARG B 493 25.05 21.28 -7.29
N GLN B 494 26.35 21.22 -7.09
CA GLN B 494 27.16 22.44 -7.05
C GLN B 494 27.75 22.66 -8.42
N ASN B 495 27.48 23.81 -9.01
CA ASN B 495 27.88 24.05 -10.39
C ASN B 495 29.22 24.77 -10.42
N THR B 496 30.31 23.98 -10.45
CA THR B 496 31.67 24.50 -10.35
C THR B 496 32.43 24.47 -11.68
N GLU B 497 31.86 23.93 -12.76
CA GLU B 497 32.68 23.74 -13.96
C GLU B 497 32.85 25.03 -14.74
N ARG B 498 31.76 25.76 -14.99
CA ARG B 498 31.87 27.02 -15.72
C ARG B 498 32.37 28.09 -14.77
N ARG B 499 33.47 28.75 -15.12
CA ARG B 499 34.09 29.75 -14.28
C ARG B 499 34.43 30.97 -15.13
N LEU B 500 34.64 32.11 -14.46
CA LEU B 500 34.92 33.35 -15.18
C LEU B 500 36.29 33.31 -15.85
N VAL B 501 37.19 32.44 -15.39
CA VAL B 501 38.45 32.16 -16.04
C VAL B 501 38.45 30.67 -16.36
N ASP B 502 38.20 30.34 -17.62
CA ASP B 502 38.22 28.96 -18.07
C ASP B 502 39.59 28.63 -18.65
N GLY B 503 39.75 27.40 -19.11
CA GLY B 503 40.98 27.06 -19.81
C GLY B 503 41.15 27.90 -21.07
N ALA B 504 40.05 28.16 -21.77
CA ALA B 504 40.11 28.87 -23.06
C ALA B 504 40.83 30.19 -22.92
N GLN B 505 40.63 30.88 -21.80
CA GLN B 505 41.32 32.14 -21.60
C GLN B 505 42.76 31.95 -21.10
N VAL B 506 43.01 30.91 -20.29
CA VAL B 506 44.38 30.65 -19.86
C VAL B 506 45.25 30.26 -21.06
N PHE B 507 44.69 29.51 -22.01
CA PHE B 507 45.43 29.02 -23.16
C PHE B 507 45.65 30.09 -24.22
N ALA B 508 45.45 31.35 -23.87
CA ALA B 508 45.72 32.49 -24.75
C ALA B 508 46.60 33.54 -24.05
N HIS C 6 -23.98 -53.03 39.21
CA HIS C 6 -24.62 -51.72 39.32
C HIS C 6 -23.88 -50.85 40.34
N PRO C 7 -23.72 -49.55 40.05
CA PRO C 7 -22.91 -48.68 40.92
C PRO C 7 -23.67 -48.12 42.12
N ASP C 8 -23.00 -47.29 42.93
CA ASP C 8 -23.58 -46.77 44.15
C ASP C 8 -24.65 -45.71 43.87
N ILE C 9 -24.29 -44.68 43.07
CA ILE C 9 -25.22 -43.66 42.62
C ILE C 9 -25.16 -43.63 41.10
N SER C 10 -26.29 -43.36 40.47
CA SER C 10 -26.31 -43.24 39.01
C SER C 10 -27.17 -42.05 38.64
N VAL C 11 -26.64 -41.19 37.75
CA VAL C 11 -27.34 -40.01 37.26
C VAL C 11 -27.09 -39.87 35.77
N ASP C 12 -27.85 -38.96 35.15
CA ASP C 12 -27.73 -38.72 33.72
C ASP C 12 -26.47 -37.91 33.40
N VAL C 13 -26.33 -36.72 34.00
CA VAL C 13 -25.14 -35.87 33.81
C VAL C 13 -24.44 -35.72 35.16
N LEU C 14 -23.14 -36.00 35.18
CA LEU C 14 -22.28 -35.85 36.35
C LEU C 14 -21.32 -34.69 36.17
N VAL C 15 -21.28 -33.78 37.14
CA VAL C 15 -20.36 -32.64 37.13
C VAL C 15 -19.25 -32.91 38.16
N ILE C 16 -18.01 -32.91 37.70
CA ILE C 16 -16.84 -33.01 38.58
C ILE C 16 -16.33 -31.60 38.78
N GLY C 17 -16.35 -31.14 40.01
CA GLY C 17 -15.79 -29.82 40.34
C GLY C 17 -16.85 -28.75 40.49
N ALA C 18 -16.76 -27.95 41.55
CA ALA C 18 -17.75 -26.92 41.83
C ALA C 18 -17.10 -25.54 41.93
N GLY C 19 -16.08 -25.30 41.11
CA GLY C 19 -15.64 -23.96 40.76
C GLY C 19 -16.68 -23.30 39.86
N PRO C 20 -16.37 -22.11 39.36
CA PRO C 20 -17.37 -21.40 38.54
C PRO C 20 -17.91 -22.21 37.38
N THR C 21 -17.06 -22.95 36.66
CA THR C 21 -17.54 -23.77 35.55
C THR C 21 -18.59 -24.77 36.02
N GLY C 22 -18.26 -25.60 37.00
CA GLY C 22 -19.19 -26.63 37.45
C GLY C 22 -20.48 -26.05 38.00
N LEU C 23 -20.40 -24.88 38.65
CA LEU C 23 -21.60 -24.26 39.19
C LEU C 23 -22.50 -23.76 38.08
N GLY C 24 -21.90 -23.28 36.98
CA GLY C 24 -22.66 -23.00 35.77
C GLY C 24 -23.41 -24.22 35.31
N ALA C 25 -22.69 -25.32 35.11
CA ALA C 25 -23.33 -26.58 34.74
C ALA C 25 -24.45 -26.92 35.72
N ALA C 26 -24.17 -26.74 37.01
CA ALA C 26 -25.16 -27.05 38.04
C ALA C 26 -26.35 -26.10 37.96
N LYS C 27 -26.10 -24.79 37.79
CA LYS C 27 -27.21 -23.85 37.76
C LYS C 27 -28.16 -24.16 36.63
N ARG C 28 -27.60 -24.52 35.45
CA ARG C 28 -28.40 -24.82 34.28
C ARG C 28 -29.08 -26.18 34.39
N LEU C 29 -28.36 -27.21 34.84
CA LEU C 29 -29.01 -28.51 35.06
C LEU C 29 -30.18 -28.37 36.03
N ASN C 30 -30.01 -27.54 37.06
CA ASN C 30 -31.04 -27.31 38.06
C ASN C 30 -32.18 -26.46 37.49
N GLN C 31 -31.88 -25.56 36.56
CA GLN C 31 -32.91 -24.74 35.92
C GLN C 31 -33.78 -25.59 35.01
N ILE C 32 -33.15 -26.27 34.05
CA ILE C 32 -33.86 -27.15 33.13
C ILE C 32 -34.73 -28.14 33.91
N ASP C 33 -34.18 -28.70 34.98
CA ASP C 33 -34.88 -29.68 35.83
C ASP C 33 -35.43 -30.84 35.00
N GLY C 34 -34.55 -31.42 34.17
CA GLY C 34 -34.91 -32.55 33.36
C GLY C 34 -34.16 -33.80 33.78
N PRO C 35 -33.00 -34.03 33.18
CA PRO C 35 -32.20 -35.20 33.54
C PRO C 35 -31.62 -35.05 34.94
N SER C 36 -31.51 -36.19 35.61
CA SER C 36 -30.91 -36.25 36.93
C SER C 36 -29.44 -35.85 36.89
N TRP C 37 -28.94 -35.37 38.02
CA TRP C 37 -27.56 -34.91 38.08
C TRP C 37 -27.10 -34.83 39.53
N MET C 38 -25.79 -34.76 39.70
CA MET C 38 -25.15 -34.51 40.99
C MET C 38 -23.81 -33.84 40.69
N ILE C 39 -23.40 -32.95 41.57
CA ILE C 39 -22.12 -32.25 41.42
C ILE C 39 -21.23 -32.62 42.61
N VAL C 40 -19.97 -32.91 42.32
CA VAL C 40 -19.02 -33.36 43.34
C VAL C 40 -17.80 -32.44 43.31
N ASP C 41 -17.17 -32.31 44.46
CA ASP C 41 -15.94 -31.52 44.56
C ASP C 41 -15.19 -32.01 45.79
N SER C 42 -13.86 -32.10 45.67
CA SER C 42 -13.01 -32.53 46.77
C SER C 42 -12.88 -31.46 47.85
N ASN C 43 -13.33 -30.25 47.56
CA ASN C 43 -13.27 -29.11 48.46
C ASN C 43 -14.62 -28.97 49.15
N GLU C 44 -14.62 -28.92 50.48
CA GLU C 44 -15.87 -28.70 51.19
C GLU C 44 -16.45 -27.33 50.85
N THR C 45 -15.62 -26.39 50.42
CA THR C 45 -16.05 -25.02 50.16
C THR C 45 -16.14 -24.77 48.66
N PRO C 46 -17.31 -24.47 48.12
CA PRO C 46 -17.43 -24.26 46.68
C PRO C 46 -16.71 -22.98 46.24
N GLY C 47 -16.23 -23.02 45.00
CA GLY C 47 -15.66 -21.85 44.38
C GLY C 47 -14.34 -22.10 43.69
N GLY C 48 -13.74 -23.26 43.95
CA GLY C 48 -12.46 -23.59 43.37
C GLY C 48 -11.43 -22.48 43.55
N LEU C 49 -10.58 -22.29 42.54
CA LEU C 49 -9.59 -21.24 42.54
C LEU C 49 -10.19 -19.84 42.47
N ALA C 50 -11.52 -19.69 42.52
CA ALA C 50 -12.12 -18.36 42.64
C ALA C 50 -12.59 -18.08 44.05
N SER C 51 -12.06 -18.81 45.04
CA SER C 51 -12.44 -18.68 46.44
C SER C 51 -11.62 -17.58 47.12
N THR C 52 -11.91 -17.35 48.39
CA THR C 52 -11.28 -16.32 49.19
C THR C 52 -10.72 -16.92 50.47
N ASP C 53 -9.44 -16.64 50.75
CA ASP C 53 -8.79 -17.00 52.00
C ASP C 53 -8.82 -15.82 52.97
N VAL C 54 -8.58 -16.10 54.25
CA VAL C 54 -8.49 -15.05 55.25
C VAL C 54 -7.33 -15.37 56.20
N THR C 55 -6.49 -14.38 56.49
CA THR C 55 -5.36 -14.58 57.40
C THR C 55 -5.87 -14.74 58.82
N PRO C 56 -5.04 -15.28 59.71
CA PRO C 56 -5.43 -15.34 61.13
C PRO C 56 -5.75 -13.97 61.70
N GLU C 57 -5.27 -12.90 61.06
CA GLU C 57 -5.48 -11.54 61.52
C GLU C 57 -6.67 -10.85 60.87
N GLY C 58 -7.40 -11.54 60.01
CA GLY C 58 -8.65 -11.02 59.47
C GLY C 58 -8.58 -10.34 58.13
N PHE C 59 -7.50 -10.53 57.37
CA PHE C 59 -7.37 -9.93 56.06
C PHE C 59 -7.74 -10.96 55.01
N LEU C 60 -8.68 -10.59 54.12
CA LEU C 60 -9.15 -11.49 53.07
C LEU C 60 -8.28 -11.33 51.84
N TYR C 61 -8.08 -12.43 51.12
CA TYR C 61 -7.33 -12.40 49.86
C TYR C 61 -7.93 -13.38 48.87
N ASP C 62 -8.37 -12.85 47.73
CA ASP C 62 -8.76 -13.60 46.55
C ASP C 62 -7.56 -14.29 45.90
N VAL C 63 -7.84 -15.28 45.07
CA VAL C 63 -6.83 -15.81 44.17
C VAL C 63 -6.59 -14.92 42.93
N VAL C 67 -11.79 -9.87 40.08
CA VAL C 67 -12.37 -8.72 39.35
C VAL C 67 -13.11 -9.14 38.07
N ILE C 68 -14.37 -8.70 37.95
CA ILE C 68 -15.32 -9.17 36.96
C ILE C 68 -15.66 -8.12 35.89
N PHE C 69 -16.05 -8.63 34.72
CA PHE C 69 -16.80 -7.93 33.69
C PHE C 69 -17.66 -8.99 33.04
N SER C 70 -18.95 -8.71 32.91
CA SER C 70 -19.89 -9.73 32.53
C SER C 70 -20.26 -9.60 31.06
N HIS C 71 -20.14 -10.71 30.33
CA HIS C 71 -20.49 -10.77 28.92
C HIS C 71 -21.86 -11.40 28.69
N TYR C 72 -22.51 -11.87 29.74
CA TYR C 72 -23.72 -12.66 29.58
C TYR C 72 -24.74 -12.18 30.61
N LYS C 73 -25.95 -11.92 30.15
CA LYS C 73 -27.04 -11.66 31.09
C LYS C 73 -27.32 -12.88 31.94
N TYR C 74 -26.96 -14.10 31.48
CA TYR C 74 -27.22 -15.28 32.30
C TYR C 74 -26.38 -15.25 33.57
N PHE C 75 -25.11 -14.85 33.42
CA PHE C 75 -24.24 -14.64 34.56
C PHE C 75 -24.84 -13.62 35.53
N ASP C 76 -25.29 -12.48 35.00
CA ASP C 76 -25.94 -11.45 35.83
C ASP C 76 -27.15 -12.00 36.59
N ASP C 77 -28.01 -12.77 35.92
CA ASP C 77 -29.19 -13.32 36.57
C ASP C 77 -28.81 -14.20 37.75
N CYS C 78 -27.69 -14.92 37.64
CA CYS C 78 -27.29 -15.84 38.71
C CYS C 78 -26.62 -15.13 39.87
N LEU C 79 -25.79 -14.13 39.58
CA LEU C 79 -25.25 -13.30 40.64
C LEU C 79 -26.37 -12.55 41.35
N ASP C 80 -27.21 -11.85 40.59
CA ASP C 80 -28.33 -11.12 41.19
C ASP C 80 -29.21 -12.05 42.03
N GLU C 81 -29.29 -13.34 41.68
CA GLU C 81 -30.02 -14.28 42.54
C GLU C 81 -29.23 -14.59 43.81
N ALA C 82 -27.92 -14.80 43.68
CA ALA C 82 -27.12 -15.22 44.83
C ALA C 82 -26.98 -14.10 45.85
N LEU C 83 -26.72 -12.87 45.39
CA LEU C 83 -26.56 -11.70 46.25
C LEU C 83 -27.50 -10.60 45.78
N PRO C 84 -28.75 -10.60 46.27
CA PRO C 84 -29.78 -9.73 45.68
C PRO C 84 -29.96 -8.34 46.29
N LYS C 85 -29.41 -8.06 47.47
CA LYS C 85 -29.62 -6.74 48.05
C LYS C 85 -28.57 -5.77 47.52
N GLU C 86 -28.96 -4.50 47.36
CA GLU C 86 -28.02 -3.49 46.87
C GLU C 86 -26.84 -3.34 47.82
N ASP C 87 -27.03 -3.66 49.10
CA ASP C 87 -25.96 -3.64 50.10
C ASP C 87 -25.11 -4.91 50.09
N ASP C 88 -25.30 -5.80 49.11
CA ASP C 88 -24.42 -6.95 48.95
C ASP C 88 -23.23 -6.68 48.04
N TRP C 89 -23.21 -5.54 47.36
CA TRP C 89 -22.20 -5.22 46.37
C TRP C 89 -21.71 -3.79 46.60
N TYR C 90 -20.48 -3.54 46.17
CA TYR C 90 -19.93 -2.19 46.03
C TYR C 90 -19.58 -1.97 44.56
N THR C 91 -19.72 -0.74 44.09
CA THR C 91 -19.46 -0.40 42.69
C THR C 91 -18.27 0.55 42.57
N HIS C 92 -17.29 0.17 41.73
CA HIS C 92 -16.08 0.95 41.53
C HIS C 92 -15.79 1.13 40.05
N GLN C 93 -15.06 2.21 39.74
CA GLN C 93 -14.56 2.48 38.41
C GLN C 93 -13.38 1.57 38.10
N ARG C 94 -13.24 1.19 36.82
CA ARG C 94 -12.15 0.33 36.35
C ARG C 94 -10.78 1.03 36.29
N ILE C 95 -10.25 1.37 37.46
CA ILE C 95 -9.02 2.15 37.58
C ILE C 95 -7.83 1.19 37.54
N SER C 96 -6.93 1.40 36.57
CA SER C 96 -5.70 0.62 36.54
C SER C 96 -4.56 1.47 36.02
N TYR C 97 -3.34 1.16 36.49
CA TYR C 97 -2.15 1.90 36.11
C TYR C 97 -1.00 0.94 35.83
N VAL C 98 -0.06 1.41 35.01
CA VAL C 98 1.20 0.70 34.74
C VAL C 98 2.32 1.42 35.48
N ARG C 99 3.08 0.69 36.28
CA ARG C 99 4.21 1.26 37.00
C ARG C 99 5.40 1.29 36.06
N CYS C 100 5.79 2.48 35.64
CA CYS C 100 6.88 2.64 34.67
C CYS C 100 7.69 3.88 35.02
N GLN C 101 8.98 3.66 35.30
CA GLN C 101 9.97 4.73 35.52
C GLN C 101 9.45 5.78 36.50
N GLY C 102 9.16 5.34 37.71
CA GLY C 102 8.76 6.22 38.79
C GLY C 102 7.36 6.79 38.69
N GLN C 103 6.60 6.44 37.65
CA GLN C 103 5.30 7.02 37.39
C GLN C 103 4.21 5.97 37.47
N TRP C 104 3.01 6.41 37.85
CA TRP C 104 1.82 5.59 37.71
C TRP C 104 1.12 6.03 36.43
N VAL C 105 1.33 5.29 35.36
CA VAL C 105 0.84 5.66 34.03
C VAL C 105 -0.56 5.07 33.87
N PRO C 106 -1.59 5.88 33.69
CA PRO C 106 -2.95 5.33 33.60
C PRO C 106 -3.08 4.39 32.43
N TYR C 107 -3.96 3.45 32.58
CA TYR C 107 -4.10 2.55 31.45
C TYR C 107 -5.17 3.12 30.52
N PRO C 108 -5.05 2.99 29.20
CA PRO C 108 -4.00 2.28 28.47
C PRO C 108 -2.67 3.02 28.32
N PHE C 109 -1.60 2.24 28.45
CA PHE C 109 -0.25 2.78 28.49
C PHE C 109 0.02 3.74 27.34
N GLN C 110 -0.35 3.35 26.13
CA GLN C 110 0.09 4.14 24.98
C GLN C 110 -0.57 5.52 24.93
N ASN C 111 -1.77 5.66 25.51
CA ASN C 111 -2.44 6.96 25.50
C ASN C 111 -1.93 7.90 26.57
N ASN C 112 -0.91 7.51 27.34
CA ASN C 112 -0.47 8.32 28.47
C ASN C 112 1.05 8.47 28.54
N ILE C 113 1.78 8.19 27.48
CA ILE C 113 3.23 8.25 27.56
C ILE C 113 3.70 9.69 27.73
N SER C 114 2.75 10.64 27.74
CA SER C 114 3.12 12.02 28.06
C SER C 114 3.75 12.16 29.45
N MET C 115 3.68 11.12 30.29
CA MET C 115 4.30 11.10 31.62
C MET C 115 5.77 10.70 31.59
N LEU C 116 6.27 10.16 30.51
CA LEU C 116 7.65 9.73 30.41
C LEU C 116 8.51 10.89 29.94
N PRO C 117 9.84 10.78 30.07
CA PRO C 117 10.72 11.82 29.52
C PRO C 117 10.49 12.10 28.04
N LYS C 118 10.69 13.37 27.67
CA LYS C 118 10.47 13.80 26.29
C LYS C 118 11.27 12.94 25.30
N GLU C 119 12.57 12.72 25.58
CA GLU C 119 13.38 11.94 24.65
C GLU C 119 12.81 10.55 24.46
N GLU C 120 12.16 10.02 25.48
CA GLU C 120 11.58 8.69 25.37
C GLU C 120 10.25 8.73 24.63
N GLN C 121 9.47 9.80 24.84
CA GLN C 121 8.27 10.01 24.04
C GLN C 121 8.61 10.03 22.56
N VAL C 122 9.71 10.67 22.18
CA VAL C 122 10.12 10.69 20.77
C VAL C 122 10.37 9.29 20.25
N LYS C 123 11.04 8.44 21.02
CA LYS C 123 11.27 7.08 20.54
C LYS C 123 9.95 6.33 20.42
N CYS C 124 9.04 6.53 21.37
CA CYS C 124 7.75 5.83 21.30
C CYS C 124 6.96 6.24 20.07
N ILE C 125 6.79 7.54 19.85
CA ILE C 125 6.01 8.01 18.71
C ILE C 125 6.68 7.59 17.40
N ASP C 126 8.02 7.61 17.35
CA ASP C 126 8.72 7.14 16.16
C ASP C 126 8.43 5.67 15.88
N GLY C 127 8.39 4.85 16.92
CA GLY C 127 8.03 3.46 16.73
C GLY C 127 6.60 3.29 16.23
N MET C 128 5.69 4.12 16.74
CA MET C 128 4.30 3.93 16.34
C MET C 128 4.04 4.46 14.93
N ILE C 129 4.78 5.47 14.46
CA ILE C 129 4.66 5.88 13.07
C ILE C 129 5.08 4.73 12.15
N ASP C 130 6.21 4.10 12.49
CA ASP C 130 6.64 2.93 11.73
C ASP C 130 5.58 1.85 11.75
N ALA C 131 4.89 1.68 12.88
CA ALA C 131 3.85 0.67 12.95
C ALA C 131 2.65 1.07 12.11
N ALA C 132 2.26 2.35 12.15
CA ALA C 132 1.07 2.81 11.44
C ALA C 132 1.28 2.70 9.93
N LEU C 133 2.48 3.01 9.47
CA LEU C 133 2.77 2.96 8.04
C LEU C 133 2.87 1.52 7.56
N GLU C 134 3.46 0.64 8.38
CA GLU C 134 3.45 -0.78 8.01
C GLU C 134 2.02 -1.30 7.94
N ALA C 135 1.17 -0.93 8.92
CA ALA C 135 -0.22 -1.40 8.97
C ALA C 135 -1.01 -0.93 7.76
N ARG C 136 -0.61 0.18 7.13
CA ARG C 136 -1.33 0.67 5.97
C ARG C 136 -1.18 -0.25 4.76
N VAL C 137 -0.10 -1.02 4.71
CA VAL C 137 0.14 -1.93 3.60
C VAL C 137 0.20 -3.37 4.06
N ALA C 138 -0.24 -3.64 5.28
CA ALA C 138 -0.26 -5.01 5.80
C ALA C 138 -1.25 -5.88 5.03
N ASN C 139 -0.83 -7.11 4.75
CA ASN C 139 -1.75 -8.07 4.15
C ASN C 139 -1.63 -9.45 4.79
N THR C 140 -0.99 -9.57 5.95
CA THR C 140 -0.92 -10.83 6.66
C THR C 140 -1.44 -10.64 8.08
N LYS C 141 -1.99 -11.68 8.66
CA LYS C 141 -2.32 -11.57 10.07
C LYS C 141 -1.06 -11.83 10.90
N PRO C 142 -0.97 -11.25 12.09
CA PRO C 142 0.16 -11.58 12.96
C PRO C 142 0.08 -13.04 13.38
N LYS C 143 1.25 -13.67 13.49
CA LYS C 143 1.35 -15.10 13.79
C LYS C 143 1.73 -15.40 15.24
N THR C 144 2.52 -14.54 15.90
CA THR C 144 2.86 -14.67 17.31
C THR C 144 2.34 -13.48 18.10
N PHE C 145 2.20 -13.68 19.41
CA PHE C 145 1.83 -12.61 20.34
C PHE C 145 2.76 -11.40 20.19
N ASP C 146 4.06 -11.66 20.12
CA ASP C 146 5.01 -10.57 19.95
C ASP C 146 4.72 -9.79 18.67
N GLU C 147 4.47 -10.50 17.57
CA GLU C 147 4.11 -9.86 16.32
C GLU C 147 2.95 -8.90 16.52
N TRP C 148 1.91 -9.38 17.22
CA TRP C 148 0.70 -8.59 17.46
C TRP C 148 1.02 -7.33 18.25
N ILE C 149 1.83 -7.46 19.30
CA ILE C 149 2.19 -6.31 20.11
C ILE C 149 2.86 -5.24 19.25
N VAL C 150 3.91 -5.62 18.53
CA VAL C 150 4.68 -4.62 17.78
C VAL C 150 3.82 -3.99 16.72
N ARG C 151 2.93 -4.74 16.11
CA ARG C 151 2.05 -4.12 15.12
C ARG C 151 1.08 -3.12 15.75
N MET C 152 0.75 -3.30 17.03
CA MET C 152 -0.18 -2.43 17.74
C MET C 152 0.53 -1.19 18.29
N MET C 153 1.72 -1.39 18.84
CA MET C 153 2.35 -0.40 19.67
C MET C 153 3.61 0.19 19.07
N GLY C 154 4.24 -0.49 18.12
CA GLY C 154 5.58 -0.16 17.70
C GLY C 154 6.62 -0.62 18.70
N THR C 155 7.88 -0.58 18.26
CA THR C 155 8.97 -1.15 19.04
C THR C 155 9.10 -0.48 20.40
N GLY C 156 9.21 0.85 20.41
CA GLY C 156 9.32 1.60 21.64
C GLY C 156 8.30 1.25 22.71
N ILE C 157 7.01 1.35 22.40
CA ILE C 157 5.99 1.12 23.41
C ILE C 157 5.90 -0.36 23.76
N ALA C 158 6.18 -1.24 22.80
CA ALA C 158 6.20 -2.67 23.12
C ALA C 158 7.26 -2.97 24.17
N ASP C 159 8.45 -2.39 24.01
CA ASP C 159 9.55 -2.66 24.92
C ASP C 159 9.29 -2.10 26.31
N LEU C 160 8.56 -0.98 26.42
CA LEU C 160 8.34 -0.36 27.73
C LEU C 160 7.36 -1.12 28.58
N PHE C 161 6.34 -1.73 27.99
CA PHE C 161 5.32 -2.36 28.82
C PHE C 161 4.99 -3.78 28.36
N MET C 162 4.32 -3.95 27.21
CA MET C 162 3.65 -5.22 26.93
C MET C 162 4.63 -6.37 26.72
N ARG C 163 5.81 -6.13 26.15
CA ARG C 163 6.79 -7.21 26.03
C ARG C 163 7.33 -7.66 27.38
N PRO C 164 8.01 -6.82 28.18
CA PRO C 164 8.51 -7.31 29.48
C PRO C 164 7.42 -7.75 30.44
N TYR C 165 6.26 -7.09 30.43
CA TYR C 165 5.22 -7.44 31.39
C TYR C 165 4.67 -8.83 31.14
N ASN C 166 4.45 -9.17 29.87
CA ASN C 166 3.87 -10.49 29.62
C ASN C 166 4.86 -11.59 29.97
N PHE C 167 6.16 -11.35 29.86
CA PHE C 167 7.12 -12.35 30.30
C PHE C 167 7.01 -12.58 31.80
N LYS C 168 6.80 -11.51 32.58
CA LYS C 168 6.65 -11.72 34.02
C LYS C 168 5.35 -12.44 34.32
N VAL C 169 4.33 -12.21 33.49
CA VAL C 169 3.03 -12.86 33.69
C VAL C 169 3.10 -14.33 33.31
N TRP C 170 3.50 -14.60 32.07
CA TRP C 170 3.39 -15.93 31.48
C TRP C 170 4.61 -16.80 31.68
N ALA C 171 5.75 -16.19 32.02
CA ALA C 171 7.00 -16.91 32.17
C ALA C 171 7.41 -17.61 30.89
N VAL C 172 6.94 -17.12 29.74
CA VAL C 172 7.52 -17.49 28.44
C VAL C 172 7.62 -16.24 27.58
N PRO C 173 8.54 -16.24 26.61
CA PRO C 173 8.70 -15.03 25.78
C PRO C 173 7.47 -14.76 24.91
N THR C 174 7.27 -13.49 24.55
CA THR C 174 6.15 -13.18 23.67
C THR C 174 6.28 -13.85 22.32
N THR C 175 7.49 -14.21 21.89
CA THR C 175 7.69 -14.84 20.59
C THR C 175 7.22 -16.29 20.55
N LYS C 176 6.96 -16.91 21.69
CA LYS C 176 6.55 -18.31 21.76
C LYS C 176 5.07 -18.45 22.08
N MET C 177 4.30 -17.37 21.96
CA MET C 177 2.87 -17.40 22.23
C MET C 177 2.05 -17.05 21.00
N GLN C 178 0.86 -17.67 20.90
CA GLN C 178 -0.04 -17.34 19.82
C GLN C 178 -0.78 -16.06 20.16
N CYS C 179 -1.64 -15.60 19.23
CA CYS C 179 -2.37 -14.36 19.43
C CYS C 179 -3.80 -14.38 18.92
N ALA C 180 -4.31 -15.51 18.41
CA ALA C 180 -5.73 -15.61 18.12
C ALA C 180 -6.58 -15.33 19.36
N TRP C 181 -6.03 -15.60 20.55
CA TRP C 181 -6.79 -15.47 21.80
C TRP C 181 -7.06 -14.03 22.18
N LEU C 182 -6.37 -13.07 21.57
CA LEU C 182 -6.60 -11.64 21.82
C LEU C 182 -7.73 -11.05 20.99
N GLY C 183 -8.22 -11.75 19.98
CA GLY C 183 -9.33 -11.29 19.18
C GLY C 183 -8.93 -11.10 17.72
N GLU C 184 -9.93 -10.68 16.94
CA GLU C 184 -9.76 -10.42 15.51
C GLU C 184 -9.54 -8.94 15.20
N ARG C 185 -9.53 -8.07 16.22
CA ARG C 185 -9.21 -6.66 16.01
C ARG C 185 -7.84 -6.53 15.35
N VAL C 186 -7.82 -5.88 14.18
CA VAL C 186 -6.61 -5.82 13.39
C VAL C 186 -5.52 -5.12 14.19
N ALA C 187 -4.29 -5.62 14.09
CA ALA C 187 -3.17 -5.15 14.90
C ALA C 187 -2.58 -3.91 14.23
N ALA C 188 -3.21 -2.78 14.48
CA ALA C 188 -2.82 -1.49 13.97
C ALA C 188 -2.82 -0.51 15.12
N PRO C 189 -2.05 0.56 15.04
CA PRO C 189 -2.07 1.57 16.10
C PRO C 189 -3.05 2.69 15.80
N ASN C 190 -3.56 3.31 16.87
CA ASN C 190 -4.24 4.58 16.73
C ASN C 190 -3.23 5.68 17.00
N LEU C 191 -2.44 5.97 15.96
CA LEU C 191 -1.38 6.96 16.06
C LEU C 191 -1.94 8.31 16.47
N LYS C 192 -3.11 8.71 15.94
CA LYS C 192 -3.67 10.01 16.29
C LYS C 192 -3.97 10.10 17.78
N ALA C 193 -4.56 9.06 18.34
CA ALA C 193 -4.86 9.07 19.77
C ALA C 193 -3.58 9.21 20.59
N VAL C 194 -2.59 8.36 20.30
CA VAL C 194 -1.34 8.41 21.03
C VAL C 194 -0.67 9.77 20.87
N THR C 195 -0.58 10.23 19.62
CA THR C 195 0.08 11.48 19.30
C THR C 195 -0.65 12.68 19.91
N THR C 196 -1.98 12.66 19.93
CA THR C 196 -2.74 13.79 20.47
C THR C 196 -2.49 14.00 21.96
N ASN C 197 -2.55 12.91 22.74
CA ASN C 197 -2.34 13.01 24.17
C ASN C 197 -0.92 13.43 24.51
N VAL C 198 0.06 13.05 23.69
CA VAL C 198 1.42 13.55 23.86
C VAL C 198 1.48 15.07 23.65
N ILE C 199 0.86 15.55 22.58
CA ILE C 199 0.89 16.98 22.27
C ILE C 199 0.21 17.78 23.36
N LEU C 200 -0.94 17.30 23.82
CA LEU C 200 -1.71 18.06 24.79
C LEU C 200 -1.16 17.97 26.20
N GLY C 201 -0.29 16.99 26.48
CA GLY C 201 0.08 16.73 27.85
C GLY C 201 -1.04 16.09 28.66
N LYS C 202 -2.00 15.47 27.98
CA LYS C 202 -3.21 14.91 28.60
C LYS C 202 -2.92 13.52 29.17
N THR C 203 -3.57 13.20 30.31
CA THR C 203 -3.46 11.89 30.97
C THR C 203 -4.87 11.40 31.33
N ALA C 204 -5.47 10.67 30.39
CA ALA C 204 -6.81 10.08 30.54
C ALA C 204 -6.72 8.55 30.53
N GLY C 205 -7.53 7.92 31.40
CA GLY C 205 -7.57 6.47 31.50
C GLY C 205 -8.88 5.87 30.99
N ASN C 206 -8.84 4.55 30.77
CA ASN C 206 -9.99 3.81 30.25
C ASN C 206 -10.98 3.43 31.35
N TRP C 207 -11.42 4.42 32.13
CA TRP C 207 -12.50 4.26 33.08
C TRP C 207 -13.26 5.57 33.16
N GLY C 208 -14.39 5.54 33.84
CA GLY C 208 -15.26 6.68 33.94
C GLY C 208 -16.47 6.29 34.73
N PRO C 209 -17.55 7.08 34.61
CA PRO C 209 -18.73 6.83 35.46
C PRO C 209 -19.48 5.56 35.10
N ASN C 210 -19.47 5.14 33.84
CA ASN C 210 -20.12 3.92 33.41
C ASN C 210 -19.13 2.80 33.14
N ALA C 211 -17.84 3.06 33.32
CA ALA C 211 -16.85 2.02 33.15
C ALA C 211 -16.53 1.47 34.54
N THR C 212 -17.43 0.63 35.02
CA THR C 212 -17.43 0.19 36.40
C THR C 212 -17.42 -1.32 36.48
N PHE C 213 -17.35 -1.80 37.72
CA PHE C 213 -17.53 -3.20 38.06
C PHE C 213 -18.10 -3.28 39.46
N ARG C 214 -18.65 -4.42 39.80
CA ARG C 214 -19.17 -4.62 41.13
C ARG C 214 -18.34 -5.67 41.85
N PHE C 215 -18.22 -5.49 43.17
CA PHE C 215 -17.44 -6.40 43.99
C PHE C 215 -18.25 -6.78 45.21
N PRO C 216 -18.15 -8.03 45.67
CA PRO C 216 -18.94 -8.45 46.83
C PRO C 216 -18.57 -7.66 48.06
N ALA C 217 -19.60 -7.22 48.80
CA ALA C 217 -19.34 -6.45 50.01
C ALA C 217 -18.70 -7.30 51.09
N ARG C 218 -19.11 -8.56 51.21
CA ARG C 218 -18.61 -9.45 52.24
C ARG C 218 -18.20 -10.77 51.60
N GLY C 219 -17.21 -11.41 52.22
CA GLY C 219 -16.75 -12.70 51.79
C GLY C 219 -15.72 -12.65 50.68
N GLY C 220 -15.46 -11.47 50.11
CA GLY C 220 -14.65 -11.44 48.92
C GLY C 220 -15.33 -12.15 47.74
N THR C 221 -14.54 -12.32 46.67
CA THR C 221 -15.08 -12.92 45.45
C THR C 221 -15.68 -14.29 45.73
N GLY C 222 -14.98 -15.11 46.50
CA GLY C 222 -15.48 -16.44 46.82
C GLY C 222 -16.81 -16.45 47.54
N GLY C 223 -17.25 -15.30 48.05
CA GLY C 223 -18.58 -15.23 48.63
C GLY C 223 -19.68 -15.33 47.60
N ILE C 224 -19.42 -14.84 46.38
CA ILE C 224 -20.34 -15.04 45.27
C ILE C 224 -20.69 -16.52 45.11
N TRP C 225 -19.65 -17.34 45.00
CA TRP C 225 -19.86 -18.74 44.67
C TRP C 225 -20.44 -19.54 45.83
N ILE C 226 -20.14 -19.14 47.07
CA ILE C 226 -20.85 -19.73 48.20
C ILE C 226 -22.34 -19.44 48.05
N ALA C 227 -22.68 -18.22 47.66
CA ALA C 227 -24.06 -17.84 47.52
C ALA C 227 -24.71 -18.55 46.34
N VAL C 228 -24.03 -18.58 45.19
CA VAL C 228 -24.55 -19.29 44.02
C VAL C 228 -24.84 -20.75 44.36
N ALA C 229 -23.88 -21.43 44.97
CA ALA C 229 -24.07 -22.85 45.27
C ALA C 229 -25.19 -23.07 46.28
N ASN C 230 -25.45 -22.09 47.15
CA ASN C 230 -26.51 -22.28 48.14
C ASN C 230 -27.88 -22.41 47.51
N THR C 231 -28.07 -21.95 46.26
CA THR C 231 -29.36 -22.07 45.60
C THR C 231 -29.64 -23.48 45.07
N LEU C 232 -28.62 -24.31 44.98
CA LEU C 232 -28.79 -25.67 44.51
C LEU C 232 -29.39 -26.56 45.61
N PRO C 233 -30.08 -27.65 45.23
CA PRO C 233 -30.50 -28.65 46.23
C PRO C 233 -29.31 -29.32 46.88
N LYS C 234 -29.25 -29.26 48.20
CA LYS C 234 -28.08 -29.75 48.94
C LYS C 234 -27.83 -31.23 48.65
N GLU C 235 -28.92 -32.02 48.53
CA GLU C 235 -28.81 -33.46 48.36
C GLU C 235 -28.24 -33.85 47.00
N LYS C 236 -28.24 -32.93 46.04
CA LYS C 236 -27.65 -33.15 44.72
C LYS C 236 -26.19 -32.73 44.67
N THR C 237 -25.61 -32.35 45.81
CA THR C 237 -24.21 -31.99 45.91
C THR C 237 -23.49 -32.97 46.83
N ARG C 238 -22.16 -33.00 46.70
CA ARG C 238 -21.29 -33.90 47.48
C ARG C 238 -19.92 -33.21 47.55
N PHE C 239 -19.73 -32.39 48.58
CA PHE C 239 -18.53 -31.56 48.72
C PHE C 239 -17.67 -32.01 49.89
N GLY C 240 -16.35 -31.97 49.69
CA GLY C 240 -15.39 -32.30 50.72
C GLY C 240 -14.62 -33.56 50.39
N GLU C 241 -14.02 -34.16 51.43
CA GLU C 241 -13.35 -35.45 51.27
C GLU C 241 -14.32 -36.48 50.71
N LYS C 242 -15.62 -36.34 51.02
CA LYS C 242 -16.65 -37.24 50.50
C LYS C 242 -16.86 -37.08 48.99
N GLY C 243 -16.35 -36.00 48.39
CA GLY C 243 -16.53 -35.79 46.97
C GLY C 243 -15.27 -35.70 46.11
N LYS C 244 -14.12 -36.19 46.62
CA LYS C 244 -12.90 -36.26 45.83
C LYS C 244 -12.98 -37.43 44.85
N VAL C 245 -12.70 -37.16 43.58
CA VAL C 245 -12.69 -38.20 42.55
C VAL C 245 -11.28 -38.76 42.44
N THR C 246 -11.16 -40.08 42.31
CA THR C 246 -9.86 -40.75 42.18
C THR C 246 -9.73 -41.57 40.90
N LYS C 247 -10.80 -42.17 40.40
CA LYS C 247 -10.77 -42.91 39.15
C LYS C 247 -11.95 -42.48 38.29
N VAL C 248 -11.71 -42.36 36.99
CA VAL C 248 -12.76 -42.11 36.01
C VAL C 248 -12.57 -43.16 34.94
N ASN C 249 -13.49 -44.12 34.86
CA ASN C 249 -13.43 -45.20 33.88
C ASN C 249 -14.31 -44.81 32.69
N ALA C 250 -13.69 -44.17 31.71
CA ALA C 250 -14.46 -43.63 30.58
C ALA C 250 -15.17 -44.71 29.78
N ASN C 251 -14.68 -45.97 29.81
CA ASN C 251 -15.26 -47.01 28.97
C ASN C 251 -16.49 -47.66 29.60
N ASN C 252 -16.59 -47.72 30.93
CA ASN C 252 -17.81 -48.16 31.59
C ASN C 252 -18.61 -46.98 32.17
N LYS C 253 -18.22 -45.75 31.83
CA LYS C 253 -18.91 -44.51 32.23
C LYS C 253 -19.21 -44.48 33.73
N THR C 254 -18.15 -44.65 34.52
CA THR C 254 -18.30 -44.60 35.98
C THR C 254 -17.04 -44.02 36.59
N VAL C 255 -17.22 -43.20 37.63
CA VAL C 255 -16.13 -42.58 38.37
C VAL C 255 -16.14 -43.11 39.80
N THR C 256 -14.96 -43.22 40.40
CA THR C 256 -14.82 -43.67 41.78
C THR C 256 -14.26 -42.53 42.63
N LEU C 257 -14.77 -42.42 43.86
CA LEU C 257 -14.46 -41.35 44.79
C LEU C 257 -13.42 -41.78 45.84
N GLN C 258 -13.03 -40.81 46.69
CA GLN C 258 -12.06 -41.07 47.76
C GLN C 258 -12.53 -42.16 48.70
N ASP C 259 -13.76 -42.05 49.20
CA ASP C 259 -14.30 -43.03 50.14
C ASP C 259 -14.81 -44.29 49.46
N GLY C 260 -14.56 -44.45 48.17
CA GLY C 260 -14.95 -45.65 47.45
C GLY C 260 -16.33 -45.68 46.85
N THR C 261 -17.14 -44.64 47.03
CA THR C 261 -18.46 -44.59 46.41
C THR C 261 -18.31 -44.45 44.89
N THR C 262 -19.08 -45.23 44.12
CA THR C 262 -19.03 -45.16 42.67
C THR C 262 -20.25 -44.42 42.11
N ILE C 263 -20.01 -43.47 41.21
CA ILE C 263 -21.06 -42.72 40.53
C ILE C 263 -21.01 -43.09 39.05
N GLY C 264 -22.10 -43.66 38.54
CA GLY C 264 -22.22 -43.96 37.12
C GLY C 264 -23.00 -42.86 36.40
N TYR C 265 -22.58 -42.56 35.18
CA TYR C 265 -23.15 -41.44 34.44
C TYR C 265 -23.47 -41.83 33.00
N LYS C 266 -24.33 -41.01 32.36
CA LYS C 266 -24.51 -41.07 30.92
C LYS C 266 -23.70 -40.02 30.18
N LYS C 267 -23.52 -38.82 30.78
CA LYS C 267 -22.66 -37.76 30.24
C LYS C 267 -21.88 -37.13 31.39
N LEU C 268 -20.62 -36.75 31.12
CA LEU C 268 -19.71 -36.25 32.14
C LEU C 268 -19.17 -34.87 31.78
N VAL C 269 -19.32 -33.93 32.72
CA VAL C 269 -18.78 -32.58 32.60
C VAL C 269 -17.63 -32.45 33.59
N SER C 270 -16.39 -32.46 33.09
CA SER C 270 -15.21 -32.44 33.94
C SER C 270 -14.63 -31.03 34.03
N THR C 271 -14.62 -30.48 35.23
CA THR C 271 -14.09 -29.17 35.51
C THR C 271 -12.66 -29.24 36.05
N MET C 272 -12.18 -30.44 36.40
CA MET C 272 -10.81 -30.60 36.86
C MET C 272 -9.82 -30.41 35.72
N ALA C 273 -8.58 -30.10 36.10
CA ALA C 273 -7.50 -29.89 35.13
C ALA C 273 -7.35 -31.12 34.23
N VAL C 274 -7.26 -30.89 32.92
CA VAL C 274 -7.35 -32.00 31.97
C VAL C 274 -6.14 -32.93 32.09
N ASP C 275 -5.00 -32.42 32.57
CA ASP C 275 -3.90 -33.34 32.83
C ASP C 275 -4.22 -34.27 34.00
N PHE C 276 -4.89 -33.75 35.05
CA PHE C 276 -5.35 -34.61 36.14
C PHE C 276 -6.48 -35.54 35.71
N LEU C 277 -7.36 -35.09 34.81
CA LEU C 277 -8.39 -35.98 34.29
C LEU C 277 -7.75 -37.16 33.54
N ALA C 278 -6.76 -36.86 32.70
CA ALA C 278 -6.09 -37.93 31.96
C ALA C 278 -5.45 -38.93 32.91
N GLU C 279 -4.85 -38.44 34.00
CA GLU C 279 -4.24 -39.33 34.98
C GLU C 279 -5.29 -40.21 35.63
N ALA C 280 -6.42 -39.62 36.02
CA ALA C 280 -7.49 -40.37 36.66
C ALA C 280 -8.21 -41.31 35.70
N MET C 281 -8.00 -41.17 34.39
CA MET C 281 -8.56 -42.11 33.43
C MET C 281 -7.65 -43.30 33.15
N ASN C 282 -6.46 -43.35 33.75
CA ASN C 282 -5.44 -44.36 33.44
C ASN C 282 -5.34 -44.58 31.93
N ASP C 283 -5.28 -43.47 31.20
CA ASP C 283 -5.25 -43.43 29.73
C ASP C 283 -3.89 -42.84 29.31
N GLN C 284 -2.96 -43.70 28.88
CA GLN C 284 -1.62 -43.22 28.62
C GLN C 284 -1.55 -42.35 27.37
N GLU C 285 -2.44 -42.57 26.39
CA GLU C 285 -2.48 -41.67 25.22
C GLU C 285 -2.85 -40.26 25.63
N LEU C 286 -3.91 -40.12 26.43
CA LEU C 286 -4.36 -38.78 26.83
C LEU C 286 -3.37 -38.13 27.76
N VAL C 287 -2.83 -38.90 28.71
CA VAL C 287 -1.80 -38.36 29.59
C VAL C 287 -0.62 -37.86 28.78
N GLY C 288 -0.20 -38.64 27.78
CA GLY C 288 0.91 -38.19 26.96
C GLY C 288 0.64 -36.87 26.30
N LEU C 289 -0.59 -36.69 25.79
CA LEU C 289 -0.95 -35.43 25.13
C LEU C 289 -1.05 -34.27 26.11
N THR C 290 -1.71 -34.48 27.26
CA THR C 290 -1.87 -33.37 28.20
C THR C 290 -0.51 -32.89 28.72
N LYS C 291 0.44 -33.81 28.90
CA LYS C 291 1.78 -33.40 29.33
C LYS C 291 2.44 -32.48 28.32
N GLN C 292 1.93 -32.44 27.08
CA GLN C 292 2.43 -31.53 26.06
C GLN C 292 1.92 -30.10 26.23
N LEU C 293 0.87 -29.90 27.04
CA LEU C 293 0.37 -28.57 27.36
C LEU C 293 1.30 -27.87 28.35
N PHE C 294 1.43 -26.55 28.21
CA PHE C 294 2.32 -25.77 29.07
C PHE C 294 1.49 -24.93 30.04
N TYR C 295 2.00 -24.74 31.26
CA TYR C 295 1.33 -23.88 32.21
C TYR C 295 2.32 -23.29 33.21
N SER C 296 1.88 -22.25 33.89
CA SER C 296 2.67 -21.64 34.95
C SER C 296 1.91 -21.71 36.27
N SER C 297 2.67 -21.73 37.36
CA SER C 297 2.13 -21.69 38.71
C SER C 297 2.08 -20.25 39.19
N THR C 298 1.20 -19.99 40.16
CA THR C 298 0.98 -18.63 40.62
C THR C 298 1.10 -18.58 42.13
N HIS C 299 1.96 -17.66 42.59
CA HIS C 299 2.07 -17.30 43.99
C HIS C 299 1.21 -16.08 44.26
N VAL C 300 0.30 -16.21 45.20
CA VAL C 300 -0.45 -15.08 45.72
C VAL C 300 0.21 -14.65 47.03
N ILE C 301 0.56 -13.37 47.15
CA ILE C 301 1.13 -12.83 48.39
C ILE C 301 0.24 -11.68 48.84
N GLY C 302 -0.15 -11.67 50.11
CA GLY C 302 -0.97 -10.60 50.68
C GLY C 302 -0.23 -9.86 51.78
N VAL C 303 -0.42 -8.54 51.84
CA VAL C 303 0.22 -7.73 52.87
C VAL C 303 -0.82 -6.79 53.47
N GLY C 304 -0.99 -6.87 54.79
CA GLY C 304 -1.89 -5.97 55.51
C GLY C 304 -1.07 -4.87 56.15
N VAL C 305 -1.49 -3.63 55.93
CA VAL C 305 -0.73 -2.47 56.39
C VAL C 305 -1.54 -1.68 57.40
N ARG C 306 -0.85 -1.10 58.36
CA ARG C 306 -1.49 -0.20 59.31
C ARG C 306 -1.49 1.22 58.77
N GLY C 307 -2.59 1.92 59.01
CA GLY C 307 -2.77 3.29 58.61
C GLY C 307 -4.02 3.45 57.77
N SER C 308 -4.31 4.71 57.44
CA SER C 308 -5.30 5.01 56.43
C SER C 308 -4.61 4.85 55.09
N ARG C 309 -5.38 4.57 54.06
CA ARG C 309 -4.69 4.29 52.82
C ARG C 309 -3.96 5.54 52.37
N PRO C 310 -2.75 5.41 51.85
CA PRO C 310 -2.00 6.58 51.40
C PRO C 310 -2.60 7.27 50.19
N GLU C 311 -2.43 8.60 50.14
CA GLU C 311 -2.96 9.37 49.01
C GLU C 311 -2.28 8.95 47.72
N ARG C 312 -1.03 8.51 47.82
CA ARG C 312 -0.35 7.94 46.66
C ARG C 312 -1.12 6.74 46.11
N ILE C 313 -1.65 5.89 47.00
CA ILE C 313 -2.41 4.72 46.57
C ILE C 313 -3.71 5.15 45.91
N GLY C 314 -4.52 5.93 46.64
CA GLY C 314 -5.70 6.52 46.04
C GLY C 314 -6.79 5.50 45.80
N ASP C 315 -7.60 5.75 44.77
CA ASP C 315 -8.70 4.85 44.44
C ASP C 315 -8.26 3.77 43.48
N LYS C 316 -6.98 3.44 43.49
CA LYS C 316 -6.45 2.61 42.45
C LYS C 316 -6.95 1.19 42.65
N CYS C 317 -6.88 0.37 41.59
CA CYS C 317 -7.49 -0.95 41.74
C CYS C 317 -6.52 -2.06 41.36
N TRP C 318 -6.20 -2.28 40.09
CA TRP C 318 -5.06 -3.13 39.77
C TRP C 318 -3.93 -2.31 39.20
N LEU C 319 -2.71 -2.79 39.43
CA LEU C 319 -1.49 -2.12 38.99
C LEU C 319 -0.59 -3.12 38.30
N TYR C 320 0.04 -2.70 37.21
CA TYR C 320 0.90 -3.57 36.41
C TYR C 320 2.36 -3.12 36.51
N PHE C 321 3.27 -4.10 36.58
CA PHE C 321 4.69 -3.88 36.86
C PHE C 321 5.56 -4.58 35.82
N PRO C 322 5.85 -3.93 34.69
CA PRO C 322 6.75 -4.54 33.69
C PRO C 322 8.23 -4.53 34.08
N GLU C 323 8.62 -3.77 35.09
CA GLU C 323 10.03 -3.53 35.37
C GLU C 323 10.64 -4.59 36.30
N ASP C 324 11.98 -4.59 36.36
CA ASP C 324 12.79 -5.55 37.11
C ASP C 324 12.83 -5.33 38.62
N ASN C 325 12.25 -4.26 39.13
CA ASN C 325 12.53 -3.92 40.52
C ASN C 325 11.56 -4.55 41.49
N CYS C 326 10.77 -5.55 41.06
CA CYS C 326 9.87 -6.28 41.94
C CYS C 326 9.50 -7.61 41.28
N PRO C 327 9.32 -8.67 42.06
CA PRO C 327 9.03 -9.98 41.47
C PRO C 327 7.62 -10.14 40.93
N PHE C 328 6.66 -9.34 41.40
CA PHE C 328 5.27 -9.53 41.03
C PHE C 328 4.94 -8.83 39.72
N TYR C 329 3.96 -9.38 39.01
CA TYR C 329 3.50 -8.76 37.77
C TYR C 329 2.28 -7.86 37.97
N ARG C 330 1.44 -8.13 38.96
CA ARG C 330 0.27 -7.31 39.22
C ARG C 330 0.11 -7.11 40.72
N ALA C 331 -0.48 -5.96 41.09
CA ALA C 331 -0.81 -5.64 42.48
C ALA C 331 -2.21 -5.05 42.55
N THR C 332 -2.85 -5.23 43.70
CA THR C 332 -4.20 -4.74 43.90
C THR C 332 -4.31 -4.09 45.26
N ILE C 333 -4.97 -2.95 45.34
CA ILE C 333 -5.26 -2.34 46.64
C ILE C 333 -6.55 -2.98 47.12
N PHE C 334 -6.45 -4.24 47.56
CA PHE C 334 -7.64 -5.04 47.86
C PHE C 334 -8.54 -4.34 48.87
N SER C 335 -7.97 -3.47 49.72
CA SER C 335 -8.74 -2.79 50.75
C SER C 335 -9.68 -1.73 50.18
N ASN C 336 -9.43 -1.25 48.95
CA ASN C 336 -10.38 -0.33 48.31
C ASN C 336 -11.62 -1.04 47.80
N TYR C 337 -11.55 -2.35 47.57
CA TYR C 337 -12.68 -3.04 46.97
C TYR C 337 -13.83 -3.17 47.96
N SER C 338 -13.54 -3.33 49.25
CA SER C 338 -14.63 -3.50 50.20
C SER C 338 -14.10 -3.21 51.60
N PRO C 339 -14.87 -2.50 52.43
CA PRO C 339 -14.43 -2.27 53.81
C PRO C 339 -14.26 -3.55 54.61
N TYR C 340 -14.90 -4.64 54.18
CA TYR C 340 -14.93 -5.90 54.91
C TYR C 340 -13.83 -6.85 54.45
N ASN C 341 -12.87 -6.37 53.67
CA ASN C 341 -11.72 -7.16 53.24
C ASN C 341 -10.56 -7.09 54.22
N GLN C 342 -10.75 -6.42 55.35
CA GLN C 342 -9.73 -6.22 56.38
C GLN C 342 -10.43 -5.74 57.67
N PRO C 343 -9.76 -5.86 58.82
CA PRO C 343 -10.45 -5.60 60.09
C PRO C 343 -10.93 -4.16 60.25
N GLU C 344 -11.94 -3.99 61.12
CA GLU C 344 -12.39 -2.66 61.56
C GLU C 344 -11.22 -1.87 62.14
N ALA C 345 -11.37 -0.54 62.13
CA ALA C 345 -10.32 0.30 62.71
C ALA C 345 -10.13 0.01 64.19
N SER C 346 -11.18 -0.43 64.88
CA SER C 346 -11.09 -0.70 66.32
C SER C 346 -10.33 -1.97 66.66
N ALA C 347 -10.05 -2.83 65.69
CA ALA C 347 -9.35 -4.07 65.95
C ALA C 347 -7.86 -3.82 66.21
N ALA C 348 -7.32 -4.49 67.22
CA ALA C 348 -5.94 -4.32 67.64
C ALA C 348 -5.09 -5.45 67.10
N LEU C 349 -3.98 -5.11 66.46
CA LEU C 349 -3.06 -6.09 65.90
C LEU C 349 -1.65 -5.59 66.13
N PRO C 350 -0.73 -6.48 66.50
CA PRO C 350 0.67 -6.09 66.60
C PRO C 350 1.29 -5.95 65.22
N THR C 351 2.24 -5.03 65.11
CA THR C 351 3.07 -4.92 63.92
C THR C 351 4.02 -6.11 63.85
N MET C 352 4.04 -6.81 62.72
CA MET C 352 4.91 -7.97 62.56
C MET C 352 6.30 -7.54 62.11
N GLN C 353 6.36 -6.54 61.24
CA GLN C 353 7.61 -6.04 60.67
C GLN C 353 7.31 -4.71 59.99
N LEU C 354 8.36 -3.96 59.72
CA LEU C 354 8.25 -2.80 58.86
C LEU C 354 8.56 -3.21 57.41
N ALA C 355 8.21 -2.33 56.48
CA ALA C 355 8.37 -2.71 55.09
C ALA C 355 9.85 -2.89 54.72
N ASP C 356 10.75 -2.20 55.41
CA ASP C 356 12.17 -2.37 55.13
C ASP C 356 12.76 -3.63 55.78
N GLY C 357 11.98 -4.39 56.56
CA GLY C 357 12.45 -5.61 57.19
C GLY C 357 12.73 -5.49 58.67
N SER C 358 12.83 -4.28 59.19
CA SER C 358 13.23 -4.11 60.58
C SER C 358 12.04 -4.40 61.50
N ARG C 359 12.36 -4.69 62.78
CA ARG C 359 11.43 -5.00 63.86
C ARG C 359 10.74 -3.74 64.35
N PRO C 360 9.49 -3.84 64.81
CA PRO C 360 8.78 -2.67 65.31
C PRO C 360 9.32 -2.25 66.67
N GLN C 361 8.91 -1.07 67.10
CA GLN C 361 9.31 -0.60 68.42
C GLN C 361 8.76 -1.51 69.50
N SER C 362 7.43 -1.63 69.59
CA SER C 362 6.78 -2.52 70.54
C SER C 362 6.09 -3.67 69.83
N THR C 363 6.07 -4.82 70.50
CA THR C 363 5.21 -5.91 70.08
C THR C 363 3.77 -5.70 70.55
N GLU C 364 3.47 -4.50 71.05
CA GLU C 364 2.13 -4.12 71.50
C GLU C 364 1.12 -4.15 70.36
N ALA C 365 -0.09 -4.57 70.70
CA ALA C 365 -1.20 -4.56 69.76
C ALA C 365 -1.83 -3.16 69.77
N LYS C 366 -1.69 -2.45 68.67
CA LYS C 366 -2.30 -1.14 68.49
C LYS C 366 -3.47 -1.27 67.51
N GLU C 367 -4.30 -0.24 67.46
CA GLU C 367 -5.45 -0.25 66.58
C GLU C 367 -5.06 0.06 65.12
N GLY C 368 -6.08 0.12 64.26
CA GLY C 368 -5.94 0.49 62.87
C GLY C 368 -6.17 1.98 62.67
N PRO C 369 -6.81 2.35 61.56
CA PRO C 369 -7.35 1.51 60.49
C PRO C 369 -6.29 0.76 59.68
N TYR C 370 -6.74 -0.06 58.74
CA TYR C 370 -5.82 -0.88 57.97
C TYR C 370 -6.09 -0.71 56.48
N TRP C 371 -5.10 -1.10 55.68
CA TRP C 371 -5.30 -1.27 54.26
C TRP C 371 -4.55 -2.54 53.86
N SER C 372 -4.72 -2.93 52.60
CA SER C 372 -4.42 -4.29 52.18
C SER C 372 -3.91 -4.30 50.75
N ILE C 373 -2.80 -4.98 50.51
CA ILE C 373 -2.21 -5.15 49.19
C ILE C 373 -2.17 -6.64 48.90
N MET C 374 -2.51 -7.01 47.66
CA MET C 374 -2.41 -8.36 47.14
C MET C 374 -1.51 -8.35 45.91
N LEU C 375 -0.59 -9.31 45.84
CA LEU C 375 0.38 -9.41 44.75
C LEU C 375 0.26 -10.76 44.07
N GLU C 376 0.76 -10.82 42.84
CA GLU C 376 0.80 -12.05 42.07
C GLU C 376 2.16 -12.18 41.42
N VAL C 377 2.81 -13.32 41.68
CA VAL C 377 4.11 -13.67 41.10
C VAL C 377 3.94 -15.00 40.39
N SER C 378 4.47 -15.10 39.17
CA SER C 378 4.35 -16.34 38.41
C SER C 378 5.65 -17.15 38.47
N GLU C 379 5.51 -18.46 38.33
CA GLU C 379 6.59 -19.44 38.38
C GLU C 379 6.39 -20.46 37.27
N SER C 380 7.48 -20.84 36.59
CA SER C 380 7.45 -21.92 35.59
C SER C 380 8.83 -22.55 35.51
N SER C 381 8.97 -23.54 34.63
CA SER C 381 10.27 -24.17 34.45
C SER C 381 11.33 -23.19 33.91
N MET C 382 10.93 -22.22 33.09
CA MET C 382 11.84 -21.23 32.52
C MET C 382 11.99 -19.98 33.40
N LYS C 383 11.28 -19.91 34.52
CA LYS C 383 11.30 -18.75 35.41
C LYS C 383 10.98 -19.22 36.82
N PRO C 384 11.97 -19.75 37.53
CA PRO C 384 11.73 -20.34 38.86
C PRO C 384 11.56 -19.29 39.95
N VAL C 385 11.04 -19.76 41.08
CA VAL C 385 10.68 -18.91 42.21
C VAL C 385 11.08 -19.58 43.49
N ASN C 386 11.87 -18.88 44.30
CA ASN C 386 12.33 -19.36 45.60
C ASN C 386 11.18 -19.29 46.60
N GLN C 387 10.63 -20.45 46.97
CA GLN C 387 9.50 -20.45 47.90
C GLN C 387 9.85 -19.81 49.24
N GLU C 388 11.12 -19.88 49.66
CA GLU C 388 11.47 -19.45 51.00
C GLU C 388 11.67 -17.92 51.12
N THR C 389 11.90 -17.22 50.02
CA THR C 389 12.14 -15.78 50.09
C THR C 389 11.15 -14.92 49.32
N ILE C 390 10.20 -15.49 48.56
CA ILE C 390 9.37 -14.64 47.70
C ILE C 390 8.58 -13.62 48.51
N LEU C 391 8.10 -14.00 49.70
CA LEU C 391 7.36 -13.04 50.52
C LEU C 391 8.23 -11.83 50.86
N ALA C 392 9.45 -12.06 51.34
CA ALA C 392 10.34 -10.94 51.62
C ALA C 392 10.69 -10.17 50.36
N ASP C 393 11.00 -10.86 49.27
CA ASP C 393 11.29 -10.19 48.02
C ASP C 393 10.09 -9.40 47.51
N CYS C 394 8.88 -9.87 47.80
CA CYS C 394 7.73 -9.09 47.39
C CYS C 394 7.65 -7.79 48.20
N ILE C 395 7.83 -7.88 49.52
CA ILE C 395 7.77 -6.68 50.36
C ILE C 395 8.84 -5.67 49.95
N GLN C 396 10.04 -6.13 49.60
CA GLN C 396 11.04 -5.20 49.09
C GLN C 396 10.57 -4.54 47.80
N GLY C 397 9.94 -5.31 46.93
CA GLY C 397 9.37 -4.74 45.71
C GLY C 397 8.34 -3.67 45.98
N LEU C 398 7.56 -3.84 47.06
CA LEU C 398 6.61 -2.79 47.43
C LEU C 398 7.31 -1.49 47.83
N VAL C 399 8.48 -1.59 48.46
CA VAL C 399 9.22 -0.38 48.79
C VAL C 399 9.82 0.24 47.54
N ASN C 400 10.31 -0.60 46.63
CA ASN C 400 10.93 -0.12 45.39
C ASN C 400 9.93 0.56 44.48
N THR C 401 8.72 0.06 44.43
CA THR C 401 7.71 0.65 43.56
C THR C 401 6.96 1.78 44.24
N GLU C 402 7.44 2.21 45.40
CA GLU C 402 6.86 3.32 46.16
C GLU C 402 5.41 3.05 46.54
N MET C 403 5.06 1.78 46.74
CA MET C 403 3.76 1.47 47.31
C MET C 403 3.76 1.49 48.82
N LEU C 404 4.88 1.13 49.42
CA LEU C 404 5.06 1.26 50.86
C LEU C 404 6.27 2.14 51.12
N LYS C 405 6.15 3.01 52.14
CA LYS C 405 7.31 3.66 52.73
C LYS C 405 8.08 2.65 53.57
N PRO C 406 9.40 2.80 53.69
CA PRO C 406 10.16 1.85 54.51
C PRO C 406 9.59 1.76 55.91
N THR C 407 8.89 2.81 56.36
CA THR C 407 8.40 2.85 57.73
C THR C 407 6.98 2.33 57.89
N ASP C 408 6.31 1.89 56.84
CA ASP C 408 4.97 1.36 56.99
C ASP C 408 4.98 0.10 57.86
N GLU C 409 3.93 -0.06 58.66
CA GLU C 409 3.82 -1.16 59.62
C GLU C 409 2.97 -2.28 59.04
N ILE C 410 3.57 -3.45 58.89
CA ILE C 410 2.88 -4.61 58.34
C ILE C 410 2.32 -5.43 59.50
N VAL C 411 1.03 -5.70 59.46
CA VAL C 411 0.33 -6.39 60.55
C VAL C 411 -0.16 -7.77 60.15
N SER C 412 -0.07 -8.15 58.88
CA SER C 412 -0.53 -9.46 58.44
C SER C 412 0.15 -9.80 57.13
N THR C 413 0.53 -11.07 56.97
CA THR C 413 1.07 -11.56 55.71
C THR C 413 0.36 -12.83 55.29
N TYR C 414 0.31 -13.03 53.97
CA TYR C 414 -0.34 -14.17 53.37
C TYR C 414 0.51 -14.62 52.19
N HIS C 415 0.66 -15.94 52.05
CA HIS C 415 1.32 -16.51 50.88
C HIS C 415 0.78 -17.90 50.61
N ARG C 416 0.11 -18.06 49.46
CA ARG C 416 -0.32 -19.37 48.99
C ARG C 416 0.20 -19.56 47.56
N ARG C 417 0.59 -20.78 47.24
CA ARG C 417 1.09 -21.11 45.89
C ARG C 417 0.12 -22.05 45.22
N PHE C 418 -0.29 -21.74 43.99
CA PHE C 418 -1.23 -22.55 43.24
C PHE C 418 -0.53 -23.21 42.05
N ASP C 419 -0.49 -24.55 42.06
CA ASP C 419 0.26 -25.28 41.03
C ASP C 419 -0.26 -24.97 39.62
N HIS C 420 -1.57 -25.07 39.42
CA HIS C 420 -2.17 -24.74 38.13
C HIS C 420 -2.71 -23.32 38.21
N GLY C 421 -1.94 -22.35 37.73
CA GLY C 421 -2.36 -20.96 37.77
C GLY C 421 -2.91 -20.45 36.46
N TYR C 422 -2.05 -20.38 35.44
CA TYR C 422 -2.45 -19.90 34.13
C TYR C 422 -2.19 -20.99 33.09
N PRO C 423 -3.19 -21.33 32.26
CA PRO C 423 -2.91 -22.17 31.09
C PRO C 423 -2.38 -21.33 29.94
N THR C 424 -1.14 -21.60 29.54
CA THR C 424 -0.38 -20.69 28.66
C THR C 424 -0.84 -20.77 27.21
N PRO C 425 -1.22 -19.66 26.60
CA PRO C 425 -1.52 -19.66 25.17
C PRO C 425 -0.27 -19.76 24.31
N THR C 426 0.37 -20.92 24.34
CA THR C 426 1.57 -21.13 23.51
C THR C 426 1.18 -21.30 22.04
N LEU C 427 2.19 -21.18 21.18
CA LEU C 427 1.98 -21.48 19.77
C LEU C 427 1.43 -22.89 19.57
N GLU C 428 1.90 -23.85 20.38
CA GLU C 428 1.56 -25.26 20.25
C GLU C 428 0.23 -25.63 20.90
N ARG C 429 -0.45 -24.70 21.58
CA ARG C 429 -1.60 -25.07 22.41
C ARG C 429 -2.74 -25.63 21.58
N GLU C 430 -3.11 -24.96 20.49
CA GLU C 430 -4.26 -25.47 19.74
C GLU C 430 -3.92 -26.79 19.06
N GLY C 431 -2.68 -26.93 18.60
CA GLY C 431 -2.28 -28.19 18.02
C GLY C 431 -2.50 -29.35 18.96
N THR C 432 -2.14 -29.16 20.23
CA THR C 432 -2.38 -30.21 21.22
C THR C 432 -3.85 -30.33 21.59
N LEU C 433 -4.51 -29.19 21.81
CA LEU C 433 -5.85 -29.21 22.39
C LEU C 433 -6.87 -29.83 21.44
N THR C 434 -6.69 -29.66 20.11
CA THR C 434 -7.59 -30.26 19.12
C THR C 434 -7.37 -31.74 18.94
N GLN C 435 -6.40 -32.33 19.62
CA GLN C 435 -6.29 -33.78 19.76
C GLN C 435 -6.95 -34.30 21.02
N ILE C 436 -7.02 -33.49 22.09
CA ILE C 436 -7.51 -33.96 23.38
C ILE C 436 -9.03 -33.92 23.43
N LEU C 437 -9.61 -32.80 23.08
CA LEU C 437 -11.04 -32.59 23.27
C LEU C 437 -11.88 -33.49 22.36
N PRO C 438 -11.52 -33.70 21.09
CA PRO C 438 -12.26 -34.70 20.29
C PRO C 438 -12.17 -36.11 20.87
N LYS C 439 -11.01 -36.52 21.37
CA LYS C 439 -10.90 -37.84 21.98
C LYS C 439 -11.79 -37.95 23.22
N LEU C 440 -11.79 -36.93 24.08
CA LEU C 440 -12.64 -36.98 25.27
C LEU C 440 -14.11 -36.83 24.90
N GLN C 441 -14.40 -36.13 23.82
CA GLN C 441 -15.78 -35.99 23.37
C GLN C 441 -16.35 -37.34 22.88
N ASP C 442 -15.53 -38.15 22.20
CA ASP C 442 -15.98 -39.46 21.74
C ASP C 442 -16.27 -40.42 22.88
N LYS C 443 -15.67 -40.22 24.05
CA LYS C 443 -15.98 -40.99 25.25
C LYS C 443 -17.09 -40.34 26.09
N ASP C 444 -17.82 -39.37 25.51
CA ASP C 444 -18.93 -38.65 26.16
C ASP C 444 -18.48 -37.84 27.37
N ILE C 445 -17.33 -37.19 27.26
CA ILE C 445 -16.80 -36.37 28.35
C ILE C 445 -16.64 -34.93 27.86
N TRP C 446 -17.34 -34.00 28.53
CA TRP C 446 -17.21 -32.56 28.27
C TRP C 446 -16.21 -31.99 29.27
N SER C 447 -14.95 -31.89 28.87
CA SER C 447 -13.93 -31.29 29.72
C SER C 447 -13.90 -29.78 29.48
N ARG C 448 -14.44 -29.01 30.41
CA ARG C 448 -14.60 -27.57 30.24
C ARG C 448 -14.07 -26.82 31.46
N GLY C 449 -13.48 -25.65 31.22
CA GLY C 449 -13.04 -24.79 32.30
C GLY C 449 -11.66 -24.19 32.10
N ARG C 450 -11.21 -23.38 33.06
CA ARG C 450 -9.89 -22.75 32.95
C ARG C 450 -8.81 -23.79 32.69
N PHE C 451 -8.89 -24.93 33.37
CA PHE C 451 -8.02 -26.05 33.06
C PHE C 451 -8.78 -27.27 32.57
N GLY C 452 -10.11 -27.27 32.68
CA GLY C 452 -10.90 -28.28 32.01
C GLY C 452 -10.80 -28.21 30.49
N SER C 453 -10.69 -26.99 29.93
CA SER C 453 -10.54 -26.83 28.49
C SER C 453 -9.34 -25.98 28.10
N TRP C 454 -8.60 -25.42 29.08
CA TRP C 454 -7.23 -24.95 28.94
C TRP C 454 -7.10 -23.71 28.06
N ARG C 455 -8.18 -22.97 27.84
CA ARG C 455 -8.09 -21.79 26.98
C ARG C 455 -8.21 -20.55 27.83
N TYR C 456 -7.07 -19.89 28.07
CA TYR C 456 -7.01 -18.74 28.97
C TYR C 456 -8.04 -17.66 28.65
N GLU C 457 -8.21 -17.32 27.37
CA GLU C 457 -9.08 -16.21 26.96
C GLU C 457 -10.56 -16.44 27.26
N VAL C 458 -10.99 -17.66 27.64
CA VAL C 458 -12.33 -17.84 28.18
C VAL C 458 -12.19 -18.41 29.58
N GLY C 459 -11.15 -17.98 30.29
CA GLY C 459 -10.81 -18.57 31.58
C GLY C 459 -11.09 -17.73 32.82
N ASN C 460 -11.62 -16.51 32.66
CA ASN C 460 -12.07 -15.77 33.82
C ASN C 460 -13.48 -16.23 34.22
N GLN C 461 -14.07 -15.57 35.22
CA GLN C 461 -15.15 -16.20 35.96
C GLN C 461 -16.44 -16.28 35.15
N ASP C 462 -16.75 -15.25 34.36
CA ASP C 462 -17.99 -15.29 33.60
C ASP C 462 -17.90 -16.31 32.46
N HIS C 463 -16.79 -16.29 31.71
CA HIS C 463 -16.62 -17.27 30.65
C HIS C 463 -16.67 -18.69 31.18
N SER C 464 -15.95 -18.97 32.25
CA SER C 464 -15.92 -20.34 32.77
C SER C 464 -17.29 -20.76 33.26
N PHE C 465 -17.97 -19.88 33.98
CA PHE C 465 -19.33 -20.18 34.41
C PHE C 465 -20.19 -20.55 33.21
N MET C 466 -20.03 -19.82 32.11
CA MET C 466 -20.86 -20.11 30.95
C MET C 466 -20.35 -21.34 30.18
N LEU C 467 -19.04 -21.61 30.22
CA LEU C 467 -18.53 -22.87 29.67
C LEU C 467 -19.33 -24.05 30.20
N GLY C 468 -19.62 -24.04 31.50
CA GLY C 468 -20.39 -25.12 32.09
C GLY C 468 -21.86 -25.04 31.74
N VAL C 469 -22.41 -23.82 31.65
CA VAL C 469 -23.80 -23.68 31.22
C VAL C 469 -23.95 -24.20 29.80
N GLU C 470 -23.12 -23.70 28.89
CA GLU C 470 -23.22 -24.11 27.49
C GLU C 470 -22.95 -25.59 27.32
N ALA C 471 -22.02 -26.14 28.09
CA ALA C 471 -21.81 -27.57 28.01
C ALA C 471 -23.06 -28.34 28.41
N VAL C 472 -23.76 -27.87 29.45
CA VAL C 472 -25.02 -28.53 29.83
C VAL C 472 -26.07 -28.28 28.77
N ASP C 473 -26.16 -27.04 28.29
CA ASP C 473 -27.11 -26.69 27.23
C ASP C 473 -26.85 -27.50 25.98
N ASN C 474 -25.59 -27.83 25.70
CA ASN C 474 -25.29 -28.67 24.55
C ASN C 474 -25.72 -30.10 24.81
N ILE C 475 -25.47 -30.60 26.02
CA ILE C 475 -25.81 -31.97 26.36
C ILE C 475 -27.31 -32.20 26.28
N VAL C 476 -28.09 -31.21 26.70
CA VAL C 476 -29.54 -31.35 26.74
C VAL C 476 -30.20 -30.81 25.49
N ASN C 477 -29.96 -29.54 25.17
CA ASN C 477 -30.79 -28.85 24.20
C ASN C 477 -30.11 -28.66 22.84
N GLY C 478 -28.97 -29.32 22.61
CA GLY C 478 -28.27 -29.14 21.35
C GLY C 478 -27.82 -27.71 21.08
N ALA C 479 -27.55 -26.93 22.12
CA ALA C 479 -27.07 -25.59 21.87
C ALA C 479 -25.61 -25.62 21.42
N VAL C 480 -25.20 -24.59 20.68
CA VAL C 480 -23.82 -24.50 20.25
C VAL C 480 -22.96 -24.12 21.44
N GLU C 481 -21.77 -24.72 21.54
CA GLU C 481 -20.84 -24.31 22.60
C GLU C 481 -20.08 -23.10 22.08
N LEU C 482 -20.74 -21.93 22.18
CA LEU C 482 -20.20 -20.71 21.56
C LEU C 482 -19.03 -20.14 22.32
N THR C 483 -19.08 -20.16 23.65
CA THR C 483 -17.96 -19.63 24.41
C THR C 483 -16.72 -20.48 24.21
N LEU C 484 -16.90 -21.81 24.24
CA LEU C 484 -15.77 -22.73 24.16
C LEU C 484 -15.00 -22.61 22.84
N ASN C 485 -15.72 -22.47 21.71
CA ASN C 485 -15.13 -22.56 20.38
C ASN C 485 -15.01 -21.24 19.64
N TYR C 486 -15.73 -20.19 20.06
CA TYR C 486 -15.76 -18.91 19.35
C TYR C 486 -15.69 -17.74 20.34
N PRO C 487 -14.55 -17.58 21.04
CA PRO C 487 -14.48 -16.57 22.09
C PRO C 487 -14.71 -15.14 21.59
N ASP C 488 -14.15 -14.78 20.44
CA ASP C 488 -14.34 -13.42 19.94
C ASP C 488 -15.79 -13.16 19.57
N PHE C 489 -16.55 -14.20 19.20
CA PHE C 489 -17.95 -13.99 18.91
C PHE C 489 -18.73 -13.60 20.15
N VAL C 490 -18.60 -14.38 21.24
CA VAL C 490 -19.36 -14.07 22.44
C VAL C 490 -18.90 -12.74 23.03
N ASN C 491 -17.59 -12.44 22.98
CA ASN C 491 -17.07 -11.20 23.56
C ASN C 491 -17.50 -9.96 22.80
N GLY C 492 -17.89 -10.08 21.55
CA GLY C 492 -18.24 -8.94 20.74
C GLY C 492 -19.72 -8.62 20.69
N ARG C 493 -20.52 -9.26 21.53
CA ARG C 493 -21.95 -9.04 21.48
C ARG C 493 -22.44 -9.07 22.91
N GLN C 494 -23.66 -8.62 23.12
CA GLN C 494 -24.30 -8.79 24.41
C GLN C 494 -25.18 -10.03 24.34
N ASN C 495 -24.90 -10.96 25.25
CA ASN C 495 -25.53 -12.28 25.23
C ASN C 495 -26.75 -12.22 26.13
N THR C 496 -27.87 -11.82 25.55
CA THR C 496 -29.09 -11.55 26.29
C THR C 496 -30.14 -12.65 26.18
N GLU C 497 -29.92 -13.66 25.33
CA GLU C 497 -31.01 -14.58 25.01
C GLU C 497 -31.23 -15.62 26.11
N ARG C 498 -30.14 -16.23 26.60
CA ARG C 498 -30.25 -17.19 27.69
C ARG C 498 -30.40 -16.45 29.00
N ARG C 499 -31.44 -16.78 29.74
CA ARG C 499 -31.76 -16.11 30.99
C ARG C 499 -32.09 -17.16 32.05
N LEU C 500 -32.03 -16.75 33.33
CA LEU C 500 -32.24 -17.69 34.42
C LEU C 500 -33.66 -18.22 34.45
N VAL C 501 -34.58 -17.50 33.83
CA VAL C 501 -35.92 -18.00 33.56
C VAL C 501 -36.16 -17.90 32.06
N ASP C 502 -36.14 -19.04 31.38
CA ASP C 502 -36.43 -19.10 29.97
C ASP C 502 -37.92 -19.41 29.76
N GLY C 503 -38.34 -19.50 28.50
CA GLY C 503 -39.71 -19.89 28.22
C GLY C 503 -40.05 -21.27 28.77
N ALA C 504 -39.10 -22.19 28.69
CA ALA C 504 -39.36 -23.57 29.10
C ALA C 504 -39.89 -23.65 30.52
N GLN C 505 -39.37 -22.83 31.43
CA GLN C 505 -39.83 -22.85 32.81
C GLN C 505 -41.11 -22.07 33.01
N VAL C 506 -41.31 -20.99 32.23
CA VAL C 506 -42.55 -20.21 32.30
C VAL C 506 -43.74 -21.07 31.85
N PHE C 507 -43.57 -21.83 30.76
CA PHE C 507 -44.63 -22.63 30.15
C PHE C 507 -44.93 -23.90 30.93
N ALA C 508 -44.49 -23.97 32.18
CA ALA C 508 -44.77 -25.10 33.08
C ALA C 508 -45.42 -24.51 34.34
N LYS C 509 -46.72 -24.25 34.24
CA LYS C 509 -47.53 -23.68 35.33
C LYS C 509 -49.03 -23.86 35.06
N HIS D 6 63.78 21.93 -19.65
CA HIS D 6 62.59 21.83 -20.49
C HIS D 6 62.56 20.50 -21.28
N PRO D 7 61.37 19.90 -21.46
CA PRO D 7 61.26 18.56 -22.05
C PRO D 7 61.28 18.57 -23.57
N ASP D 8 61.10 17.38 -24.15
CA ASP D 8 61.26 17.19 -25.60
C ASP D 8 60.11 17.80 -26.39
N ILE D 9 58.87 17.49 -26.02
CA ILE D 9 57.69 18.08 -26.63
C ILE D 9 56.84 18.70 -25.52
N SER D 10 56.15 19.79 -25.86
CA SER D 10 55.24 20.42 -24.92
C SER D 10 53.95 20.82 -25.64
N VAL D 11 52.81 20.47 -25.04
CA VAL D 11 51.49 20.82 -25.56
C VAL D 11 50.60 21.21 -24.39
N ASP D 12 49.43 21.78 -24.72
CA ASP D 12 48.48 22.19 -23.69
C ASP D 12 47.72 20.98 -23.11
N VAL D 13 47.02 20.22 -23.96
CA VAL D 13 46.31 19.01 -23.52
C VAL D 13 46.97 17.82 -24.22
N LEU D 14 47.34 16.81 -23.44
CA LEU D 14 47.91 15.58 -23.96
C LEU D 14 46.89 14.47 -23.84
N VAL D 15 46.58 13.80 -24.95
CA VAL D 15 45.64 12.69 -24.96
C VAL D 15 46.43 11.40 -25.09
N ILE D 16 46.32 10.53 -24.10
CA ILE D 16 46.98 9.23 -24.13
C ILE D 16 45.96 8.20 -24.57
N GLY D 17 46.23 7.53 -25.69
CA GLY D 17 45.36 6.47 -26.15
C GLY D 17 44.41 6.95 -27.23
N ALA D 18 44.29 6.18 -28.30
CA ALA D 18 43.46 6.58 -29.42
C ALA D 18 42.37 5.55 -29.69
N GLY D 19 41.80 4.99 -28.62
CA GLY D 19 40.50 4.40 -28.72
C GLY D 19 39.46 5.49 -28.90
N PRO D 20 38.18 5.09 -28.94
CA PRO D 20 37.11 6.07 -29.15
C PRO D 20 37.15 7.22 -28.16
N THR D 21 37.42 6.94 -26.88
CA THR D 21 37.54 8.02 -25.90
C THR D 21 38.61 9.00 -26.33
N GLY D 22 39.82 8.52 -26.58
CA GLY D 22 40.89 9.43 -26.94
C GLY D 22 40.61 10.14 -28.24
N LEU D 23 39.98 9.45 -29.19
CA LEU D 23 39.70 10.09 -30.46
C LEU D 23 38.63 11.17 -30.30
N GLY D 24 37.68 10.97 -29.39
CA GLY D 24 36.75 12.02 -29.01
C GLY D 24 37.46 13.27 -28.54
N ALA D 25 38.31 13.14 -27.51
CA ALA D 25 39.11 14.27 -27.06
C ALA D 25 39.84 14.94 -28.20
N ALA D 26 40.43 14.13 -29.08
CA ALA D 26 41.16 14.71 -30.20
C ALA D 26 40.23 15.42 -31.18
N LYS D 27 39.09 14.80 -31.52
CA LYS D 27 38.19 15.45 -32.48
C LYS D 27 37.76 16.80 -31.96
N ARG D 28 37.51 16.91 -30.66
CA ARG D 28 37.07 18.17 -30.07
C ARG D 28 38.22 19.16 -29.94
N LEU D 29 39.42 18.70 -29.53
CA LEU D 29 40.57 19.59 -29.50
C LEU D 29 40.86 20.16 -30.89
N ASN D 30 40.67 19.33 -31.92
CA ASN D 30 40.91 19.75 -33.30
C ASN D 30 39.83 20.71 -33.78
N GLN D 31 38.60 20.56 -33.29
CA GLN D 31 37.53 21.47 -33.65
C GLN D 31 37.72 22.85 -33.00
N ILE D 32 37.80 22.89 -31.67
CA ILE D 32 38.00 24.15 -30.96
C ILE D 32 39.15 24.91 -31.59
N ASP D 33 40.23 24.19 -31.94
CA ASP D 33 41.42 24.75 -32.56
C ASP D 33 41.95 25.94 -31.75
N GLY D 34 42.07 25.71 -30.44
CA GLY D 34 42.60 26.70 -29.54
C GLY D 34 43.92 26.26 -28.97
N PRO D 35 43.87 25.54 -27.85
CA PRO D 35 45.10 25.04 -27.23
C PRO D 35 45.77 23.99 -28.08
N SER D 36 47.11 23.99 -28.06
CA SER D 36 47.89 22.96 -28.73
C SER D 36 47.66 21.58 -28.10
N TRP D 37 47.87 20.53 -28.88
CA TRP D 37 47.65 19.17 -28.36
C TRP D 37 48.34 18.13 -29.23
N MET D 38 48.46 16.93 -28.68
CA MET D 38 48.98 15.76 -29.39
C MET D 38 48.29 14.54 -28.80
N ILE D 39 48.07 13.52 -29.63
CA ILE D 39 47.46 12.27 -29.19
C ILE D 39 48.45 11.13 -29.45
N VAL D 40 48.59 10.25 -28.47
CA VAL D 40 49.55 9.15 -28.53
C VAL D 40 48.83 7.82 -28.32
N ASP D 41 49.39 6.76 -28.90
CA ASP D 41 48.87 5.40 -28.71
C ASP D 41 50.00 4.42 -29.02
N SER D 42 50.06 3.33 -28.24
CA SER D 42 51.06 2.27 -28.41
C SER D 42 50.77 1.36 -29.61
N ASN D 43 49.58 1.47 -30.19
CA ASN D 43 49.18 0.69 -31.35
C ASN D 43 49.31 1.58 -32.57
N GLU D 44 50.02 1.11 -33.59
CA GLU D 44 50.12 1.88 -34.83
C GLU D 44 48.76 2.09 -35.48
N THR D 45 47.77 1.26 -35.14
CA THR D 45 46.44 1.32 -35.74
C THR D 45 45.46 1.97 -34.76
N PRO D 46 44.87 3.11 -35.09
CA PRO D 46 43.93 3.74 -34.15
C PRO D 46 42.66 2.92 -34.01
N GLY D 47 42.05 3.00 -32.82
CA GLY D 47 40.74 2.43 -32.58
C GLY D 47 40.62 1.62 -31.31
N GLY D 48 41.74 1.27 -30.67
CA GLY D 48 41.77 0.47 -29.45
C GLY D 48 40.95 -0.80 -29.52
N LEU D 49 40.35 -1.16 -28.39
CA LEU D 49 39.54 -2.36 -28.33
C LEU D 49 38.25 -2.27 -29.22
N ALA D 50 38.07 -1.21 -30.00
CA ALA D 50 37.01 -1.12 -31.00
C ALA D 50 37.52 -1.36 -32.41
N SER D 51 38.68 -2.02 -32.55
CA SER D 51 39.28 -2.32 -33.85
C SER D 51 38.71 -3.62 -34.41
N THR D 52 39.15 -3.96 -35.61
CA THR D 52 38.69 -5.16 -36.30
C THR D 52 39.88 -6.02 -36.70
N ASP D 53 39.84 -7.29 -36.33
CA ASP D 53 40.85 -8.24 -36.79
C ASP D 53 40.36 -8.98 -38.03
N VAL D 54 41.31 -9.59 -38.73
CA VAL D 54 41.02 -10.40 -39.89
C VAL D 54 41.84 -11.69 -39.80
N THR D 55 41.19 -12.82 -40.04
CA THR D 55 41.89 -14.11 -40.04
C THR D 55 42.77 -14.25 -41.28
N PRO D 56 43.72 -15.18 -41.26
CA PRO D 56 44.48 -15.44 -42.49
C PRO D 56 43.59 -15.81 -43.67
N GLU D 57 42.35 -16.27 -43.43
CA GLU D 57 41.46 -16.73 -44.48
C GLU D 57 40.48 -15.66 -44.96
N GLY D 58 40.50 -14.45 -44.38
CA GLY D 58 39.71 -13.34 -44.87
C GLY D 58 38.41 -13.03 -44.16
N PHE D 59 38.19 -13.58 -42.97
CA PHE D 59 37.01 -13.30 -42.17
C PHE D 59 37.34 -12.23 -41.15
N LEU D 60 36.52 -11.17 -41.12
CA LEU D 60 36.71 -10.08 -40.17
C LEU D 60 35.99 -10.39 -38.87
N TYR D 61 36.57 -9.92 -37.77
CA TYR D 61 35.93 -10.05 -36.46
C TYR D 61 36.19 -8.82 -35.61
N ASP D 62 35.13 -8.11 -35.26
CA ASP D 62 35.14 -7.08 -34.22
C ASP D 62 35.31 -7.73 -32.86
N VAL D 63 35.67 -6.92 -31.87
CA VAL D 63 35.51 -7.35 -30.48
C VAL D 63 34.04 -7.18 -30.00
N VAL D 67 28.20 -3.19 -32.09
CA VAL D 67 26.92 -2.56 -32.45
C VAL D 67 26.70 -1.23 -31.70
N ILE D 68 26.43 -0.15 -32.46
CA ILE D 68 26.29 1.20 -31.90
C ILE D 68 24.82 1.59 -31.85
N PHE D 69 24.52 2.48 -30.92
CA PHE D 69 23.29 3.26 -30.83
C PHE D 69 23.72 4.59 -30.25
N SER D 70 23.36 5.67 -30.94
CA SER D 70 23.95 6.97 -30.67
C SER D 70 23.03 7.86 -29.85
N HIS D 71 23.56 8.41 -28.76
CA HIS D 71 22.80 9.31 -27.91
C HIS D 71 23.11 10.76 -28.22
N TYR D 72 24.02 11.01 -29.14
CA TYR D 72 24.56 12.34 -29.33
C TYR D 72 24.56 12.67 -30.81
N LYS D 73 23.99 13.83 -31.17
CA LYS D 73 24.13 14.26 -32.55
C LYS D 73 25.58 14.57 -32.87
N TYR D 74 26.42 14.86 -31.85
CA TYR D 74 27.84 15.09 -32.12
C TYR D 74 28.53 13.82 -32.59
N PHE D 75 28.20 12.67 -31.96
CA PHE D 75 28.71 11.39 -32.40
C PHE D 75 28.37 11.16 -33.87
N ASP D 76 27.10 11.36 -34.22
CA ASP D 76 26.65 11.22 -35.60
C ASP D 76 27.48 12.11 -36.54
N ASP D 77 27.74 13.35 -36.12
CA ASP D 77 28.51 14.28 -36.95
C ASP D 77 29.91 13.76 -37.23
N CYS D 78 30.53 13.07 -36.26
CA CYS D 78 31.89 12.61 -36.48
C CYS D 78 31.92 11.39 -37.38
N LEU D 79 30.97 10.46 -37.18
CA LEU D 79 30.79 9.33 -38.09
C LEU D 79 30.40 9.80 -39.49
N ASP D 80 29.35 10.63 -39.58
CA ASP D 80 28.89 11.11 -40.89
C ASP D 80 30.01 11.83 -41.62
N GLU D 81 30.94 12.46 -40.89
CA GLU D 81 32.11 13.08 -41.53
C GLU D 81 33.09 12.01 -42.02
N ALA D 82 33.30 10.97 -41.21
CA ALA D 82 34.30 9.97 -41.53
C ALA D 82 33.88 9.12 -42.74
N LEU D 83 32.61 8.72 -42.78
CA LEU D 83 32.08 7.86 -43.84
C LEU D 83 30.82 8.50 -44.40
N PRO D 84 30.95 9.40 -45.38
CA PRO D 84 29.79 10.23 -45.75
C PRO D 84 28.88 9.70 -46.85
N LYS D 85 29.32 8.71 -47.63
CA LYS D 85 28.48 8.19 -48.71
C LYS D 85 27.58 7.09 -48.15
N GLU D 86 26.36 7.01 -48.68
CA GLU D 86 25.38 6.07 -48.13
C GLU D 86 25.86 4.63 -48.26
N ASP D 87 26.64 4.33 -49.27
CA ASP D 87 27.16 2.98 -49.45
C ASP D 87 28.42 2.71 -48.61
N ASP D 88 28.71 3.55 -47.63
CA ASP D 88 29.74 3.23 -46.64
C ASP D 88 29.15 2.49 -45.44
N TRP D 89 27.82 2.40 -45.37
CA TRP D 89 27.08 1.86 -44.24
C TRP D 89 26.02 0.89 -44.72
N TYR D 90 25.62 -0.02 -43.84
CA TYR D 90 24.43 -0.82 -44.04
C TYR D 90 23.47 -0.61 -42.87
N THR D 91 22.17 -0.70 -43.14
CA THR D 91 21.12 -0.49 -42.13
C THR D 91 20.41 -1.81 -41.83
N HIS D 92 20.36 -2.19 -40.56
CA HIS D 92 19.68 -3.42 -40.14
C HIS D 92 18.77 -3.16 -38.97
N GLN D 93 17.72 -3.96 -38.86
CA GLN D 93 16.83 -3.89 -37.72
C GLN D 93 17.49 -4.49 -36.48
N ARG D 94 17.19 -3.90 -35.30
CA ARG D 94 17.75 -4.35 -34.03
C ARG D 94 17.12 -5.68 -33.60
N ILE D 95 17.76 -6.79 -33.95
CA ILE D 95 17.17 -8.13 -33.89
C ILE D 95 18.02 -8.98 -32.95
N SER D 96 17.45 -9.37 -31.82
CA SER D 96 18.17 -10.21 -30.89
C SER D 96 17.22 -11.22 -30.27
N TYR D 97 17.79 -12.36 -29.86
CA TYR D 97 17.02 -13.46 -29.30
C TYR D 97 17.73 -14.06 -28.10
N VAL D 98 16.94 -14.70 -27.24
CA VAL D 98 17.44 -15.50 -26.12
C VAL D 98 17.29 -16.97 -26.49
N ARG D 99 18.38 -17.71 -26.42
CA ARG D 99 18.32 -19.15 -26.62
C ARG D 99 17.83 -19.76 -25.32
N CYS D 100 16.62 -20.29 -25.33
CA CYS D 100 16.05 -20.85 -24.10
C CYS D 100 15.24 -22.09 -24.41
N GLN D 101 15.64 -23.22 -23.85
CA GLN D 101 14.91 -24.49 -23.95
C GLN D 101 14.52 -24.80 -25.38
N GLY D 102 15.52 -24.93 -26.24
CA GLY D 102 15.34 -25.32 -27.63
C GLY D 102 14.70 -24.29 -28.54
N GLN D 103 14.36 -23.12 -28.03
CA GLN D 103 13.68 -22.08 -28.78
C GLN D 103 14.55 -20.84 -28.90
N TRP D 104 14.40 -20.11 -30.00
CA TRP D 104 14.96 -18.76 -30.13
C TRP D 104 13.86 -17.77 -29.78
N VAL D 105 13.88 -17.28 -28.55
CA VAL D 105 12.81 -16.45 -28.00
C VAL D 105 13.12 -15.00 -28.33
N PRO D 106 12.25 -14.30 -29.08
CA PRO D 106 12.56 -12.93 -29.47
C PRO D 106 12.72 -12.09 -28.22
N TYR D 107 13.51 -11.03 -28.36
CA TYR D 107 13.74 -10.13 -27.23
C TYR D 107 12.73 -8.99 -27.26
N PRO D 108 12.20 -8.48 -26.14
CA PRO D 108 12.52 -8.84 -24.75
C PRO D 108 11.85 -10.12 -24.26
N PHE D 109 12.64 -10.91 -23.53
CA PHE D 109 12.28 -12.28 -23.16
C PHE D 109 10.86 -12.37 -22.58
N GLN D 110 10.50 -11.47 -21.67
CA GLN D 110 9.27 -11.65 -20.90
C GLN D 110 8.05 -11.49 -21.80
N ASN D 111 8.18 -10.73 -22.88
CA ASN D 111 7.06 -10.56 -23.81
C ASN D 111 6.88 -11.75 -24.73
N ASN D 112 7.69 -12.79 -24.59
CA ASN D 112 7.63 -13.89 -25.53
C ASN D 112 7.67 -15.23 -24.83
N ILE D 113 7.37 -15.30 -23.54
CA ILE D 113 7.42 -16.59 -22.86
C ILE D 113 6.32 -17.51 -23.38
N SER D 114 5.46 -17.02 -24.29
CA SER D 114 4.47 -17.92 -24.88
C SER D 114 5.11 -19.08 -25.66
N MET D 115 6.41 -19.00 -25.96
CA MET D 115 7.11 -20.08 -26.61
C MET D 115 7.54 -21.19 -25.65
N LEU D 116 7.45 -20.98 -24.35
CA LEU D 116 7.83 -21.99 -23.39
C LEU D 116 6.66 -22.90 -23.07
N PRO D 117 6.92 -24.05 -22.45
CA PRO D 117 5.80 -24.92 -22.05
C PRO D 117 4.80 -24.19 -21.16
N LYS D 118 3.54 -24.59 -21.32
CA LYS D 118 2.45 -24.01 -20.54
C LYS D 118 2.71 -24.10 -19.04
N GLU D 119 3.16 -25.26 -18.54
CA GLU D 119 3.39 -25.35 -17.10
C GLU D 119 4.43 -24.32 -16.63
N GLU D 120 5.39 -24.00 -17.49
CA GLU D 120 6.40 -23.00 -17.15
C GLU D 120 5.88 -21.57 -17.29
N GLN D 121 4.99 -21.32 -18.26
CA GLN D 121 4.32 -20.04 -18.35
C GLN D 121 3.62 -19.69 -17.04
N VAL D 122 2.97 -20.67 -16.41
CA VAL D 122 2.28 -20.44 -15.14
C VAL D 122 3.27 -20.01 -14.06
N LYS D 123 4.44 -20.65 -13.99
CA LYS D 123 5.40 -20.25 -12.97
C LYS D 123 5.88 -18.82 -13.22
N CYS D 124 6.04 -18.44 -14.49
CA CYS D 124 6.52 -17.10 -14.81
C CYS D 124 5.51 -16.03 -14.41
N ILE D 125 4.27 -16.17 -14.88
CA ILE D 125 3.24 -15.18 -14.61
C ILE D 125 2.96 -15.10 -13.11
N ASP D 126 2.93 -16.26 -12.43
CA ASP D 126 2.72 -16.25 -10.99
C ASP D 126 3.84 -15.49 -10.30
N GLY D 127 5.07 -15.67 -10.78
CA GLY D 127 6.19 -14.91 -10.25
C GLY D 127 6.04 -13.43 -10.56
N MET D 128 5.54 -13.11 -11.75
CA MET D 128 5.42 -11.70 -12.07
C MET D 128 4.24 -11.05 -11.34
N ILE D 129 3.18 -11.80 -11.05
CA ILE D 129 2.09 -11.25 -10.25
C ILE D 129 2.59 -10.86 -8.89
N ASP D 130 3.38 -11.73 -8.28
CA ASP D 130 4.02 -11.39 -7.00
C ASP D 130 4.84 -10.12 -7.14
N ALA D 131 5.57 -10.00 -8.24
CA ALA D 131 6.41 -8.83 -8.43
C ALA D 131 5.56 -7.58 -8.53
N ALA D 132 4.45 -7.64 -9.28
CA ALA D 132 3.58 -6.48 -9.46
C ALA D 132 2.93 -6.06 -8.15
N LEU D 133 2.52 -7.02 -7.33
CA LEU D 133 1.87 -6.66 -6.07
C LEU D 133 2.87 -6.04 -5.10
N GLU D 134 4.11 -6.58 -5.08
CA GLU D 134 5.14 -5.95 -4.26
C GLU D 134 5.39 -4.52 -4.76
N ALA D 135 5.51 -4.37 -6.08
CA ALA D 135 5.82 -3.06 -6.65
C ALA D 135 4.77 -2.02 -6.31
N ARG D 136 3.53 -2.44 -6.07
CA ARG D 136 2.44 -1.52 -5.76
C ARG D 136 2.59 -0.86 -4.40
N VAL D 137 3.32 -1.46 -3.48
CA VAL D 137 3.56 -0.95 -2.14
C VAL D 137 5.04 -0.72 -1.87
N ALA D 138 5.87 -0.78 -2.90
CA ALA D 138 7.29 -0.59 -2.69
C ALA D 138 7.59 0.83 -2.22
N ASN D 139 8.55 0.97 -1.30
CA ASN D 139 9.00 2.30 -0.92
C ASN D 139 10.51 2.39 -0.81
N THR D 140 11.25 1.42 -1.36
CA THR D 140 12.71 1.45 -1.39
C THR D 140 13.18 1.23 -2.82
N LYS D 141 14.37 1.70 -3.11
CA LYS D 141 15.03 1.32 -4.35
C LYS D 141 15.72 -0.05 -4.18
N PRO D 142 15.86 -0.81 -5.24
CA PRO D 142 16.64 -2.04 -5.11
C PRO D 142 18.08 -1.67 -4.83
N LYS D 143 18.74 -2.50 -4.05
CA LYS D 143 20.12 -2.25 -3.62
C LYS D 143 21.16 -3.04 -4.40
N THR D 144 20.81 -4.25 -4.86
CA THR D 144 21.66 -5.08 -5.70
C THR D 144 21.03 -5.31 -7.07
N PHE D 145 21.89 -5.61 -8.06
CA PHE D 145 21.43 -5.97 -9.40
C PHE D 145 20.38 -7.09 -9.35
N ASP D 146 20.64 -8.13 -8.56
CA ASP D 146 19.67 -9.23 -8.42
C ASP D 146 18.32 -8.72 -7.95
N GLU D 147 18.33 -7.86 -6.93
CA GLU D 147 17.10 -7.26 -6.44
C GLU D 147 16.35 -6.57 -7.59
N TRP D 148 17.10 -5.84 -8.42
CA TRP D 148 16.51 -5.12 -9.53
C TRP D 148 15.82 -6.08 -10.50
N ILE D 149 16.48 -7.19 -10.80
CA ILE D 149 15.96 -8.18 -11.71
C ILE D 149 14.64 -8.75 -11.19
N VAL D 150 14.63 -9.24 -9.95
CA VAL D 150 13.43 -9.91 -9.46
C VAL D 150 12.28 -8.92 -9.39
N ARG D 151 12.56 -7.67 -9.01
CA ARG D 151 11.51 -6.68 -8.97
C ARG D 151 10.97 -6.34 -10.35
N MET D 152 11.78 -6.54 -11.38
CA MET D 152 11.32 -6.28 -12.74
C MET D 152 10.56 -7.48 -13.33
N MET D 153 11.04 -8.70 -13.05
CA MET D 153 10.58 -9.90 -13.75
C MET D 153 9.88 -10.93 -12.87
N GLY D 154 10.05 -10.89 -11.56
CA GLY D 154 9.64 -11.99 -10.71
C GLY D 154 10.63 -13.14 -10.76
N THR D 155 10.44 -14.08 -9.83
CA THR D 155 11.41 -15.16 -9.66
C THR D 155 11.51 -16.02 -10.92
N GLY D 156 10.38 -16.53 -11.39
CA GLY D 156 10.35 -17.37 -12.58
C GLY D 156 11.09 -16.81 -13.77
N ILE D 157 10.73 -15.60 -14.22
CA ILE D 157 11.37 -15.04 -15.41
C ILE D 157 12.83 -14.65 -15.12
N ALA D 158 13.13 -14.26 -13.88
CA ALA D 158 14.53 -13.97 -13.53
C ALA D 158 15.40 -15.22 -13.63
N ASP D 159 14.90 -16.37 -13.18
CA ASP D 159 15.72 -17.58 -13.17
C ASP D 159 16.00 -18.11 -14.57
N LEU D 160 15.07 -17.91 -15.51
CA LEU D 160 15.26 -18.44 -16.85
C LEU D 160 16.29 -17.64 -17.63
N PHE D 161 16.37 -16.34 -17.38
CA PHE D 161 17.23 -15.57 -18.27
C PHE D 161 18.19 -14.63 -17.54
N MET D 162 17.66 -13.57 -16.92
CA MET D 162 18.55 -12.48 -16.55
C MET D 162 19.51 -12.89 -15.46
N ARG D 163 19.09 -13.78 -14.55
CA ARG D 163 20.02 -14.25 -13.52
C ARG D 163 21.10 -15.13 -14.14
N PRO D 164 20.81 -16.27 -14.75
CA PRO D 164 21.91 -17.10 -15.27
C PRO D 164 22.73 -16.41 -16.33
N TYR D 165 22.10 -15.56 -17.15
CA TYR D 165 22.83 -14.89 -18.23
C TYR D 165 23.85 -13.89 -17.68
N ASN D 166 23.44 -13.08 -16.71
CA ASN D 166 24.36 -12.06 -16.25
C ASN D 166 25.53 -12.67 -15.49
N PHE D 167 25.35 -13.85 -14.91
CA PHE D 167 26.49 -14.55 -14.34
C PHE D 167 27.47 -14.95 -15.44
N LYS D 168 26.97 -15.40 -16.57
CA LYS D 168 27.91 -15.78 -17.63
C LYS D 168 28.63 -14.58 -18.19
N VAL D 169 28.00 -13.41 -18.15
CA VAL D 169 28.64 -12.18 -18.63
C VAL D 169 29.69 -11.68 -17.64
N TRP D 170 29.29 -11.46 -16.39
CA TRP D 170 30.16 -10.71 -15.48
C TRP D 170 31.11 -11.60 -14.70
N ALA D 171 30.81 -12.89 -14.64
CA ALA D 171 31.58 -13.84 -13.85
C ALA D 171 31.57 -13.45 -12.38
N VAL D 172 30.53 -12.73 -11.98
CA VAL D 172 30.15 -12.57 -10.57
C VAL D 172 28.64 -12.73 -10.45
N PRO D 173 28.17 -13.21 -9.31
CA PRO D 173 26.72 -13.37 -9.15
C PRO D 173 26.04 -12.00 -9.10
N THR D 174 24.78 -11.98 -9.53
CA THR D 174 24.03 -10.74 -9.56
C THR D 174 23.85 -10.13 -8.18
N THR D 175 23.92 -10.91 -7.10
CA THR D 175 23.77 -10.34 -5.76
C THR D 175 24.98 -9.52 -5.32
N LYS D 176 26.10 -9.57 -6.05
CA LYS D 176 27.32 -8.87 -5.68
C LYS D 176 27.59 -7.69 -6.59
N MET D 177 26.60 -7.28 -7.39
CA MET D 177 26.71 -6.13 -8.29
C MET D 177 25.70 -5.06 -7.88
N GLN D 178 26.06 -3.80 -8.10
CA GLN D 178 25.13 -2.72 -7.84
C GLN D 178 24.13 -2.63 -9.01
N CYS D 179 23.20 -1.69 -8.93
CA CYS D 179 22.22 -1.55 -10.00
C CYS D 179 21.88 -0.10 -10.34
N ALA D 180 22.51 0.90 -9.70
CA ALA D 180 22.34 2.28 -10.14
C ALA D 180 22.71 2.45 -11.61
N TRP D 181 23.61 1.58 -12.12
CA TRP D 181 24.09 1.70 -13.50
C TRP D 181 23.03 1.33 -14.52
N LEU D 182 21.95 0.69 -14.09
CA LEU D 182 20.86 0.36 -15.01
C LEU D 182 19.93 1.55 -15.26
N GLY D 183 20.02 2.59 -14.45
CA GLY D 183 19.18 3.77 -14.66
C GLY D 183 18.20 3.95 -13.53
N GLU D 184 17.42 5.02 -13.65
CA GLU D 184 16.43 5.41 -12.65
C GLU D 184 15.03 4.89 -12.97
N ARG D 185 14.86 4.12 -14.05
CA ARG D 185 13.60 3.45 -14.32
C ARG D 185 13.19 2.56 -13.16
N VAL D 186 11.97 2.78 -12.63
CA VAL D 186 11.49 2.05 -11.46
C VAL D 186 11.42 0.56 -11.77
N ALA D 187 11.82 -0.26 -10.78
CA ALA D 187 11.95 -1.70 -10.99
C ALA D 187 10.61 -2.39 -10.74
N ALA D 188 9.72 -2.28 -11.73
CA ALA D 188 8.38 -2.84 -11.67
C ALA D 188 8.10 -3.59 -12.97
N PRO D 189 7.16 -4.53 -12.96
CA PRO D 189 6.79 -5.22 -14.18
C PRO D 189 5.60 -4.60 -14.90
N ASN D 190 5.62 -4.77 -16.23
CA ASN D 190 4.43 -4.52 -17.05
C ASN D 190 3.69 -5.83 -17.19
N LEU D 191 2.98 -6.18 -16.13
CA LEU D 191 2.27 -7.45 -16.09
C LEU D 191 1.27 -7.55 -17.23
N LYS D 192 0.54 -6.47 -17.54
CA LYS D 192 -0.43 -6.52 -18.63
C LYS D 192 0.22 -6.89 -19.96
N ALA D 193 1.41 -6.33 -20.23
CA ALA D 193 2.09 -6.66 -21.49
C ALA D 193 2.42 -8.14 -21.56
N VAL D 194 3.05 -8.65 -20.50
CA VAL D 194 3.47 -10.05 -20.50
C VAL D 194 2.26 -10.97 -20.59
N THR D 195 1.28 -10.69 -19.76
CA THR D 195 0.10 -11.54 -19.66
C THR D 195 -0.68 -11.55 -20.97
N THR D 196 -0.75 -10.40 -21.66
CA THR D 196 -1.50 -10.31 -22.90
C THR D 196 -0.87 -11.15 -24.02
N ASN D 197 0.44 -11.09 -24.18
CA ASN D 197 1.05 -11.89 -25.23
C ASN D 197 0.92 -13.39 -24.92
N VAL D 198 0.92 -13.77 -23.64
CA VAL D 198 0.67 -15.17 -23.28
C VAL D 198 -0.74 -15.58 -23.69
N ILE D 199 -1.73 -14.75 -23.38
CA ILE D 199 -3.11 -15.08 -23.71
C ILE D 199 -3.28 -15.18 -25.22
N LEU D 200 -2.73 -14.24 -25.96
CA LEU D 200 -2.91 -14.25 -27.40
C LEU D 200 -2.02 -15.29 -28.07
N GLY D 201 -1.00 -15.79 -27.37
CA GLY D 201 0.00 -16.64 -28.02
C GLY D 201 0.89 -15.89 -28.97
N LYS D 202 1.07 -14.59 -28.77
CA LYS D 202 1.84 -13.75 -29.66
C LYS D 202 3.33 -13.79 -29.30
N THR D 203 4.18 -13.64 -30.33
CA THR D 203 5.60 -13.33 -30.16
C THR D 203 5.94 -12.09 -30.96
N ALA D 204 6.66 -11.15 -30.34
CA ALA D 204 7.19 -10.02 -31.09
C ALA D 204 8.45 -9.49 -30.41
N GLY D 205 9.36 -8.97 -31.24
CA GLY D 205 10.57 -8.33 -30.75
C GLY D 205 10.56 -6.80 -30.90
N ASN D 206 11.50 -6.18 -30.20
CA ASN D 206 11.65 -4.72 -30.19
C ASN D 206 12.41 -4.21 -31.43
N TRP D 207 11.90 -4.57 -32.62
CA TRP D 207 12.51 -4.09 -33.87
C TRP D 207 11.49 -3.85 -34.99
N ASN D 210 11.70 -0.75 -38.34
CA ASN D 210 11.56 0.68 -38.04
C ASN D 210 12.52 1.17 -36.93
N ALA D 211 13.16 0.20 -36.26
CA ALA D 211 14.09 0.42 -35.14
C ALA D 211 15.42 -0.20 -35.56
N THR D 212 16.32 0.64 -36.06
CA THR D 212 17.48 0.18 -36.82
C THR D 212 18.80 0.51 -36.13
N PHE D 213 19.87 0.06 -36.77
CA PHE D 213 21.24 0.46 -36.47
C PHE D 213 22.01 0.38 -37.78
N ARG D 214 23.13 1.08 -37.84
CA ARG D 214 23.95 1.06 -39.04
C ARG D 214 25.32 0.46 -38.73
N PHE D 215 25.88 -0.20 -39.74
CA PHE D 215 27.14 -0.87 -39.59
C PHE D 215 28.05 -0.53 -40.77
N PRO D 216 29.36 -0.40 -40.56
CA PRO D 216 30.24 -0.03 -41.67
C PRO D 216 30.20 -1.08 -42.75
N ALA D 217 30.17 -0.63 -44.01
CA ALA D 217 30.15 -1.58 -45.12
C ALA D 217 31.46 -2.36 -45.22
N ARG D 218 32.60 -1.69 -44.99
CA ARG D 218 33.90 -2.31 -45.12
C ARG D 218 34.72 -2.02 -43.88
N GLY D 219 35.65 -2.92 -43.58
CA GLY D 219 36.55 -2.72 -42.48
C GLY D 219 36.04 -3.15 -41.13
N GLY D 220 34.77 -3.56 -41.00
CA GLY D 220 34.26 -3.74 -39.66
C GLY D 220 34.19 -2.44 -38.84
N THR D 221 33.91 -2.61 -37.56
CA THR D 221 33.77 -1.45 -36.66
C THR D 221 35.05 -0.63 -36.60
N GLY D 222 36.20 -1.29 -36.46
CA GLY D 222 37.46 -0.56 -36.39
C GLY D 222 37.75 0.27 -37.62
N GLY D 223 37.00 0.06 -38.71
CA GLY D 223 37.12 0.91 -39.87
C GLY D 223 36.54 2.29 -39.65
N ILE D 224 35.47 2.40 -38.85
CA ILE D 224 34.96 3.69 -38.44
C ILE D 224 36.09 4.51 -37.83
N TRP D 225 36.78 3.91 -36.86
CA TRP D 225 37.75 4.67 -36.09
C TRP D 225 38.99 5.01 -36.92
N ILE D 226 39.32 4.17 -37.91
CA ILE D 226 40.35 4.55 -38.87
C ILE D 226 39.93 5.80 -39.63
N ALA D 227 38.66 5.86 -40.06
CA ALA D 227 38.19 6.99 -40.86
C ALA D 227 38.16 8.26 -40.02
N VAL D 228 37.57 8.18 -38.83
CA VAL D 228 37.55 9.31 -37.89
C VAL D 228 38.97 9.80 -37.61
N ALA D 229 39.92 8.87 -37.36
CA ALA D 229 41.27 9.31 -37.06
C ALA D 229 41.91 10.02 -38.24
N ASN D 230 41.52 9.67 -39.47
CA ASN D 230 42.10 10.32 -40.65
C ASN D 230 41.74 11.80 -40.77
N THR D 231 40.68 12.27 -40.09
CA THR D 231 40.32 13.68 -40.17
C THR D 231 41.25 14.56 -39.34
N LEU D 232 42.01 13.98 -38.42
CA LEU D 232 42.90 14.75 -37.58
C LEU D 232 44.14 15.20 -38.38
N PRO D 233 44.78 16.29 -37.98
CA PRO D 233 46.08 16.64 -38.57
C PRO D 233 47.12 15.58 -38.23
N LYS D 234 47.76 15.02 -39.27
CA LYS D 234 48.66 13.89 -39.07
C LYS D 234 49.81 14.25 -38.14
N GLU D 235 50.35 15.47 -38.29
CA GLU D 235 51.53 15.83 -37.53
C GLU D 235 51.27 15.91 -36.03
N LYS D 236 50.01 15.99 -35.60
CA LYS D 236 49.68 16.03 -34.18
C LYS D 236 49.48 14.66 -33.55
N THR D 237 49.78 13.57 -34.27
CA THR D 237 49.67 12.23 -33.71
C THR D 237 51.04 11.56 -33.62
N ARG D 238 51.09 10.49 -32.82
CA ARG D 238 52.30 9.68 -32.63
C ARG D 238 51.83 8.27 -32.23
N PHE D 239 51.60 7.42 -33.23
CA PHE D 239 51.02 6.09 -33.06
C PHE D 239 52.05 5.00 -33.33
N GLY D 240 52.02 3.94 -32.52
CA GLY D 240 52.90 2.80 -32.69
C GLY D 240 53.89 2.67 -31.55
N GLU D 241 54.97 1.93 -31.82
CA GLU D 241 56.04 1.81 -30.82
C GLU D 241 56.56 3.17 -30.40
N LYS D 242 56.56 4.15 -31.31
CA LYS D 242 57.06 5.49 -31.02
C LYS D 242 56.19 6.24 -30.01
N GLY D 243 54.94 5.83 -29.83
CA GLY D 243 54.02 6.57 -28.97
C GLY D 243 53.51 5.77 -27.79
N LYS D 244 54.21 4.70 -27.43
CA LYS D 244 53.86 3.96 -26.23
C LYS D 244 54.33 4.76 -25.02
N VAL D 245 53.43 4.98 -24.08
CA VAL D 245 53.77 5.70 -22.85
C VAL D 245 54.27 4.68 -21.84
N THR D 246 55.36 5.02 -21.15
CA THR D 246 55.97 4.15 -20.15
C THR D 246 56.04 4.77 -18.77
N LYS D 247 56.17 6.09 -18.66
CA LYS D 247 56.18 6.81 -17.40
C LYS D 247 55.27 8.02 -17.49
N VAL D 248 54.55 8.31 -16.42
CA VAL D 248 53.74 9.53 -16.27
C VAL D 248 54.15 10.16 -14.95
N ASN D 249 54.84 11.30 -15.01
CA ASN D 249 55.30 11.99 -13.80
C ASN D 249 54.29 13.09 -13.47
N ALA D 250 53.33 12.74 -12.61
CA ALA D 250 52.23 13.65 -12.33
C ALA D 250 52.69 14.94 -11.68
N ASN D 251 53.82 14.92 -10.98
CA ASN D 251 54.22 16.13 -10.25
C ASN D 251 54.95 17.13 -11.15
N ASN D 252 55.66 16.65 -12.17
CA ASN D 252 56.28 17.53 -13.16
C ASN D 252 55.49 17.61 -14.46
N LYS D 253 54.27 17.06 -14.48
CA LYS D 253 53.36 17.09 -15.64
C LYS D 253 54.10 16.74 -16.94
N THR D 254 54.73 15.58 -16.94
CA THR D 254 55.45 15.13 -18.11
C THR D 254 55.35 13.61 -18.22
N VAL D 255 55.16 13.11 -19.44
CA VAL D 255 55.11 11.69 -19.73
C VAL D 255 56.29 11.36 -20.64
N THR D 256 56.91 10.19 -20.41
CA THR D 256 58.04 9.71 -21.19
C THR D 256 57.63 8.46 -21.97
N LEU D 257 58.12 8.36 -23.20
CA LEU D 257 57.67 7.32 -24.12
C LEU D 257 58.67 6.15 -24.14
N GLN D 258 58.34 5.11 -24.92
CA GLN D 258 59.21 3.94 -25.06
C GLN D 258 60.59 4.35 -25.54
N ASP D 259 60.65 5.19 -26.57
CA ASP D 259 61.91 5.68 -27.14
C ASP D 259 62.54 6.79 -26.31
N GLY D 260 62.01 7.07 -25.11
CA GLY D 260 62.60 8.03 -24.22
C GLY D 260 62.15 9.46 -24.44
N THR D 261 61.28 9.71 -25.43
CA THR D 261 60.78 11.06 -25.67
C THR D 261 59.89 11.50 -24.52
N THR D 262 60.11 12.73 -24.05
CA THR D 262 59.29 13.28 -22.98
C THR D 262 58.31 14.28 -23.59
N ILE D 263 57.05 14.18 -23.18
CA ILE D 263 55.99 15.10 -23.59
C ILE D 263 55.57 15.90 -22.35
N GLY D 264 55.67 17.22 -22.43
CA GLY D 264 55.17 18.07 -21.37
C GLY D 264 53.76 18.54 -21.69
N TYR D 265 52.92 18.63 -20.66
CA TYR D 265 51.52 18.99 -20.83
C TYR D 265 51.11 19.96 -19.75
N LYS D 266 50.03 20.69 -20.00
CA LYS D 266 49.38 21.45 -18.94
C LYS D 266 48.13 20.77 -18.38
N LYS D 267 47.39 20.03 -19.21
CA LYS D 267 46.28 19.21 -18.76
C LYS D 267 46.35 17.87 -19.50
N LEU D 268 46.02 16.77 -18.82
CA LEU D 268 46.20 15.41 -19.36
C LEU D 268 44.91 14.60 -19.39
N VAL D 269 44.58 14.08 -20.57
CA VAL D 269 43.44 13.19 -20.76
C VAL D 269 44.00 11.79 -21.00
N SER D 270 43.87 10.92 -19.99
CA SER D 270 44.39 9.55 -20.05
C SER D 270 43.27 8.58 -20.35
N THR D 271 43.36 7.91 -21.50
CA THR D 271 42.35 6.95 -21.94
C THR D 271 42.71 5.50 -21.61
N MET D 272 43.93 5.25 -21.19
CA MET D 272 44.37 3.92 -20.81
C MET D 272 43.68 3.47 -19.53
N ALA D 273 43.71 2.15 -19.29
CA ALA D 273 43.11 1.58 -18.10
C ALA D 273 43.71 2.22 -16.84
N VAL D 274 42.83 2.61 -15.90
CA VAL D 274 43.30 3.43 -14.79
C VAL D 274 44.24 2.64 -13.88
N ASP D 275 44.15 1.30 -13.86
CA ASP D 275 45.11 0.54 -13.07
C ASP D 275 46.51 0.62 -13.66
N PHE D 276 46.62 0.60 -14.99
CA PHE D 276 47.93 0.86 -15.61
C PHE D 276 48.36 2.29 -15.40
N LEU D 277 47.42 3.25 -15.40
CA LEU D 277 47.78 4.63 -15.13
C LEU D 277 48.44 4.76 -13.77
N ALA D 278 47.88 4.12 -12.74
CA ALA D 278 48.47 4.16 -11.41
C ALA D 278 49.88 3.55 -11.41
N GLU D 279 50.08 2.47 -12.16
CA GLU D 279 51.41 1.87 -12.22
C GLU D 279 52.41 2.80 -12.91
N ALA D 280 52.01 3.42 -14.02
CA ALA D 280 52.89 4.34 -14.75
C ALA D 280 53.09 5.67 -14.02
N MET D 281 52.28 5.98 -13.02
CA MET D 281 52.51 7.15 -12.19
C MET D 281 53.44 6.84 -11.02
N ASN D 282 53.83 5.58 -10.87
CA ASN D 282 54.61 5.10 -9.72
C ASN D 282 54.08 5.64 -8.40
N ASP D 283 52.76 5.51 -8.22
CA ASP D 283 52.02 6.01 -7.06
C ASP D 283 51.46 4.81 -6.29
N GLN D 284 52.09 4.45 -5.17
CA GLN D 284 51.69 3.22 -4.49
C GLN D 284 50.31 3.33 -3.84
N GLU D 285 49.88 4.53 -3.44
CA GLU D 285 48.53 4.70 -2.89
C GLU D 285 47.46 4.39 -3.92
N LEU D 286 47.62 4.93 -5.14
CA LEU D 286 46.67 4.70 -6.22
C LEU D 286 46.69 3.25 -6.69
N VAL D 287 47.88 2.65 -6.76
CA VAL D 287 47.97 1.24 -7.11
C VAL D 287 47.14 0.39 -6.16
N GLY D 288 47.27 0.65 -4.85
CA GLY D 288 46.44 -0.09 -3.91
C GLY D 288 44.96 0.09 -4.16
N LEU D 289 44.55 1.33 -4.47
CA LEU D 289 43.14 1.61 -4.72
C LEU D 289 42.66 0.98 -6.02
N THR D 290 43.41 1.14 -7.11
CA THR D 290 42.99 0.55 -8.37
C THR D 290 42.94 -0.98 -8.28
N LYS D 291 43.86 -1.60 -7.53
CA LYS D 291 43.80 -3.05 -7.36
C LYS D 291 42.52 -3.49 -6.62
N GLN D 292 41.79 -2.56 -5.99
CA GLN D 292 40.50 -2.89 -5.39
C GLN D 292 39.38 -3.01 -6.41
N LEU D 293 39.59 -2.48 -7.62
CA LEU D 293 38.60 -2.63 -8.70
C LEU D 293 38.63 -4.04 -9.27
N PHE D 294 37.45 -4.53 -9.65
CA PHE D 294 37.28 -5.86 -10.21
C PHE D 294 36.99 -5.76 -11.70
N TYR D 295 37.51 -6.70 -12.47
CA TYR D 295 37.22 -6.70 -13.90
C TYR D 295 37.23 -8.13 -14.40
N SER D 296 36.63 -8.34 -15.58
CA SER D 296 36.64 -9.64 -16.23
C SER D 296 37.35 -9.56 -17.57
N SER D 297 37.99 -10.66 -17.95
CA SER D 297 38.66 -10.81 -19.24
C SER D 297 37.70 -11.42 -20.24
N THR D 298 37.93 -11.15 -21.53
CA THR D 298 36.99 -11.54 -22.56
C THR D 298 37.68 -12.33 -23.65
N HIS D 299 37.14 -13.50 -23.96
CA HIS D 299 37.58 -14.30 -25.09
C HIS D 299 36.64 -14.05 -26.27
N VAL D 300 37.18 -13.58 -27.37
CA VAL D 300 36.43 -13.46 -28.62
C VAL D 300 36.77 -14.65 -29.48
N ILE D 301 35.77 -15.40 -29.91
CA ILE D 301 35.97 -16.56 -30.79
C ILE D 301 35.17 -16.31 -32.07
N GLY D 302 35.83 -16.47 -33.21
CA GLY D 302 35.19 -16.34 -34.50
C GLY D 302 35.20 -17.69 -35.20
N VAL D 303 34.13 -17.99 -35.93
CA VAL D 303 34.02 -19.25 -36.67
C VAL D 303 33.51 -18.94 -38.07
N GLY D 304 34.27 -19.33 -39.09
CA GLY D 304 33.86 -19.18 -40.47
C GLY D 304 33.32 -20.50 -41.00
N VAL D 305 32.12 -20.44 -41.56
CA VAL D 305 31.41 -21.62 -42.01
C VAL D 305 31.18 -21.50 -43.51
N ARG D 306 31.18 -22.64 -44.19
CA ARG D 306 30.82 -22.70 -45.60
C ARG D 306 29.33 -22.89 -45.77
N GLY D 307 28.80 -22.28 -46.81
CA GLY D 307 27.42 -22.42 -47.20
C GLY D 307 26.74 -21.08 -47.34
N SER D 308 25.50 -21.14 -47.79
CA SER D 308 24.67 -19.97 -47.67
C SER D 308 24.16 -19.98 -46.24
N ARG D 309 23.83 -18.81 -45.71
CA ARG D 309 23.49 -18.86 -44.30
C ARG D 309 22.23 -19.68 -44.12
N PRO D 310 22.15 -20.47 -43.07
CA PRO D 310 20.95 -21.28 -42.85
C PRO D 310 19.74 -20.46 -42.44
N GLU D 311 18.55 -20.96 -42.80
CA GLU D 311 17.32 -20.28 -42.45
C GLU D 311 17.13 -20.25 -40.93
N ARG D 312 17.62 -21.29 -40.23
CA ARG D 312 17.47 -21.30 -38.78
C ARG D 312 18.15 -20.08 -38.16
N ILE D 313 19.28 -19.65 -38.74
CA ILE D 313 19.89 -18.38 -38.34
C ILE D 313 19.05 -17.21 -38.84
N GLY D 314 18.69 -17.21 -40.12
CA GLY D 314 17.85 -16.13 -40.61
C GLY D 314 18.55 -14.79 -40.57
N ASP D 315 17.76 -13.72 -40.34
CA ASP D 315 18.29 -12.36 -40.28
C ASP D 315 18.67 -11.94 -38.86
N LYS D 316 19.12 -12.88 -38.05
CA LYS D 316 19.34 -12.63 -36.64
C LYS D 316 20.61 -11.78 -36.48
N CYS D 317 20.84 -11.24 -35.27
CA CYS D 317 21.97 -10.34 -35.11
C CYS D 317 22.83 -10.69 -33.89
N TRP D 318 22.42 -10.30 -32.68
CA TRP D 318 23.05 -10.88 -31.49
C TRP D 318 22.09 -11.85 -30.81
N LEU D 319 22.66 -12.87 -30.17
CA LEU D 319 21.90 -13.90 -29.51
C LEU D 319 22.43 -14.08 -28.09
N TYR D 320 21.55 -14.28 -27.12
CA TYR D 320 21.95 -14.38 -25.72
C TYR D 320 21.75 -15.80 -25.24
N PHE D 321 22.71 -16.32 -24.47
CA PHE D 321 22.71 -17.71 -24.07
C PHE D 321 22.84 -17.88 -22.56
N PRO D 322 21.72 -17.84 -21.84
CA PRO D 322 21.75 -18.07 -20.38
C PRO D 322 21.97 -19.53 -19.94
N GLU D 323 21.85 -20.54 -20.81
CA GLU D 323 21.88 -21.93 -20.35
C GLU D 323 23.32 -22.47 -20.28
N ASP D 324 23.48 -23.59 -19.56
CA ASP D 324 24.76 -24.24 -19.26
C ASP D 324 25.36 -25.03 -20.43
N ASN D 325 24.69 -25.12 -21.59
CA ASN D 325 25.12 -26.05 -22.63
C ASN D 325 26.07 -25.43 -23.65
N CYS D 326 26.63 -24.25 -23.35
CA CYS D 326 27.63 -23.63 -24.21
C CYS D 326 28.41 -22.62 -23.37
N PRO D 327 29.72 -22.47 -23.59
CA PRO D 327 30.51 -21.58 -22.72
C PRO D 327 30.26 -20.09 -22.96
N PHE D 328 29.80 -19.69 -24.14
CA PHE D 328 29.68 -18.29 -24.51
C PHE D 328 28.37 -17.69 -23.99
N TYR D 329 28.38 -16.37 -23.73
CA TYR D 329 27.14 -15.70 -23.31
C TYR D 329 26.42 -15.03 -24.47
N ARG D 330 27.14 -14.58 -25.49
CA ARG D 330 26.51 -13.94 -26.63
C ARG D 330 27.15 -14.43 -27.91
N ALA D 331 26.34 -14.48 -28.97
CA ALA D 331 26.83 -14.86 -30.28
C ALA D 331 26.31 -13.84 -31.28
N THR D 332 27.06 -13.67 -32.35
CA THR D 332 26.68 -12.70 -33.37
C THR D 332 26.83 -13.33 -34.73
N ILE D 333 25.83 -13.14 -35.59
CA ILE D 333 25.94 -13.61 -36.98
C ILE D 333 26.64 -12.50 -37.73
N PHE D 334 27.95 -12.43 -37.55
CA PHE D 334 28.71 -11.30 -38.07
C PHE D 334 28.53 -11.14 -39.57
N SER D 335 28.26 -12.25 -40.28
CA SER D 335 28.14 -12.19 -41.73
C SER D 335 26.86 -11.50 -42.19
N ASN D 336 25.87 -11.35 -41.32
CA ASN D 336 24.67 -10.60 -41.67
C ASN D 336 24.86 -9.09 -41.64
N TYR D 337 25.89 -8.59 -40.95
CA TYR D 337 26.08 -7.15 -40.88
C TYR D 337 26.56 -6.60 -42.22
N SER D 338 27.42 -7.34 -42.93
CA SER D 338 27.98 -6.79 -44.18
C SER D 338 28.58 -7.90 -45.03
N PRO D 339 28.36 -7.88 -46.34
CA PRO D 339 29.00 -8.87 -47.20
C PRO D 339 30.51 -8.81 -47.17
N TYR D 340 31.09 -7.69 -46.74
CA TYR D 340 32.52 -7.51 -46.77
C TYR D 340 33.18 -7.88 -45.45
N ASN D 341 32.44 -8.56 -44.56
CA ASN D 341 32.97 -9.10 -43.32
C ASN D 341 33.55 -10.49 -43.49
N GLN D 342 33.55 -11.03 -44.72
CA GLN D 342 33.99 -12.39 -45.03
C GLN D 342 34.16 -12.51 -46.56
N PRO D 343 34.88 -13.52 -47.04
CA PRO D 343 35.19 -13.57 -48.48
C PRO D 343 33.95 -13.77 -49.34
N GLU D 344 34.05 -13.30 -50.59
CA GLU D 344 33.08 -13.60 -51.64
C GLU D 344 32.94 -15.10 -51.87
N ALA D 345 31.80 -15.49 -52.47
CA ALA D 345 31.58 -16.91 -52.77
C ALA D 345 32.65 -17.45 -53.70
N SER D 346 33.22 -16.61 -54.57
CA SER D 346 34.22 -17.10 -55.51
C SER D 346 35.56 -17.43 -54.85
N ALA D 347 35.78 -17.04 -53.60
CA ALA D 347 37.04 -17.36 -52.94
C ALA D 347 37.06 -18.84 -52.58
N ALA D 348 38.20 -19.49 -52.81
CA ALA D 348 38.36 -20.91 -52.56
C ALA D 348 39.09 -21.14 -51.25
N LEU D 349 38.51 -21.97 -50.36
CA LEU D 349 39.11 -22.26 -49.06
C LEU D 349 38.90 -23.72 -48.67
N PRO D 350 39.91 -24.35 -48.09
CA PRO D 350 39.72 -25.71 -47.58
C PRO D 350 38.95 -25.74 -46.27
N THR D 351 38.18 -26.80 -46.09
CA THR D 351 37.52 -27.09 -44.83
C THR D 351 38.55 -27.53 -43.79
N MET D 352 38.58 -26.84 -42.65
CA MET D 352 39.55 -27.19 -41.61
C MET D 352 39.04 -28.34 -40.75
N GLN D 353 37.74 -28.35 -40.46
CA GLN D 353 37.10 -29.33 -39.59
C GLN D 353 35.59 -29.19 -39.76
N LEU D 354 34.86 -30.21 -39.34
CA LEU D 354 33.42 -30.15 -39.23
C LEU D 354 33.02 -29.74 -37.82
N ALA D 355 31.77 -29.31 -37.67
CA ALA D 355 31.36 -28.76 -36.38
C ALA D 355 31.38 -29.82 -35.29
N ASP D 356 31.21 -31.09 -35.64
CA ASP D 356 31.25 -32.14 -34.63
C ASP D 356 32.68 -32.52 -34.23
N GLY D 357 33.69 -31.95 -34.88
CA GLY D 357 35.08 -32.20 -34.55
C GLY D 357 35.84 -33.06 -35.52
N SER D 358 35.14 -33.76 -36.41
CA SER D 358 35.77 -34.74 -37.30
C SER D 358 36.45 -34.05 -38.48
N ARG D 359 37.39 -34.78 -39.09
CA ARG D 359 38.12 -34.28 -40.24
C ARG D 359 37.24 -34.29 -41.50
N PRO D 360 37.47 -33.35 -42.41
CA PRO D 360 36.65 -33.28 -43.62
C PRO D 360 37.01 -34.40 -44.57
N GLN D 361 36.18 -34.57 -45.61
CA GLN D 361 36.47 -35.60 -46.59
C GLN D 361 37.76 -35.28 -47.35
N SER D 362 37.79 -34.13 -48.04
CA SER D 362 39.00 -33.69 -48.74
C SER D 362 39.54 -32.41 -48.11
N THR D 363 40.86 -32.26 -48.18
CA THR D 363 41.49 -30.95 -47.95
C THR D 363 41.49 -30.05 -49.19
N GLU D 364 40.74 -30.41 -50.24
CA GLU D 364 40.61 -29.56 -51.42
C GLU D 364 39.90 -28.24 -51.08
N ALA D 365 40.35 -27.17 -51.73
CA ALA D 365 39.74 -25.87 -51.53
C ALA D 365 38.52 -25.72 -52.44
N LYS D 366 37.34 -25.62 -51.85
CA LYS D 366 36.12 -25.40 -52.59
C LYS D 366 35.72 -23.94 -52.45
N GLU D 367 34.81 -23.50 -53.32
CA GLU D 367 34.38 -22.12 -53.24
C GLU D 367 33.38 -21.95 -52.10
N GLY D 368 32.85 -20.73 -51.98
CA GLY D 368 31.85 -20.45 -50.99
C GLY D 368 30.44 -20.67 -51.48
N PRO D 369 29.51 -19.81 -51.07
CA PRO D 369 29.63 -18.65 -50.17
C PRO D 369 29.98 -18.99 -48.72
N TYR D 370 30.18 -17.97 -47.88
CA TYR D 370 30.55 -18.19 -46.49
C TYR D 370 29.66 -17.36 -45.59
N TRP D 371 29.58 -17.80 -44.33
CA TRP D 371 29.01 -16.98 -43.26
C TRP D 371 29.91 -17.10 -42.03
N SER D 372 29.58 -16.32 -41.02
CA SER D 372 30.54 -16.04 -39.96
C SER D 372 29.79 -15.86 -38.66
N ILE D 373 30.28 -16.53 -37.62
CA ILE D 373 29.73 -16.45 -36.26
C ILE D 373 30.81 -15.90 -35.35
N MET D 374 30.42 -15.01 -34.45
CA MET D 374 31.30 -14.46 -33.43
C MET D 374 30.72 -14.73 -32.05
N LEU D 375 31.58 -15.21 -31.15
CA LEU D 375 31.20 -15.61 -29.81
C LEU D 375 31.97 -14.78 -28.80
N GLU D 376 31.43 -14.70 -27.58
CA GLU D 376 32.09 -14.03 -26.47
C GLU D 376 32.00 -14.91 -25.22
N VAL D 377 33.14 -15.16 -24.58
CA VAL D 377 33.22 -15.92 -23.33
C VAL D 377 33.94 -15.06 -22.28
N SER D 378 33.40 -15.04 -21.06
CA SER D 378 34.01 -14.26 -19.99
C SER D 378 34.82 -15.14 -19.07
N GLU D 379 35.83 -14.53 -18.45
CA GLU D 379 36.78 -15.18 -17.54
C GLU D 379 37.03 -14.26 -16.36
N SER D 380 37.04 -14.84 -15.16
CA SER D 380 37.49 -14.12 -13.97
C SER D 380 37.97 -15.14 -12.94
N SER D 381 38.51 -14.64 -11.82
CA SER D 381 38.93 -15.54 -10.75
C SER D 381 37.77 -16.35 -10.20
N MET D 382 36.54 -15.82 -10.28
CA MET D 382 35.35 -16.51 -9.82
C MET D 382 34.74 -17.43 -10.89
N LYS D 383 35.29 -17.45 -12.13
CA LYS D 383 34.87 -18.29 -13.25
C LYS D 383 36.04 -18.43 -14.23
N PRO D 384 36.96 -19.37 -14.02
CA PRO D 384 38.13 -19.47 -14.91
C PRO D 384 37.77 -20.09 -16.26
N VAL D 385 38.71 -19.98 -17.20
CA VAL D 385 38.53 -20.35 -18.60
C VAL D 385 39.80 -21.01 -19.13
N ASN D 386 39.67 -22.24 -19.61
CA ASN D 386 40.76 -23.04 -20.15
C ASN D 386 41.12 -22.53 -21.53
N GLN D 387 42.25 -21.82 -21.63
CA GLN D 387 42.66 -21.24 -22.91
C GLN D 387 42.92 -22.31 -23.96
N GLU D 388 43.26 -23.53 -23.54
CA GLU D 388 43.65 -24.56 -24.49
C GLU D 388 42.46 -25.27 -25.13
N THR D 389 41.27 -25.21 -24.51
CA THR D 389 40.12 -25.89 -25.05
C THR D 389 38.94 -24.98 -25.40
N ILE D 390 38.99 -23.69 -25.08
CA ILE D 390 37.79 -22.86 -25.20
C ILE D 390 37.31 -22.84 -26.65
N LEU D 391 38.22 -22.85 -27.62
CA LEU D 391 37.79 -22.82 -29.02
C LEU D 391 36.95 -24.05 -29.34
N ALA D 392 37.43 -25.24 -28.96
CA ALA D 392 36.66 -26.46 -29.20
C ALA D 392 35.36 -26.47 -28.42
N ASP D 393 35.41 -26.03 -27.15
CA ASP D 393 34.19 -25.98 -26.33
C ASP D 393 33.15 -25.05 -26.94
N CYS D 394 33.61 -23.97 -27.58
CA CYS D 394 32.69 -23.06 -28.26
C CYS D 394 32.06 -23.74 -29.48
N ILE D 395 32.88 -24.41 -30.29
CA ILE D 395 32.35 -25.08 -31.48
C ILE D 395 31.31 -26.12 -31.07
N GLN D 396 31.55 -26.84 -29.98
CA GLN D 396 30.52 -27.74 -29.49
C GLN D 396 29.28 -26.98 -29.05
N GLY D 397 29.47 -25.83 -28.40
CA GLY D 397 28.33 -25.02 -28.00
C GLY D 397 27.48 -24.63 -29.19
N LEU D 398 28.10 -24.35 -30.33
CA LEU D 398 27.33 -24.03 -31.52
C LEU D 398 26.48 -25.22 -31.99
N VAL D 399 26.98 -26.45 -31.81
CA VAL D 399 26.19 -27.62 -32.14
C VAL D 399 25.09 -27.82 -31.10
N ASN D 400 25.40 -27.61 -29.82
CA ASN D 400 24.39 -27.83 -28.80
C ASN D 400 23.24 -26.82 -28.92
N THR D 401 23.54 -25.59 -29.28
CA THR D 401 22.51 -24.57 -29.45
C THR D 401 21.92 -24.58 -30.84
N GLU D 402 22.24 -25.58 -31.66
CA GLU D 402 21.65 -25.72 -32.98
C GLU D 402 21.95 -24.52 -33.86
N MET D 403 23.09 -23.89 -33.65
CA MET D 403 23.53 -22.90 -34.60
C MET D 403 24.31 -23.52 -35.74
N LEU D 404 25.05 -24.58 -35.46
CA LEU D 404 25.69 -25.37 -36.49
C LEU D 404 25.16 -26.79 -36.42
N LYS D 405 24.89 -27.36 -37.60
CA LYS D 405 24.69 -28.78 -37.71
C LYS D 405 26.04 -29.48 -37.55
N PRO D 406 26.07 -30.72 -37.00
CA PRO D 406 27.35 -31.43 -36.86
C PRO D 406 28.09 -31.55 -38.18
N THR D 407 27.39 -31.43 -39.30
CA THR D 407 28.00 -31.60 -40.62
C THR D 407 28.40 -30.29 -41.28
N ASP D 408 28.20 -29.15 -40.63
CA ASP D 408 28.64 -27.88 -41.20
C ASP D 408 30.16 -27.83 -41.30
N GLU D 409 30.65 -27.24 -42.38
CA GLU D 409 32.08 -27.20 -42.67
C GLU D 409 32.68 -25.87 -42.22
N ILE D 410 33.66 -25.94 -41.33
CA ILE D 410 34.33 -24.75 -40.81
C ILE D 410 35.57 -24.46 -41.64
N VAL D 411 35.69 -23.21 -42.09
CA VAL D 411 36.81 -22.79 -42.93
C VAL D 411 37.70 -21.77 -42.26
N SER D 412 37.37 -21.28 -41.06
CA SER D 412 38.22 -20.33 -40.37
C SER D 412 37.87 -20.34 -38.89
N THR D 413 38.89 -20.30 -38.03
CA THR D 413 38.67 -20.15 -36.60
C THR D 413 39.54 -19.00 -36.12
N TYR D 414 39.01 -18.28 -35.13
CA TYR D 414 39.65 -17.09 -34.58
C TYR D 414 39.49 -17.10 -33.07
N HIS D 415 40.57 -16.77 -32.36
CA HIS D 415 40.50 -16.69 -30.91
C HIS D 415 41.52 -15.70 -30.38
N ARG D 416 41.04 -14.59 -29.83
CA ARG D 416 41.89 -13.63 -29.14
C ARG D 416 41.32 -13.37 -27.75
N ARG D 417 42.20 -13.24 -26.78
CA ARG D 417 41.80 -12.98 -25.40
C ARG D 417 42.24 -11.60 -24.97
N PHE D 418 41.31 -10.83 -24.41
CA PHE D 418 41.56 -9.45 -23.98
C PHE D 418 41.58 -9.41 -22.47
N ASP D 419 42.74 -9.04 -21.91
CA ASP D 419 42.87 -9.08 -20.46
C ASP D 419 41.81 -8.20 -19.80
N HIS D 420 41.72 -6.93 -20.20
CA HIS D 420 40.72 -5.98 -19.68
C HIS D 420 39.52 -5.99 -20.61
N GLY D 421 38.49 -6.76 -20.24
CA GLY D 421 37.30 -6.85 -21.07
C GLY D 421 36.14 -5.99 -20.59
N TYR D 422 35.60 -6.32 -19.41
CA TYR D 422 34.49 -5.59 -18.84
C TYR D 422 34.86 -5.04 -17.47
N PRO D 423 34.66 -3.75 -17.23
CA PRO D 423 34.78 -3.21 -15.86
C PRO D 423 33.50 -3.51 -15.09
N THR D 424 33.62 -4.31 -14.05
CA THR D 424 32.44 -4.87 -13.41
C THR D 424 31.75 -3.86 -12.50
N PRO D 425 30.47 -3.58 -12.68
CA PRO D 425 29.75 -2.73 -11.73
C PRO D 425 29.45 -3.44 -10.41
N THR D 426 30.49 -3.72 -9.64
CA THR D 426 30.30 -4.34 -8.33
C THR D 426 29.67 -3.36 -7.35
N LEU D 427 29.12 -3.91 -6.26
CA LEU D 427 28.63 -3.08 -5.18
C LEU D 427 29.68 -2.08 -4.70
N GLU D 428 30.96 -2.49 -4.69
CA GLU D 428 32.05 -1.67 -4.16
C GLU D 428 32.61 -0.65 -5.16
N ARG D 429 32.18 -0.64 -6.41
CA ARG D 429 32.90 0.14 -7.42
C ARG D 429 32.93 1.63 -7.09
N GLU D 430 31.77 2.22 -6.77
CA GLU D 430 31.73 3.66 -6.57
C GLU D 430 32.46 4.09 -5.33
N GLY D 431 32.41 3.29 -4.26
CA GLY D 431 33.22 3.60 -3.09
C GLY D 431 34.69 3.73 -3.43
N THR D 432 35.20 2.82 -4.27
CA THR D 432 36.58 2.91 -4.72
C THR D 432 36.79 4.03 -5.72
N LEU D 433 35.85 4.19 -6.66
CA LEU D 433 36.11 5.11 -7.75
C LEU D 433 36.10 6.56 -7.26
N THR D 434 35.25 6.89 -6.26
CA THR D 434 35.23 8.24 -5.67
C THR D 434 36.43 8.53 -4.78
N GLN D 435 37.34 7.57 -4.60
CA GLN D 435 38.67 7.84 -4.09
C GLN D 435 39.70 8.02 -5.20
N ILE D 436 39.54 7.34 -6.34
CA ILE D 436 40.57 7.38 -7.37
C ILE D 436 40.43 8.62 -8.25
N LEU D 437 39.21 8.91 -8.74
CA LEU D 437 39.04 10.00 -9.71
C LEU D 437 39.30 11.40 -9.12
N PRO D 438 38.84 11.72 -7.91
CA PRO D 438 39.24 13.01 -7.34
C PRO D 438 40.74 13.16 -7.18
N LYS D 439 41.44 12.12 -6.73
CA LYS D 439 42.89 12.24 -6.59
C LYS D 439 43.56 12.51 -7.92
N LEU D 440 43.19 11.76 -8.97
CA LEU D 440 43.81 12.00 -10.27
C LEU D 440 43.37 13.34 -10.84
N GLN D 441 42.18 13.82 -10.46
CA GLN D 441 41.71 15.14 -10.87
C GLN D 441 42.54 16.26 -10.27
N ASP D 442 42.94 16.13 -9.00
CA ASP D 442 43.74 17.17 -8.36
C ASP D 442 45.13 17.30 -8.98
N LYS D 443 45.65 16.20 -9.53
CA LYS D 443 46.93 16.24 -10.24
C LYS D 443 46.74 16.58 -11.72
N ASP D 444 45.58 17.12 -12.11
CA ASP D 444 45.28 17.56 -13.48
C ASP D 444 45.28 16.41 -14.50
N ILE D 445 44.74 15.25 -14.13
CA ILE D 445 44.62 14.13 -15.06
C ILE D 445 43.14 13.82 -15.19
N TRP D 446 42.61 13.90 -16.41
CA TRP D 446 41.25 13.47 -16.71
C TRP D 446 41.35 12.02 -17.14
N SER D 447 41.16 11.11 -16.19
CA SER D 447 41.19 9.68 -16.52
C SER D 447 39.79 9.28 -16.97
N ARG D 448 39.61 9.10 -18.28
CA ARG D 448 38.29 8.87 -18.84
C ARG D 448 38.28 7.66 -19.77
N GLY D 449 37.18 6.92 -19.75
CA GLY D 449 37.03 5.82 -20.68
C GLY D 449 36.49 4.54 -20.10
N ARG D 450 36.39 3.52 -20.95
CA ARG D 450 35.89 2.22 -20.52
C ARG D 450 36.69 1.68 -19.36
N PHE D 451 38.01 1.87 -19.37
CA PHE D 451 38.84 1.56 -18.22
C PHE D 451 39.60 2.75 -17.67
N GLY D 452 39.64 3.88 -18.39
CA GLY D 452 40.12 5.11 -17.79
C GLY D 452 39.26 5.59 -16.63
N SER D 453 37.93 5.39 -16.71
CA SER D 453 37.04 5.77 -15.62
C SER D 453 36.12 4.64 -15.16
N TRP D 454 36.18 3.46 -15.80
CA TRP D 454 35.73 2.20 -15.23
C TRP D 454 34.23 2.11 -15.02
N ARG D 455 33.44 2.92 -15.70
CA ARG D 455 32.00 2.87 -15.48
C ARG D 455 31.39 2.24 -16.73
N TYR D 456 31.02 0.97 -16.59
CA TYR D 456 30.56 0.19 -17.73
C TYR D 456 29.40 0.86 -18.45
N GLU D 457 28.43 1.37 -17.70
CA GLU D 457 27.22 1.89 -18.32
C GLU D 457 27.48 3.09 -19.24
N VAL D 458 28.66 3.71 -19.18
CA VAL D 458 29.03 4.71 -20.16
C VAL D 458 30.29 4.23 -20.87
N GLY D 459 30.39 2.92 -21.11
CA GLY D 459 31.60 2.33 -21.66
C GLY D 459 31.54 1.83 -23.08
N ASN D 460 30.39 1.93 -23.73
CA ASN D 460 30.34 1.58 -25.14
C ASN D 460 30.77 2.78 -26.00
N GLN D 461 30.70 2.64 -27.33
CA GLN D 461 31.48 3.51 -28.21
C GLN D 461 30.96 4.94 -28.21
N ASP D 462 29.65 5.14 -28.24
CA ASP D 462 29.15 6.50 -28.29
C ASP D 462 29.40 7.21 -26.97
N HIS D 463 29.13 6.55 -25.84
CA HIS D 463 29.44 7.14 -24.55
C HIS D 463 30.93 7.43 -24.40
N SER D 464 31.78 6.46 -24.74
CA SER D 464 33.21 6.65 -24.55
C SER D 464 33.75 7.78 -25.41
N PHE D 465 33.33 7.83 -26.68
CA PHE D 465 33.74 8.93 -27.54
C PHE D 465 33.37 10.27 -26.91
N MET D 466 32.20 10.35 -26.30
CA MET D 466 31.77 11.60 -25.70
C MET D 466 32.45 11.88 -24.38
N LEU D 467 32.80 10.84 -23.61
CA LEU D 467 33.63 11.07 -22.43
C LEU D 467 34.83 11.90 -22.79
N GLY D 468 35.46 11.59 -23.93
CA GLY D 468 36.62 12.34 -24.34
C GLY D 468 36.27 13.73 -24.82
N VAL D 469 35.15 13.87 -25.52
CA VAL D 469 34.71 15.18 -25.98
C VAL D 469 34.38 16.08 -24.78
N GLU D 470 33.57 15.57 -23.84
CA GLU D 470 33.19 16.33 -22.66
C GLU D 470 34.38 16.63 -21.75
N ALA D 471 35.34 15.70 -21.67
CA ALA D 471 36.55 15.98 -20.91
C ALA D 471 37.31 17.17 -21.48
N VAL D 472 37.36 17.29 -22.81
CA VAL D 472 38.01 18.45 -23.40
C VAL D 472 37.17 19.71 -23.18
N ASP D 473 35.86 19.61 -23.42
CA ASP D 473 34.97 20.74 -23.24
C ASP D 473 35.03 21.25 -21.81
N ASN D 474 35.31 20.37 -20.86
CA ASN D 474 35.49 20.79 -19.48
C ASN D 474 36.82 21.52 -19.31
N ILE D 475 37.87 21.03 -19.97
CA ILE D 475 39.19 21.62 -19.86
C ILE D 475 39.22 23.03 -20.46
N VAL D 476 38.57 23.21 -21.60
CA VAL D 476 38.63 24.49 -22.30
C VAL D 476 37.44 25.39 -21.94
N ASN D 477 36.22 24.89 -22.08
CA ASN D 477 35.04 25.75 -22.02
C ASN D 477 34.25 25.58 -20.73
N GLY D 478 34.80 24.90 -19.72
CA GLY D 478 34.03 24.72 -18.50
C GLY D 478 32.70 24.01 -18.68
N ALA D 479 32.58 23.10 -19.66
CA ALA D 479 31.33 22.36 -19.83
C ALA D 479 31.24 21.28 -18.76
N VAL D 480 30.02 20.91 -18.41
CA VAL D 480 29.80 19.86 -17.41
C VAL D 480 30.08 18.50 -18.01
N GLU D 481 30.78 17.66 -17.24
CA GLU D 481 31.05 16.29 -17.69
C GLU D 481 29.81 15.46 -17.39
N LEU D 482 28.83 15.57 -18.28
CA LEU D 482 27.51 15.01 -18.04
C LEU D 482 27.50 13.49 -18.18
N THR D 483 28.16 12.98 -19.22
CA THR D 483 28.18 11.54 -19.47
C THR D 483 28.92 10.80 -18.37
N LEU D 484 30.03 11.37 -17.92
CA LEU D 484 30.81 10.73 -16.86
C LEU D 484 30.02 10.61 -15.57
N ASN D 485 29.26 11.64 -15.20
CA ASN D 485 28.66 11.75 -13.89
C ASN D 485 27.16 11.52 -13.85
N TYR D 486 26.47 11.67 -14.98
CA TYR D 486 25.01 11.60 -15.00
C TYR D 486 24.54 10.80 -16.21
N PRO D 487 24.87 9.51 -16.23
CA PRO D 487 24.51 8.69 -17.40
C PRO D 487 23.01 8.65 -17.68
N ASP D 488 22.16 8.54 -16.67
CA ASP D 488 20.73 8.47 -16.95
C ASP D 488 20.22 9.77 -17.55
N PHE D 489 20.87 10.89 -17.23
CA PHE D 489 20.47 12.15 -17.83
C PHE D 489 20.77 12.17 -19.32
N VAL D 490 22.01 11.85 -19.70
CA VAL D 490 22.34 11.88 -21.13
C VAL D 490 21.56 10.79 -21.88
N ASN D 491 21.38 9.63 -21.27
CA ASN D 491 20.68 8.56 -21.98
C ASN D 491 19.20 8.84 -22.16
N GLY D 492 18.63 9.68 -21.32
CA GLY D 492 17.20 9.89 -21.36
C GLY D 492 16.75 11.08 -22.19
N ARG D 493 17.66 11.69 -22.97
CA ARG D 493 17.36 12.88 -23.73
C ARG D 493 18.03 12.76 -25.09
N GLN D 494 17.63 13.65 -26.01
CA GLN D 494 18.35 13.80 -27.27
C GLN D 494 19.34 14.94 -27.12
N ASN D 495 20.62 14.62 -27.34
CA ASN D 495 21.71 15.55 -27.13
C ASN D 495 22.05 16.19 -28.47
N THR D 496 21.35 17.26 -28.79
CA THR D 496 21.44 17.93 -30.08
C THR D 496 22.25 19.22 -30.03
N GLU D 497 22.71 19.63 -28.85
CA GLU D 497 23.29 20.97 -28.70
C GLU D 497 24.73 21.02 -29.20
N ARG D 498 25.55 20.07 -28.79
CA ARG D 498 26.94 20.01 -29.24
C ARG D 498 26.99 19.42 -30.63
N ARG D 499 27.66 20.12 -31.55
CA ARG D 499 27.77 19.73 -32.94
C ARG D 499 29.22 19.90 -33.39
N LEU D 500 29.56 19.22 -34.50
CA LEU D 500 30.93 19.28 -35.02
C LEU D 500 31.26 20.66 -35.60
N VAL D 501 30.24 21.44 -35.93
CA VAL D 501 30.41 22.85 -36.28
C VAL D 501 29.54 23.63 -35.31
N ASP D 502 30.17 24.28 -34.33
CA ASP D 502 29.46 25.09 -33.35
C ASP D 502 29.42 26.54 -33.81
N GLY D 503 28.81 27.40 -32.99
CA GLY D 503 28.82 28.82 -33.30
C GLY D 503 30.22 29.39 -33.36
N ALA D 504 31.09 28.94 -32.46
CA ALA D 504 32.45 29.49 -32.40
C ALA D 504 33.15 29.40 -33.75
N GLN D 505 32.93 28.31 -34.50
CA GLN D 505 33.57 28.12 -35.79
C GLN D 505 32.89 28.89 -36.91
N VAL D 506 31.57 29.04 -36.87
CA VAL D 506 30.89 29.88 -37.87
C VAL D 506 31.29 31.34 -37.72
N PHE D 507 31.48 31.81 -36.49
CA PHE D 507 31.79 33.20 -36.19
C PHE D 507 33.24 33.57 -36.43
N ALA D 508 33.99 32.74 -37.17
CA ALA D 508 35.37 33.04 -37.49
C ALA D 508 35.65 33.06 -39.00
N LYS D 509 34.79 32.45 -39.81
CA LYS D 509 34.87 32.49 -41.28
C LYS D 509 34.03 33.64 -41.88
#